data_9HKL
#
_entry.id   9HKL
#
_cell.length_a   1.00
_cell.length_b   1.00
_cell.length_c   1.00
_cell.angle_alpha   90.00
_cell.angle_beta   90.00
_cell.angle_gamma   90.00
#
_symmetry.space_group_name_H-M   'P 1'
#
loop_
_entity.id
_entity.type
_entity.pdbx_description
1 polymer 'Glycine betaine transporter BetP'
2 non-polymer 'GAMMA-AMINO-BUTANOIC ACID'
3 non-polymer '(1S)-2-{[{[(2R)-2,3-DIHYDROXYPROPYL]OXY}(HYDROXY)PHOSPHORYL]OXY}-1-[(PALMITOYLOXY)METHYL]ETHYL STEARATE'
4 non-polymer CARDIOLIPIN
#
_entity_poly.entity_id   1
_entity_poly.type   'polypeptide(L)'
_entity_poly.pdbx_seq_one_letter_code
;WSHPQFEKMTTSDPNPKPIVEDAQPEQITATEELAGLLENPTNLEGKLADAEEEIILEGEDTQASLNWSVIVPALVIVLA
TVVWGIGFKDSFTNFASSALSAVVDNLGWAFILFGTVFVFFIVVIAASKFGTIRLGRIDEAPEFRTVSWISMMFAAGEGI
GLMFYGTTEPLTFYRNGVPGHDEHNVGVAMSTTMFHWTLHPWAIYAIVGLAIAYSTFRVGRKQLLSSAFVPLIGEKGAEG
WLGKLIDILAIIATVFGTACSLGLGALQIGAGLSAANIIEDPSDWTIVGIVSVLTLAFIFSAISGVGKGIQYLSNANMVL
AALLAIFVFVVGPTVSILNLLPGSIGNYLSNFFQMAGRTAMSADGTAGEWLGSWTIFYWAWWISWSPFVGMFLARISRGR
SIREFILGVLLVPAGVSTVWFSIFGGTAIVFEQNGESIWGDGAAEEQLFGLLHALPGGQIMGIIAMILLGTFFITSADSA
STVMGTMSQHGQLEANKWVTAAWGVATAAIGLTLLLSGGDNALSNLQNVTIVAATPFLFVVIGLMFALVKDLSNDVIYLE
YREQQRFNARLARERRVHNEHRKRELAAKRRRERKASGAGKRR
;
_entity_poly.pdbx_strand_id   A,B,C
#
loop_
_chem_comp.id
_chem_comp.type
_chem_comp.name
_chem_comp.formula
ABU non-polymer 'GAMMA-AMINO-BUTANOIC ACID' 'C4 H9 N O2'
CDL non-polymer CARDIOLIPIN 'C81 H156 O17 P2 -2'
PGT non-polymer '(1S)-2-{[{[(2R)-2,3-DIHYDROXYPROPYL]OXY}(HYDROXY)PHOSPHORYL]OXY}-1-[(PALMITOYLOXY)METHYL]ETHYL STEARATE' 'C40 H79 O10 P'
#
# COMPACT_ATOMS: atom_id res chain seq x y z
N GLN A 63 44.31 19.58 -14.16
CA GLN A 63 43.96 20.61 -13.18
C GLN A 63 42.88 21.53 -13.71
N ALA A 64 41.62 21.23 -13.41
CA ALA A 64 40.52 22.05 -13.86
C ALA A 64 40.59 23.43 -13.21
N SER A 65 40.32 24.46 -14.00
CA SER A 65 40.43 25.83 -13.51
C SER A 65 39.35 26.10 -12.46
N LEU A 66 39.63 27.09 -11.61
CA LEU A 66 38.68 27.46 -10.57
C LEU A 66 37.49 28.19 -11.17
N ASN A 67 36.29 27.83 -10.72
CA ASN A 67 35.05 28.42 -11.22
C ASN A 67 34.75 29.66 -10.40
N TRP A 68 35.50 30.72 -10.69
CA TRP A 68 35.37 31.96 -9.92
C TRP A 68 33.96 32.54 -10.04
N SER A 69 33.35 32.41 -11.22
CA SER A 69 32.00 32.91 -11.41
C SER A 69 30.98 32.20 -10.54
N VAL A 70 31.33 31.02 -10.00
CA VAL A 70 30.43 30.28 -9.12
C VAL A 70 30.92 30.43 -7.67
N ILE A 71 32.23 30.61 -7.49
CA ILE A 71 32.75 30.84 -6.15
C ILE A 71 32.22 32.16 -5.59
N VAL A 72 32.36 33.23 -6.36
CA VAL A 72 32.09 34.57 -5.81
C VAL A 72 30.63 34.75 -5.43
N PRO A 73 29.63 34.37 -6.26
CA PRO A 73 28.24 34.58 -5.83
C PRO A 73 27.86 33.84 -4.56
N ALA A 74 28.45 32.69 -4.28
CA ALA A 74 28.13 31.97 -3.05
C ALA A 74 28.97 32.47 -1.88
N LEU A 75 30.25 32.78 -2.12
CA LEU A 75 31.11 33.30 -1.06
C LEU A 75 30.60 34.64 -0.55
N VAL A 76 30.15 35.51 -1.45
CA VAL A 76 29.66 36.82 -1.02
C VAL A 76 28.40 36.66 -0.18
N ILE A 77 27.50 35.75 -0.56
CA ILE A 77 26.31 35.51 0.23
C ILE A 77 26.68 34.97 1.61
N VAL A 78 27.64 34.05 1.66
CA VAL A 78 28.07 33.48 2.94
C VAL A 78 28.65 34.55 3.84
N LEU A 79 29.51 35.41 3.29
CA LEU A 79 30.13 36.46 4.09
C LEU A 79 29.11 37.49 4.54
N ALA A 80 28.15 37.82 3.68
CA ALA A 80 27.09 38.74 4.07
C ALA A 80 26.27 38.16 5.21
N THR A 81 25.94 36.87 5.14
CA THR A 81 25.22 36.23 6.23
C THR A 81 26.03 36.29 7.52
N VAL A 82 27.33 36.02 7.44
CA VAL A 82 28.17 36.00 8.63
C VAL A 82 28.19 37.38 9.28
N VAL A 83 28.47 38.42 8.49
CA VAL A 83 28.58 39.75 9.07
C VAL A 83 27.23 40.21 9.61
N TRP A 84 26.15 39.93 8.87
CA TRP A 84 24.82 40.35 9.31
C TRP A 84 24.42 39.66 10.61
N GLY A 85 24.72 38.36 10.73
CA GLY A 85 24.36 37.64 11.92
C GLY A 85 25.26 37.91 13.11
N ILE A 86 26.48 38.37 12.87
CA ILE A 86 27.40 38.65 13.98
C ILE A 86 27.21 40.06 14.50
N GLY A 87 27.25 41.06 13.61
CA GLY A 87 27.17 42.44 14.07
C GLY A 87 25.76 42.94 14.34
N PHE A 88 24.75 42.25 13.82
CA PHE A 88 23.36 42.70 13.84
C PHE A 88 22.44 41.56 14.28
N LYS A 89 22.77 40.94 15.41
CA LYS A 89 22.05 39.75 15.86
C LYS A 89 20.54 39.95 15.88
N ASP A 90 20.09 41.10 16.39
CA ASP A 90 18.65 41.34 16.51
C ASP A 90 18.00 41.44 15.15
N SER A 91 18.59 42.22 14.24
CA SER A 91 18.02 42.35 12.90
C SER A 91 18.02 41.02 12.17
N PHE A 92 19.11 40.26 12.29
CA PHE A 92 19.19 38.97 11.62
C PHE A 92 18.13 38.01 12.16
N THR A 93 17.95 37.97 13.48
CA THR A 93 16.94 37.09 14.05
C THR A 93 15.53 37.49 13.61
N ASN A 94 15.26 38.79 13.60
CA ASN A 94 13.92 39.25 13.17
C ASN A 94 13.68 38.89 11.72
N PHE A 95 14.67 39.10 10.85
CA PHE A 95 14.51 38.75 9.45
C PHE A 95 14.30 37.25 9.28
N ALA A 96 15.06 36.44 10.02
CA ALA A 96 14.91 34.99 9.93
C ALA A 96 13.51 34.57 10.36
N SER A 97 12.99 35.17 11.42
CA SER A 97 11.65 34.82 11.89
C SER A 97 10.59 35.20 10.86
N SER A 98 10.66 36.43 10.33
CA SER A 98 9.68 36.85 9.33
C SER A 98 9.77 35.99 8.08
N ALA A 99 10.99 35.66 7.66
CA ALA A 99 11.17 34.87 6.45
C ALA A 99 10.66 33.45 6.66
N LEU A 100 10.86 32.89 7.85
CA LEU A 100 10.22 31.60 8.15
C LEU A 100 8.72 31.71 8.05
N SER A 101 8.13 32.76 8.62
CA SER A 101 6.68 32.88 8.59
C SER A 101 6.19 32.91 7.14
N ALA A 102 6.79 33.76 6.30
CA ALA A 102 6.36 33.85 4.92
C ALA A 102 6.59 32.55 4.17
N VAL A 103 7.79 31.97 4.30
CA VAL A 103 8.14 30.77 3.56
C VAL A 103 7.22 29.61 3.95
N VAL A 104 7.06 29.38 5.25
CA VAL A 104 6.19 28.29 5.69
C VAL A 104 4.77 28.53 5.21
N ASP A 105 4.23 29.73 5.45
CA ASP A 105 2.84 29.99 5.09
C ASP A 105 2.58 29.73 3.61
N ASN A 106 3.47 30.21 2.73
CA ASN A 106 3.20 30.18 1.31
C ASN A 106 3.86 29.02 0.57
N LEU A 107 4.64 28.16 1.25
CA LEU A 107 5.29 27.05 0.56
C LEU A 107 5.31 25.76 1.37
N GLY A 108 4.61 25.68 2.50
CA GLY A 108 4.51 24.42 3.18
C GLY A 108 3.82 23.38 2.33
N TRP A 109 2.83 23.81 1.54
CA TRP A 109 2.20 22.91 0.60
C TRP A 109 3.22 22.35 -0.37
N ALA A 110 4.13 23.19 -0.86
CA ALA A 110 5.13 22.73 -1.82
C ALA A 110 6.08 21.73 -1.18
N PHE A 111 6.60 22.07 0.00
CA PHE A 111 7.48 21.14 0.70
C PHE A 111 6.79 19.81 0.95
N ILE A 112 5.58 19.84 1.50
CA ILE A 112 4.90 18.62 1.91
C ILE A 112 4.47 17.80 0.71
N LEU A 113 4.01 18.44 -0.35
CA LEU A 113 3.58 17.71 -1.54
C LEU A 113 4.77 17.07 -2.25
N PHE A 114 5.81 17.87 -2.53
CA PHE A 114 6.90 17.36 -3.33
C PHE A 114 7.81 16.45 -2.54
N GLY A 115 7.80 16.53 -1.21
CA GLY A 115 8.55 15.58 -0.41
C GLY A 115 8.10 14.15 -0.64
N THR A 116 6.80 13.93 -0.77
CA THR A 116 6.26 12.60 -1.07
C THR A 116 6.24 12.32 -2.56
N VAL A 117 6.16 13.35 -3.40
CA VAL A 117 6.32 13.13 -4.83
C VAL A 117 7.70 12.56 -5.10
N PHE A 118 8.71 12.98 -4.34
CA PHE A 118 10.05 12.42 -4.52
C PHE A 118 10.08 10.93 -4.21
N VAL A 119 9.39 10.51 -3.15
CA VAL A 119 9.37 9.09 -2.78
C VAL A 119 8.66 8.29 -3.87
N PHE A 120 7.50 8.78 -4.32
CA PHE A 120 6.79 8.10 -5.39
C PHE A 120 7.64 8.02 -6.65
N PHE A 121 8.30 9.12 -7.00
CA PHE A 121 9.12 9.18 -8.20
C PHE A 121 10.26 8.19 -8.14
N ILE A 122 10.93 8.08 -6.99
CA ILE A 122 12.03 7.14 -6.88
C ILE A 122 11.53 5.70 -6.96
N VAL A 123 10.43 5.39 -6.28
CA VAL A 123 9.91 4.02 -6.35
C VAL A 123 9.53 3.67 -7.78
N VAL A 124 8.89 4.60 -8.49
CA VAL A 124 8.49 4.35 -9.87
C VAL A 124 9.71 4.17 -10.77
N ILE A 125 10.73 5.02 -10.59
CA ILE A 125 11.93 4.93 -11.43
C ILE A 125 12.62 3.60 -11.21
N ALA A 126 12.73 3.16 -9.97
CA ALA A 126 13.34 1.85 -9.70
C ALA A 126 12.50 0.74 -10.30
N ALA A 127 11.17 0.82 -10.17
CA ALA A 127 10.30 -0.25 -10.64
C ALA A 127 10.05 -0.23 -12.14
N SER A 128 10.39 0.84 -12.83
CA SER A 128 10.11 0.96 -14.25
C SER A 128 11.22 0.28 -15.05
N LYS A 129 11.20 0.47 -16.37
CA LYS A 129 12.19 -0.14 -17.24
C LYS A 129 13.59 0.42 -17.03
N PHE A 130 13.71 1.61 -16.42
CA PHE A 130 15.01 2.20 -16.20
C PHE A 130 15.82 1.48 -15.12
N GLY A 131 15.18 0.63 -14.32
CA GLY A 131 15.86 0.00 -13.21
C GLY A 131 17.02 -0.89 -13.61
N THR A 132 17.08 -1.31 -14.88
CA THR A 132 18.15 -2.18 -15.34
C THR A 132 19.35 -1.43 -15.91
N ILE A 133 19.25 -0.09 -16.05
CA ILE A 133 20.36 0.67 -16.61
C ILE A 133 21.50 0.71 -15.61
N ARG A 134 22.73 0.53 -16.10
CA ARG A 134 23.92 0.61 -15.28
C ARG A 134 24.40 2.05 -15.21
N LEU A 135 24.97 2.42 -14.05
CA LEU A 135 25.55 3.74 -13.86
C LEU A 135 27.00 3.68 -14.33
N GLY A 136 27.16 3.71 -15.64
CA GLY A 136 28.45 3.59 -16.27
C GLY A 136 28.28 2.99 -17.65
N ARG A 137 29.40 2.60 -18.25
CA ARG A 137 29.32 1.93 -19.53
C ARG A 137 28.53 0.63 -19.38
N ILE A 138 28.00 0.14 -20.51
CA ILE A 138 27.17 -1.06 -20.45
C ILE A 138 28.00 -2.22 -19.91
N ASP A 139 27.30 -3.20 -19.33
CA ASP A 139 27.91 -4.39 -18.72
C ASP A 139 29.08 -4.04 -17.79
N GLU A 140 29.02 -2.87 -17.15
CA GLU A 140 29.99 -2.51 -16.14
C GLU A 140 29.64 -3.18 -14.81
N ALA A 141 30.62 -3.25 -13.92
CA ALA A 141 30.45 -3.87 -12.62
C ALA A 141 30.96 -2.93 -11.54
N PRO A 142 30.43 -3.04 -10.31
CA PRO A 142 30.83 -2.11 -9.26
C PRO A 142 32.31 -2.25 -8.89
N GLU A 143 32.92 -1.12 -8.54
CA GLU A 143 34.30 -1.09 -8.10
C GLU A 143 34.45 -1.23 -6.60
N PHE A 144 33.34 -1.27 -5.86
CA PHE A 144 33.33 -1.51 -4.42
C PHE A 144 32.54 -2.78 -4.14
N ARG A 145 33.04 -3.60 -3.23
CA ARG A 145 32.27 -4.74 -2.76
C ARG A 145 30.98 -4.24 -2.12
N THR A 146 29.96 -5.08 -2.13
CA THR A 146 28.65 -4.66 -1.62
C THR A 146 28.75 -4.26 -0.15
N VAL A 147 29.49 -5.03 0.65
CA VAL A 147 29.65 -4.72 2.06
C VAL A 147 30.34 -3.36 2.22
N SER A 148 31.38 -3.11 1.43
CA SER A 148 32.06 -1.82 1.50
C SER A 148 31.15 -0.69 1.08
N TRP A 149 30.31 -0.91 0.05
CA TRP A 149 29.34 0.09 -0.36
C TRP A 149 28.38 0.43 0.78
N ILE A 150 27.84 -0.61 1.43
CA ILE A 150 26.93 -0.39 2.54
C ILE A 150 27.63 0.34 3.69
N SER A 151 28.86 -0.06 4.00
CA SER A 151 29.61 0.61 5.06
C SER A 151 29.84 2.07 4.73
N MET A 152 30.17 2.37 3.48
CA MET A 152 30.41 3.74 3.07
C MET A 152 29.13 4.57 3.08
N MET A 153 27.96 3.93 2.93
CA MET A 153 26.72 4.69 2.99
C MET A 153 26.55 5.40 4.32
N PHE A 154 27.09 4.85 5.40
CA PHE A 154 26.92 5.46 6.72
C PHE A 154 27.55 6.84 6.78
N ALA A 155 28.73 7.00 6.20
CA ALA A 155 29.26 8.33 6.00
C ALA A 155 28.31 9.12 5.11
N ALA A 156 28.43 10.44 5.16
CA ALA A 156 27.56 11.39 4.45
C ALA A 156 26.14 11.43 5.01
N GLY A 157 25.82 10.61 6.00
CA GLY A 157 24.59 10.76 6.74
C GLY A 157 24.72 11.92 7.71
N GLU A 158 23.76 12.00 8.63
CA GLU A 158 23.80 13.08 9.61
C GLU A 158 24.88 12.81 10.66
N GLY A 159 24.67 11.80 11.49
CA GLY A 159 25.56 11.58 12.61
C GLY A 159 25.28 12.60 13.70
N ILE A 160 25.57 13.87 13.42
CA ILE A 160 25.29 14.91 14.41
C ILE A 160 23.80 15.10 14.56
N GLY A 161 23.06 15.09 13.45
CA GLY A 161 21.61 15.17 13.54
C GLY A 161 21.00 13.98 14.26
N LEU A 162 21.47 12.78 13.93
CA LEU A 162 20.98 11.59 14.61
C LEU A 162 21.28 11.65 16.09
N MET A 163 22.51 12.03 16.46
CA MET A 163 22.87 12.11 17.87
C MET A 163 22.04 13.17 18.59
N PHE A 164 21.83 14.31 17.94
CA PHE A 164 21.08 15.39 18.57
C PHE A 164 19.62 15.01 18.79
N TYR A 165 19.00 14.36 17.81
CA TYR A 165 17.56 14.17 17.82
C TYR A 165 17.12 12.79 18.28
N GLY A 166 18.02 11.83 18.42
CA GLY A 166 17.61 10.47 18.78
C GLY A 166 16.83 10.41 20.06
N THR A 167 17.23 11.18 21.06
CA THR A 167 16.50 11.28 22.31
C THR A 167 15.42 12.36 22.24
N THR A 168 15.78 13.53 21.72
CA THR A 168 14.90 14.69 21.82
C THR A 168 13.59 14.49 21.07
N GLU A 169 13.65 13.94 19.85
CA GLU A 169 12.49 14.01 18.97
C GLU A 169 11.40 13.03 19.38
N PRO A 170 11.68 11.72 19.45
CA PRO A 170 10.63 10.81 19.93
C PRO A 170 10.14 11.13 21.33
N LEU A 171 11.05 11.55 22.21
CA LEU A 171 10.65 11.96 23.54
C LEU A 171 9.73 13.17 23.49
N THR A 172 10.06 14.15 22.64
CA THR A 172 9.22 15.34 22.53
C THR A 172 7.83 14.97 22.02
N PHE A 173 7.75 14.11 21.01
CA PHE A 173 6.45 13.73 20.48
C PHE A 173 5.65 12.93 21.50
N TYR A 174 6.32 12.06 22.26
CA TYR A 174 5.62 11.29 23.28
C TYR A 174 5.07 12.21 24.37
N ARG A 175 5.89 13.15 24.84
CA ARG A 175 5.46 14.03 25.93
C ARG A 175 4.34 14.96 25.47
N ASN A 176 4.53 15.62 24.33
CA ASN A 176 3.65 16.69 23.90
C ASN A 176 2.64 16.26 22.84
N GLY A 177 2.90 15.18 22.12
CA GLY A 177 2.02 14.76 21.05
C GLY A 177 2.31 15.48 19.76
N VAL A 178 1.60 15.07 18.72
CA VAL A 178 1.73 15.68 17.39
C VAL A 178 0.34 16.08 16.93
N PRO A 179 0.24 17.08 16.04
CA PRO A 179 -1.09 17.53 15.61
C PRO A 179 -1.90 16.41 15.00
N GLY A 180 -3.18 16.38 15.35
CA GLY A 180 -4.05 15.29 14.97
C GLY A 180 -3.95 14.05 15.83
N HIS A 181 -3.24 14.13 16.95
CA HIS A 181 -3.04 12.98 17.83
C HIS A 181 -2.89 13.47 19.26
N ASP A 182 -3.04 12.54 20.19
CA ASP A 182 -3.00 12.84 21.62
C ASP A 182 -1.64 12.48 22.21
N GLU A 183 -1.40 12.97 23.42
CA GLU A 183 -0.12 12.79 24.09
C GLU A 183 0.05 11.33 24.50
N HIS A 184 1.30 10.98 24.83
CA HIS A 184 1.63 9.67 25.38
C HIS A 184 1.20 8.56 24.43
N ASN A 185 1.63 8.67 23.18
CA ASN A 185 1.39 7.66 22.16
C ASN A 185 2.75 7.21 21.63
N VAL A 186 3.20 6.03 22.06
CA VAL A 186 4.51 5.55 21.66
C VAL A 186 4.55 5.31 20.15
N GLY A 187 3.53 4.66 19.61
CA GLY A 187 3.51 4.34 18.20
C GLY A 187 3.56 5.58 17.33
N VAL A 188 2.77 6.59 17.66
CA VAL A 188 2.75 7.81 16.86
C VAL A 188 4.08 8.54 16.97
N ALA A 189 4.65 8.62 18.17
CA ALA A 189 5.92 9.30 18.33
C ALA A 189 7.01 8.64 17.50
N MET A 190 7.11 7.31 17.57
CA MET A 190 8.14 6.61 16.81
C MET A 190 7.87 6.70 15.31
N SER A 191 6.60 6.59 14.90
CA SER A 191 6.28 6.65 13.49
C SER A 191 6.62 8.02 12.90
N THR A 192 6.27 9.10 13.60
CA THR A 192 6.56 10.42 13.06
C THR A 192 8.01 10.84 13.26
N THR A 193 8.77 10.13 14.11
CA THR A 193 10.22 10.28 14.07
C THR A 193 10.80 9.57 12.86
N MET A 194 10.32 8.37 12.55
CA MET A 194 10.76 7.68 11.35
C MET A 194 10.36 8.43 10.09
N PHE A 195 9.30 9.22 10.16
CA PHE A 195 8.84 9.96 8.98
C PHE A 195 9.90 10.91 8.48
N HIS A 196 10.59 11.60 9.38
CA HIS A 196 11.54 12.64 9.03
C HIS A 196 12.93 12.12 8.74
N TRP A 197 13.19 10.82 8.90
CA TRP A 197 14.55 10.30 8.93
C TRP A 197 14.80 9.07 8.05
N THR A 198 13.79 8.49 7.41
CA THR A 198 13.97 7.19 6.76
C THR A 198 13.86 7.24 5.23
N LEU A 199 12.74 7.65 4.67
CA LEU A 199 12.46 7.44 3.25
C LEU A 199 12.45 8.70 2.42
N HIS A 200 11.74 9.73 2.85
CA HIS A 200 11.75 10.98 2.10
C HIS A 200 13.15 11.58 2.09
N PRO A 201 13.88 11.63 3.20
CA PRO A 201 15.30 12.03 3.14
C PRO A 201 16.08 11.33 2.05
N TRP A 202 16.10 10.00 2.10
CA TRP A 202 16.93 9.25 1.20
C TRP A 202 16.30 9.10 -0.17
N ALA A 203 15.00 9.35 -0.30
CA ALA A 203 14.42 9.53 -1.62
C ALA A 203 15.00 10.76 -2.30
N ILE A 204 15.09 11.88 -1.57
CA ILE A 204 15.70 13.08 -2.14
C ILE A 204 17.15 12.80 -2.54
N TYR A 205 17.89 12.15 -1.63
CA TYR A 205 19.29 11.88 -1.92
C TYR A 205 19.44 10.91 -3.07
N ALA A 206 18.56 9.91 -3.18
CA ALA A 206 18.61 9.00 -4.31
C ALA A 206 18.35 9.75 -5.61
N ILE A 207 17.39 10.66 -5.63
CA ILE A 207 17.14 11.44 -6.84
C ILE A 207 18.39 12.18 -7.26
N VAL A 208 18.99 12.92 -6.33
CA VAL A 208 20.12 13.77 -6.72
C VAL A 208 21.33 12.92 -7.09
N GLY A 209 21.63 11.90 -6.28
CA GLY A 209 22.76 11.06 -6.59
C GLY A 209 22.60 10.29 -7.88
N LEU A 210 21.37 9.84 -8.16
CA LEU A 210 21.10 9.14 -9.41
C LEU A 210 21.28 10.08 -10.60
N ALA A 211 20.79 11.31 -10.51
CA ALA A 211 20.98 12.26 -11.60
C ALA A 211 22.46 12.51 -11.84
N ILE A 212 23.22 12.74 -10.77
CA ILE A 212 24.65 13.00 -10.91
C ILE A 212 25.37 11.78 -11.46
N ALA A 213 25.04 10.59 -10.96
CA ALA A 213 25.70 9.37 -11.40
C ALA A 213 25.43 9.10 -12.87
N TYR A 214 24.18 9.26 -13.31
CA TYR A 214 23.87 9.06 -14.72
C TYR A 214 24.58 10.08 -15.58
N SER A 215 24.62 11.35 -15.16
CA SER A 215 25.27 12.36 -15.97
C SER A 215 26.77 12.12 -16.07
N THR A 216 27.40 11.63 -14.99
CA THR A 216 28.85 11.55 -14.94
C THR A 216 29.42 10.23 -15.44
N PHE A 217 28.74 9.11 -15.17
CA PHE A 217 29.26 7.81 -15.55
C PHE A 217 28.71 7.34 -16.89
N ARG A 218 27.39 7.31 -17.03
CA ARG A 218 26.79 6.82 -18.27
C ARG A 218 27.07 7.76 -19.43
N VAL A 219 26.85 9.06 -19.24
CA VAL A 219 26.99 10.02 -20.32
C VAL A 219 28.36 10.68 -20.34
N GLY A 220 29.10 10.66 -19.23
CA GLY A 220 30.46 11.18 -19.23
C GLY A 220 30.58 12.69 -19.13
N ARG A 221 29.60 13.36 -18.52
CA ARG A 221 29.69 14.79 -18.29
C ARG A 221 30.51 15.08 -17.05
N LYS A 222 30.61 16.35 -16.69
CA LYS A 222 31.36 16.76 -15.51
C LYS A 222 30.60 16.38 -14.23
N GLN A 223 31.35 16.32 -13.13
CA GLN A 223 30.78 16.01 -11.81
C GLN A 223 30.19 17.29 -11.23
N LEU A 224 28.99 17.62 -11.70
CA LEU A 224 28.32 18.85 -11.32
C LEU A 224 26.82 18.60 -11.28
N LEU A 225 26.09 19.57 -10.72
CA LEU A 225 24.64 19.53 -10.73
C LEU A 225 24.05 20.20 -11.96
N SER A 226 24.73 21.20 -12.53
CA SER A 226 24.26 21.79 -13.77
C SER A 226 24.30 20.78 -14.91
N SER A 227 25.31 19.90 -14.90
CA SER A 227 25.42 18.88 -15.93
C SER A 227 24.25 17.91 -15.92
N ALA A 228 23.55 17.78 -14.79
CA ALA A 228 22.37 16.94 -14.74
C ALA A 228 21.17 17.58 -15.42
N PHE A 229 21.22 18.89 -15.68
CA PHE A 229 20.12 19.61 -16.32
C PHE A 229 20.33 19.77 -17.82
N VAL A 230 21.41 19.23 -18.38
CA VAL A 230 21.68 19.30 -19.81
C VAL A 230 20.49 18.77 -20.61
N PRO A 231 19.87 17.65 -20.25
CA PRO A 231 18.68 17.21 -21.01
C PRO A 231 17.57 18.25 -21.06
N LEU A 232 17.44 19.09 -20.04
CA LEU A 232 16.41 20.13 -20.04
C LEU A 232 16.84 21.37 -20.78
N ILE A 233 18.04 21.89 -20.48
CA ILE A 233 18.50 23.17 -21.01
C ILE A 233 19.64 23.03 -22.01
N GLY A 234 20.21 21.84 -22.17
CA GLY A 234 21.25 21.64 -23.15
C GLY A 234 22.60 22.12 -22.68
N GLU A 235 23.63 21.77 -23.46
CA GLU A 235 25.00 22.12 -23.11
C GLU A 235 25.16 23.62 -22.97
N LYS A 236 24.62 24.39 -23.92
CA LYS A 236 24.67 25.85 -23.82
C LYS A 236 24.07 26.32 -22.51
N GLY A 237 22.99 25.67 -22.07
CA GLY A 237 22.42 26.02 -20.78
C GLY A 237 23.32 25.68 -19.61
N ALA A 238 24.00 24.53 -19.70
CA ALA A 238 24.86 24.10 -18.59
C ALA A 238 25.98 25.11 -18.34
N GLU A 239 26.60 25.61 -19.40
CA GLU A 239 27.61 26.65 -19.26
C GLU A 239 27.01 28.05 -19.20
N GLY A 240 25.71 28.20 -19.49
CA GLY A 240 25.07 29.49 -19.46
C GLY A 240 24.77 29.95 -18.05
N TRP A 241 24.05 31.07 -17.97
CA TRP A 241 23.75 31.64 -16.65
C TRP A 241 22.91 30.70 -15.81
N LEU A 242 22.07 29.86 -16.43
CA LEU A 242 21.21 28.99 -15.65
C LEU A 242 22.00 27.89 -14.95
N GLY A 243 22.99 27.32 -15.63
CA GLY A 243 23.84 26.32 -14.98
C GLY A 243 24.66 26.92 -13.86
N LYS A 244 25.18 28.13 -14.06
CA LYS A 244 25.90 28.82 -13.00
C LYS A 244 25.00 29.09 -11.81
N LEU A 245 23.75 29.48 -12.07
CA LEU A 245 22.81 29.71 -10.97
C LEU A 245 22.50 28.42 -10.23
N ILE A 246 22.34 27.32 -10.96
CA ILE A 246 22.08 26.04 -10.32
C ILE A 246 23.26 25.64 -9.43
N ASP A 247 24.48 25.83 -9.93
CA ASP A 247 25.65 25.47 -9.12
C ASP A 247 25.80 26.39 -7.92
N ILE A 248 25.50 27.68 -8.07
CA ILE A 248 25.56 28.61 -6.95
C ILE A 248 24.58 28.20 -5.88
N LEU A 249 23.35 27.87 -6.29
CA LEU A 249 22.35 27.43 -5.33
C LEU A 249 22.76 26.13 -4.66
N ALA A 250 23.40 25.23 -5.41
CA ALA A 250 23.87 23.99 -4.82
C ALA A 250 24.91 24.25 -3.75
N ILE A 251 25.86 25.16 -4.02
CA ILE A 251 26.88 25.48 -3.03
C ILE A 251 26.24 26.13 -1.80
N ILE A 252 25.31 27.06 -2.01
CA ILE A 252 24.65 27.71 -0.86
C ILE A 252 23.91 26.69 -0.02
N ALA A 253 23.18 25.79 -0.67
CA ALA A 253 22.44 24.76 0.05
C ALA A 253 23.39 23.85 0.82
N THR A 254 24.51 23.47 0.21
CA THR A 254 25.49 22.65 0.92
C THR A 254 26.03 23.38 2.14
N VAL A 255 26.36 24.67 1.99
CA VAL A 255 26.92 25.42 3.10
C VAL A 255 25.93 25.48 4.25
N PHE A 256 24.67 25.75 3.96
CA PHE A 256 23.70 25.92 5.05
C PHE A 256 23.28 24.58 5.66
N GLY A 257 23.11 23.55 4.84
CA GLY A 257 22.83 22.24 5.38
C GLY A 257 23.97 21.70 6.23
N THR A 258 25.21 22.04 5.87
CA THR A 258 26.34 21.64 6.69
C THR A 258 26.42 22.46 7.96
N ALA A 259 26.19 23.77 7.86
CA ALA A 259 26.26 24.64 9.02
C ALA A 259 25.21 24.25 10.06
N CYS A 260 24.06 23.75 9.62
CA CYS A 260 23.06 23.30 10.58
C CYS A 260 23.60 22.17 11.45
N SER A 261 24.20 21.15 10.81
CA SER A 261 24.75 20.03 11.58
C SER A 261 25.92 20.48 12.44
N LEU A 262 26.78 21.36 11.92
CA LEU A 262 27.91 21.84 12.72
C LEU A 262 27.41 22.60 13.94
N GLY A 263 26.38 23.44 13.78
CA GLY A 263 25.82 24.15 14.91
C GLY A 263 25.19 23.22 15.93
N LEU A 264 24.44 22.23 15.47
CA LEU A 264 23.87 21.25 16.39
C LEU A 264 24.96 20.54 17.16
N GLY A 265 26.04 20.15 16.48
CA GLY A 265 27.12 19.45 17.15
C GLY A 265 27.82 20.32 18.18
N ALA A 266 28.09 21.58 17.83
CA ALA A 266 28.74 22.48 18.78
C ALA A 266 27.85 22.70 20.00
N LEU A 267 26.54 22.91 19.78
CA LEU A 267 25.64 23.13 20.90
C LEU A 267 25.58 21.90 21.81
N GLN A 268 25.54 20.70 21.22
CA GLN A 268 25.45 19.50 22.04
C GLN A 268 26.77 19.20 22.75
N ILE A 269 27.91 19.54 22.13
CA ILE A 269 29.19 19.38 22.82
C ILE A 269 29.29 20.35 23.99
N GLY A 270 28.80 21.57 23.82
CA GLY A 270 28.74 22.50 24.94
C GLY A 270 27.88 21.96 26.07
N ALA A 271 26.72 21.39 25.73
CA ALA A 271 25.87 20.79 26.74
C ALA A 271 26.57 19.63 27.44
N GLY A 272 27.32 18.83 26.68
CA GLY A 272 28.03 17.71 27.26
C GLY A 272 29.13 18.14 28.20
N LEU A 273 29.89 19.17 27.82
CA LEU A 273 30.91 19.71 28.72
C LEU A 273 30.28 20.28 29.99
N SER A 274 29.12 20.93 29.84
CA SER A 274 28.41 21.42 31.02
C SER A 274 27.98 20.26 31.92
N ALA A 275 27.47 19.19 31.33
CA ALA A 275 27.01 18.05 32.12
C ALA A 275 28.16 17.29 32.76
N ALA A 276 29.28 17.16 32.04
CA ALA A 276 30.44 16.46 32.57
C ALA A 276 31.19 17.25 33.62
N ASN A 277 30.80 18.49 33.89
CA ASN A 277 31.42 19.39 34.87
C ASN A 277 32.79 19.88 34.42
N ILE A 278 33.18 19.61 33.18
CA ILE A 278 34.45 20.14 32.69
C ILE A 278 34.41 21.66 32.61
N ILE A 279 33.26 22.20 32.19
CA ILE A 279 33.03 23.64 32.19
C ILE A 279 31.75 23.90 32.97
N GLU A 280 31.74 24.96 33.77
CA GLU A 280 30.61 25.20 34.67
C GLU A 280 29.31 25.45 33.89
N ASP A 281 29.39 26.21 32.80
CA ASP A 281 28.23 26.57 32.02
C ASP A 281 28.58 26.56 30.54
N PRO A 282 27.59 26.41 29.66
CA PRO A 282 27.86 26.48 28.20
C PRO A 282 27.75 27.90 27.66
N SER A 283 28.68 28.75 28.08
CA SER A 283 28.68 30.14 27.68
C SER A 283 28.95 30.27 26.17
N ASP A 284 28.75 31.48 25.65
CA ASP A 284 29.00 31.72 24.23
C ASP A 284 30.47 31.48 23.89
N TRP A 285 31.37 31.91 24.77
CA TRP A 285 32.79 31.69 24.52
C TRP A 285 33.11 30.20 24.49
N THR A 286 32.37 29.38 25.25
CA THR A 286 32.57 27.94 25.17
C THR A 286 32.25 27.42 23.77
N ILE A 287 31.14 27.87 23.20
CA ILE A 287 30.78 27.46 21.84
C ILE A 287 31.83 27.94 20.84
N VAL A 288 32.29 29.18 21.00
CA VAL A 288 33.31 29.71 20.11
C VAL A 288 34.58 28.87 20.20
N GLY A 289 34.99 28.51 21.41
CA GLY A 289 36.19 27.69 21.57
C GLY A 289 36.04 26.31 20.97
N ILE A 290 34.88 25.68 21.17
CA ILE A 290 34.64 24.36 20.60
C ILE A 290 34.73 24.43 19.08
N VAL A 291 34.05 25.41 18.49
CA VAL A 291 34.04 25.53 17.03
C VAL A 291 35.45 25.81 16.52
N SER A 292 36.18 26.69 17.21
CA SER A 292 37.53 27.03 16.78
C SER A 292 38.44 25.82 16.82
N VAL A 293 38.38 25.03 17.89
CA VAL A 293 39.24 23.86 18.00
C VAL A 293 38.90 22.84 16.93
N LEU A 294 37.61 22.57 16.73
CA LEU A 294 37.23 21.56 15.74
C LEU A 294 37.57 22.02 14.32
N THR A 295 37.38 23.31 14.03
CA THR A 295 37.76 23.85 12.73
C THR A 295 39.27 23.79 12.54
N LEU A 296 40.05 24.04 13.59
CA LEU A 296 41.49 23.91 13.48
C LEU A 296 41.89 22.48 13.18
N ALA A 297 41.23 21.51 13.82
CA ALA A 297 41.53 20.11 13.54
C ALA A 297 41.23 19.78 12.08
N PHE A 298 40.07 20.23 11.59
CA PHE A 298 39.73 19.99 10.18
C PHE A 298 40.73 20.67 9.25
N ILE A 299 41.15 21.89 9.58
CA ILE A 299 42.10 22.62 8.75
C ILE A 299 43.43 21.89 8.68
N PHE A 300 43.90 21.39 9.81
CA PHE A 300 45.14 20.61 9.81
C PHE A 300 44.98 19.36 8.97
N SER A 301 43.86 18.65 9.12
CA SER A 301 43.64 17.43 8.35
C SER A 301 43.64 17.71 6.86
N ALA A 302 43.06 18.85 6.45
CA ALA A 302 42.97 19.17 5.03
C ALA A 302 44.31 19.66 4.48
N ILE A 303 44.90 20.67 5.11
CA ILE A 303 46.12 21.26 4.58
C ILE A 303 47.30 20.28 4.67
N SER A 304 47.24 19.31 5.58
CA SER A 304 48.31 18.32 5.65
C SER A 304 48.41 17.51 4.37
N GLY A 305 47.35 17.45 3.58
CA GLY A 305 47.39 16.77 2.30
C GLY A 305 47.37 15.27 2.37
N VAL A 306 47.12 14.70 3.55
CA VAL A 306 47.15 13.26 3.77
C VAL A 306 45.74 12.80 4.11
N GLY A 307 45.24 11.84 3.33
CA GLY A 307 43.88 11.36 3.51
C GLY A 307 43.78 10.17 4.45
N LYS A 308 44.86 9.89 5.20
CA LYS A 308 44.83 8.78 6.14
C LYS A 308 44.10 9.16 7.42
N GLY A 309 44.36 10.36 7.93
CA GLY A 309 43.71 10.77 9.17
C GLY A 309 42.21 10.83 9.07
N ILE A 310 41.69 11.27 7.91
CA ILE A 310 40.26 11.44 7.77
C ILE A 310 39.56 10.07 7.71
N GLN A 311 40.16 9.10 7.01
CA GLN A 311 39.58 7.76 7.02
C GLN A 311 39.72 7.10 8.39
N TYR A 312 40.80 7.40 9.10
CA TYR A 312 40.91 6.92 10.48
C TYR A 312 39.79 7.47 11.34
N LEU A 313 39.50 8.77 11.21
CA LEU A 313 38.40 9.36 11.98
C LEU A 313 37.05 8.82 11.55
N SER A 314 36.88 8.49 10.26
CA SER A 314 35.63 7.90 9.82
C SER A 314 35.43 6.52 10.44
N ASN A 315 36.47 5.70 10.46
CA ASN A 315 36.38 4.41 11.11
C ASN A 315 36.11 4.57 12.60
N ALA A 316 36.76 5.56 13.22
CA ALA A 316 36.50 5.85 14.63
C ALA A 316 35.05 6.27 14.85
N ASN A 317 34.49 7.05 13.94
CA ASN A 317 33.09 7.45 14.06
C ASN A 317 32.18 6.23 14.02
N MET A 318 32.41 5.34 13.06
CA MET A 318 31.60 4.13 13.00
C MET A 318 31.73 3.31 14.28
N VAL A 319 32.96 3.15 14.77
CA VAL A 319 33.20 2.33 15.94
C VAL A 319 32.53 2.93 17.17
N LEU A 320 32.67 4.24 17.35
CA LEU A 320 32.12 4.89 18.55
C LEU A 320 30.60 4.96 18.49
N ALA A 321 30.03 5.18 17.30
CA ALA A 321 28.58 5.14 17.18
C ALA A 321 28.04 3.76 17.52
N ALA A 322 28.70 2.72 17.00
CA ALA A 322 28.29 1.36 17.36
C ALA A 322 28.45 1.13 18.85
N LEU A 323 29.51 1.65 19.45
CA LEU A 323 29.75 1.44 20.88
C LEU A 323 28.66 2.10 21.72
N LEU A 324 28.30 3.35 21.40
CA LEU A 324 27.25 4.02 22.15
C LEU A 324 25.91 3.31 21.96
N ALA A 325 25.60 2.91 20.73
CA ALA A 325 24.35 2.21 20.49
C ALA A 325 24.30 0.91 21.27
N ILE A 326 25.40 0.16 21.29
CA ILE A 326 25.44 -1.10 22.02
C ILE A 326 25.35 -0.87 23.52
N PHE A 327 25.98 0.19 24.01
CA PHE A 327 25.93 0.47 25.45
C PHE A 327 24.51 0.78 25.89
N VAL A 328 23.82 1.67 25.16
CA VAL A 328 22.45 2.00 25.53
C VAL A 328 21.53 0.80 25.33
N PHE A 329 21.80 -0.02 24.31
CA PHE A 329 20.98 -1.20 24.06
C PHE A 329 21.12 -2.22 25.18
N VAL A 330 22.34 -2.42 25.67
CA VAL A 330 22.59 -3.44 26.69
C VAL A 330 22.20 -2.95 28.07
N VAL A 331 22.75 -1.81 28.49
CA VAL A 331 22.50 -1.30 29.82
C VAL A 331 21.10 -0.72 29.97
N GLY A 332 20.46 -0.34 28.86
CA GLY A 332 19.12 0.19 28.90
C GLY A 332 18.08 -0.90 28.90
N PRO A 333 16.82 -0.53 28.67
CA PRO A 333 15.75 -1.54 28.58
C PRO A 333 15.80 -2.30 27.27
N THR A 334 16.59 -3.37 27.20
CA THR A 334 16.80 -4.07 25.95
C THR A 334 15.49 -4.60 25.38
N VAL A 335 14.64 -5.18 26.22
CA VAL A 335 13.41 -5.79 25.73
C VAL A 335 12.49 -4.73 25.14
N SER A 336 12.34 -3.59 25.79
CA SER A 336 11.51 -2.53 25.24
C SER A 336 12.09 -1.99 23.94
N ILE A 337 13.41 -1.84 23.89
CA ILE A 337 14.08 -1.38 22.68
C ILE A 337 13.76 -2.31 21.52
N LEU A 338 13.77 -3.62 21.78
CA LEU A 338 13.49 -4.58 20.72
C LEU A 338 12.01 -4.66 20.39
N ASN A 339 11.15 -4.39 21.37
CA ASN A 339 9.71 -4.31 21.09
C ASN A 339 9.42 -3.16 20.14
N LEU A 340 10.10 -2.04 20.30
CA LEU A 340 9.80 -0.86 19.51
C LEU A 340 10.23 -0.98 18.05
N LEU A 341 11.02 -1.98 17.68
CA LEU A 341 11.42 -2.12 16.28
C LEU A 341 10.22 -2.47 15.40
N PRO A 342 9.57 -3.63 15.57
CA PRO A 342 8.37 -3.89 14.78
C PRO A 342 7.29 -2.85 14.98
N GLY A 343 7.14 -2.34 16.21
CA GLY A 343 6.15 -1.31 16.45
C GLY A 343 6.43 -0.05 15.65
N SER A 344 7.69 0.39 15.68
CA SER A 344 8.06 1.59 14.92
C SER A 344 7.81 1.39 13.44
N ILE A 345 8.23 0.25 12.88
CA ILE A 345 8.08 0.05 11.44
C ILE A 345 6.60 -0.04 11.07
N GLY A 346 5.82 -0.79 11.85
CA GLY A 346 4.41 -0.95 11.52
C GLY A 346 3.63 0.34 11.62
N ASN A 347 3.88 1.13 12.67
CA ASN A 347 3.21 2.40 12.79
C ASN A 347 3.73 3.43 11.81
N TYR A 348 4.95 3.25 11.29
CA TYR A 348 5.41 4.12 10.22
C TYR A 348 4.68 3.83 8.92
N LEU A 349 4.55 2.56 8.57
CA LEU A 349 3.87 2.22 7.32
C LEU A 349 2.38 2.45 7.41
N SER A 350 1.80 2.32 8.61
CA SER A 350 0.38 2.58 8.76
C SER A 350 0.06 4.06 8.60
N ASN A 351 0.85 4.93 9.20
CA ASN A 351 0.59 6.36 9.21
C ASN A 351 1.30 7.11 8.10
N PHE A 352 1.92 6.41 7.15
CA PHE A 352 2.76 7.09 6.16
C PHE A 352 2.00 8.18 5.43
N PHE A 353 0.85 7.84 4.85
CA PHE A 353 0.09 8.81 4.08
C PHE A 353 -0.70 9.77 4.95
N GLN A 354 -1.00 9.38 6.19
CA GLN A 354 -1.62 10.32 7.12
C GLN A 354 -0.69 11.49 7.42
N MET A 355 0.60 11.20 7.61
CA MET A 355 1.59 12.26 7.83
C MET A 355 1.96 12.95 6.53
N ALA A 356 1.98 12.22 5.42
CA ALA A 356 2.26 12.87 4.13
C ALA A 356 1.19 13.88 3.77
N GLY A 357 -0.03 13.67 4.23
CA GLY A 357 -1.14 14.59 4.03
C GLY A 357 -1.33 15.60 5.14
N ARG A 358 -0.37 15.75 6.05
CA ARG A 358 -0.48 16.69 7.15
C ARG A 358 0.04 18.04 6.69
N THR A 359 -0.85 19.02 6.60
CA THR A 359 -0.51 20.37 6.17
C THR A 359 -0.99 21.37 7.21
N ALA A 360 -0.88 22.66 6.91
CA ALA A 360 -1.37 23.68 7.83
C ALA A 360 -2.88 23.69 7.95
N MET A 361 -3.59 22.97 7.09
CA MET A 361 -5.04 22.83 7.17
C MET A 361 -5.47 21.67 8.06
N SER A 362 -4.55 20.85 8.54
CA SER A 362 -4.89 19.75 9.42
C SER A 362 -5.16 20.24 10.83
N ALA A 363 -5.90 19.43 11.58
CA ALA A 363 -6.29 19.77 12.95
C ALA A 363 -7.11 21.05 12.99
N ASP A 364 -8.03 21.20 12.04
CA ASP A 364 -8.85 22.40 11.91
C ASP A 364 -7.98 23.65 11.78
N GLY A 365 -6.89 23.53 11.04
CA GLY A 365 -6.02 24.66 10.78
C GLY A 365 -5.21 25.11 11.98
N THR A 366 -4.44 24.19 12.57
CA THR A 366 -3.64 24.51 13.74
C THR A 366 -2.25 23.89 13.73
N ALA A 367 -1.84 23.22 12.65
CA ALA A 367 -0.59 22.49 12.60
C ALA A 367 0.53 23.29 11.97
N GLY A 368 0.32 24.58 11.69
CA GLY A 368 1.35 25.36 11.03
C GLY A 368 2.61 25.55 11.88
N GLU A 369 2.43 25.88 13.15
CA GLU A 369 3.58 26.11 14.02
C GLU A 369 4.37 24.84 14.24
N TRP A 370 3.69 23.73 14.52
CA TRP A 370 4.36 22.46 14.68
C TRP A 370 5.05 22.04 13.39
N LEU A 371 4.39 22.24 12.25
CA LEU A 371 4.99 21.87 10.99
C LEU A 371 6.28 22.65 10.75
N GLY A 372 6.23 23.97 10.92
CA GLY A 372 7.44 24.76 10.76
C GLY A 372 8.52 24.37 11.74
N SER A 373 8.15 23.95 12.95
CA SER A 373 9.15 23.57 13.94
C SER A 373 9.84 22.27 13.58
N TRP A 374 9.09 21.28 13.06
CA TRP A 374 9.65 19.95 12.84
C TRP A 374 9.71 19.56 11.37
N THR A 375 8.58 19.49 10.68
CA THR A 375 8.55 18.78 9.41
C THR A 375 9.11 19.63 8.27
N ILE A 376 8.70 20.89 8.19
CA ILE A 376 9.24 21.75 7.14
C ILE A 376 10.71 22.03 7.40
N PHE A 377 11.10 22.14 8.66
CA PHE A 377 12.53 22.29 8.95
C PHE A 377 13.31 21.08 8.44
N TYR A 378 12.80 19.88 8.69
CA TYR A 378 13.50 18.70 8.18
C TYR A 378 13.50 18.68 6.67
N TRP A 379 12.39 19.03 6.03
CA TRP A 379 12.37 19.07 4.58
C TRP A 379 13.46 19.97 4.05
N ALA A 380 13.57 21.17 4.61
CA ALA A 380 14.59 22.11 4.18
C ALA A 380 15.98 21.57 4.44
N TRP A 381 16.19 20.95 5.60
CA TRP A 381 17.51 20.39 5.93
C TRP A 381 17.90 19.28 4.95
N TRP A 382 16.98 18.35 4.69
CA TRP A 382 17.31 17.21 3.84
C TRP A 382 17.42 17.63 2.37
N ILE A 383 16.77 18.74 1.99
CA ILE A 383 16.98 19.28 0.65
C ILE A 383 18.29 20.06 0.56
N SER A 384 18.71 20.70 1.65
CA SER A 384 19.96 21.44 1.64
C SER A 384 21.15 20.50 1.51
N TRP A 385 21.08 19.34 2.16
CA TRP A 385 22.12 18.34 2.05
C TRP A 385 22.20 17.70 0.68
N SER A 386 21.22 17.91 -0.18
CA SER A 386 21.08 17.08 -1.39
C SER A 386 22.32 17.12 -2.27
N PRO A 387 22.92 18.27 -2.57
CA PRO A 387 24.15 18.23 -3.39
C PRO A 387 25.24 17.36 -2.79
N PHE A 388 25.58 17.56 -1.51
CA PHE A 388 26.68 16.82 -0.92
C PHE A 388 26.38 15.32 -0.87
N VAL A 389 25.24 14.94 -0.32
CA VAL A 389 24.95 13.52 -0.14
C VAL A 389 24.74 12.86 -1.49
N GLY A 390 24.11 13.57 -2.42
CA GLY A 390 23.94 13.02 -3.75
C GLY A 390 25.26 12.75 -4.45
N MET A 391 26.18 13.70 -4.40
CA MET A 391 27.47 13.50 -5.03
C MET A 391 28.27 12.41 -4.32
N PHE A 392 28.18 12.36 -3.00
CA PHE A 392 28.86 11.29 -2.26
C PHE A 392 28.34 9.93 -2.69
N LEU A 393 27.02 9.75 -2.72
CA LEU A 393 26.46 8.46 -3.11
C LEU A 393 26.77 8.13 -4.56
N ALA A 394 26.79 9.14 -5.43
CA ALA A 394 27.15 8.92 -6.82
C ALA A 394 28.59 8.42 -6.94
N ARG A 395 29.50 8.98 -6.15
CA ARG A 395 30.90 8.61 -6.25
C ARG A 395 31.13 7.14 -5.91
N ILE A 396 30.44 6.63 -4.88
CA ILE A 396 30.72 5.29 -4.38
C ILE A 396 29.81 4.26 -5.07
N SER A 397 29.04 4.69 -6.06
CA SER A 397 28.06 3.83 -6.71
C SER A 397 28.34 3.65 -8.20
N ARG A 398 29.61 3.75 -8.59
CA ARG A 398 30.00 3.45 -9.96
C ARG A 398 29.66 2.01 -10.29
N GLY A 399 29.04 1.81 -11.45
CA GLY A 399 28.81 0.47 -11.97
C GLY A 399 27.57 -0.23 -11.45
N ARG A 400 26.86 0.34 -10.49
CA ARG A 400 25.65 -0.27 -9.99
C ARG A 400 24.48 0.04 -10.91
N SER A 401 23.49 -0.86 -10.95
CA SER A 401 22.28 -0.60 -11.70
C SER A 401 21.40 0.40 -10.95
N ILE A 402 20.51 1.04 -11.69
CA ILE A 402 19.65 2.06 -11.08
C ILE A 402 18.79 1.45 -10.00
N ARG A 403 18.24 0.27 -10.26
CA ARG A 403 17.42 -0.40 -9.24
C ARG A 403 18.24 -0.70 -7.98
N GLU A 404 19.46 -1.21 -8.16
CA GLU A 404 20.31 -1.54 -7.02
C GLU A 404 20.67 -0.28 -6.23
N PHE A 405 21.05 0.78 -6.93
CA PHE A 405 21.40 2.03 -6.27
C PHE A 405 20.22 2.56 -5.46
N ILE A 406 19.04 2.61 -6.08
CA ILE A 406 17.85 3.10 -5.39
C ILE A 406 17.55 2.25 -4.17
N LEU A 407 17.55 0.93 -4.34
CA LEU A 407 17.18 0.04 -3.24
C LEU A 407 18.14 0.19 -2.07
N GLY A 408 19.44 0.10 -2.33
CA GLY A 408 20.40 0.23 -1.24
C GLY A 408 20.30 1.58 -0.55
N VAL A 409 20.30 2.66 -1.33
CA VAL A 409 20.32 4.00 -0.76
C VAL A 409 19.05 4.25 0.07
N LEU A 410 17.91 3.76 -0.41
CA LEU A 410 16.68 3.99 0.33
C LEU A 410 16.61 3.14 1.58
N LEU A 411 17.00 1.87 1.50
CA LEU A 411 16.64 0.93 2.55
C LEU A 411 17.70 0.79 3.63
N VAL A 412 18.99 0.81 3.31
CA VAL A 412 19.99 0.59 4.34
C VAL A 412 19.99 1.73 5.34
N PRO A 413 20.12 2.99 4.91
CA PRO A 413 20.08 4.09 5.89
C PRO A 413 18.77 4.16 6.64
N ALA A 414 17.65 3.81 6.02
CA ALA A 414 16.38 3.79 6.72
C ALA A 414 16.41 2.79 7.87
N GLY A 415 16.96 1.60 7.63
CA GLY A 415 17.07 0.62 8.70
C GLY A 415 17.99 1.06 9.81
N VAL A 416 19.12 1.68 9.46
CA VAL A 416 20.04 2.16 10.49
C VAL A 416 19.37 3.23 11.34
N SER A 417 18.67 4.17 10.70
CA SER A 417 17.96 5.20 11.46
C SER A 417 16.87 4.58 12.33
N THR A 418 16.15 3.60 11.81
CA THR A 418 15.13 2.93 12.60
C THR A 418 15.73 2.33 13.86
N VAL A 419 16.86 1.63 13.73
CA VAL A 419 17.48 1.00 14.89
C VAL A 419 17.97 2.06 15.88
N TRP A 420 18.61 3.12 15.38
CA TRP A 420 19.14 4.15 16.26
C TRP A 420 18.03 4.82 17.06
N PHE A 421 16.97 5.24 16.38
CA PHE A 421 15.86 5.89 17.05
C PHE A 421 15.16 4.93 17.99
N SER A 422 15.00 3.67 17.59
CA SER A 422 14.43 2.69 18.50
C SER A 422 15.21 2.64 19.80
N ILE A 423 16.53 2.45 19.72
CA ILE A 423 17.35 2.36 20.92
C ILE A 423 17.16 3.61 21.77
N PHE A 424 17.52 4.78 21.23
CA PHE A 424 17.64 5.97 22.09
C PHE A 424 16.27 6.52 22.47
N GLY A 425 15.38 6.73 21.49
CA GLY A 425 14.05 7.20 21.80
C GLY A 425 13.25 6.25 22.65
N GLY A 426 13.41 4.93 22.42
CA GLY A 426 12.71 3.96 23.25
C GLY A 426 13.22 3.95 24.67
N THR A 427 14.52 4.11 24.87
CA THR A 427 15.03 4.23 26.24
C THR A 427 14.47 5.48 26.92
N ALA A 428 14.44 6.60 26.20
CA ALA A 428 13.89 7.82 26.79
C ALA A 428 12.41 7.66 27.13
N ILE A 429 11.64 7.05 26.23
CA ILE A 429 10.21 6.87 26.47
C ILE A 429 9.97 5.88 27.60
N VAL A 430 10.80 4.84 27.69
CA VAL A 430 10.67 3.88 28.78
C VAL A 430 10.97 4.55 30.11
N PHE A 431 11.93 5.46 30.13
CA PHE A 431 12.16 6.25 31.34
C PHE A 431 10.93 7.08 31.67
N GLU A 432 10.36 7.76 30.67
CA GLU A 432 9.17 8.58 30.91
C GLU A 432 8.04 7.74 31.51
N GLN A 433 7.79 6.56 30.95
CA GLN A 433 6.70 5.73 31.42
C GLN A 433 6.93 5.25 32.85
N ASN A 434 8.18 5.05 33.24
CA ASN A 434 8.53 4.47 34.54
C ASN A 434 8.72 5.52 35.62
N GLY A 435 8.43 6.79 35.34
CA GLY A 435 8.53 7.83 36.34
C GLY A 435 9.73 8.73 36.14
N GLU A 436 10.88 8.14 35.79
CA GLU A 436 12.05 8.95 35.50
C GLU A 436 11.79 9.84 34.30
N SER A 437 12.39 11.02 34.30
CA SER A 437 12.24 11.95 33.20
C SER A 437 13.59 12.59 32.94
N ILE A 438 14.21 12.24 31.80
CA ILE A 438 15.43 12.92 31.38
C ILE A 438 15.14 14.24 30.70
N TRP A 439 13.87 14.67 30.67
CA TRP A 439 13.54 15.97 30.09
C TRP A 439 14.27 17.09 30.81
N GLY A 440 14.28 17.05 32.14
CA GLY A 440 14.97 18.08 32.90
C GLY A 440 14.40 19.44 32.60
N ASP A 441 15.29 20.40 32.31
CA ASP A 441 14.87 21.75 31.95
C ASP A 441 14.22 21.81 30.57
N GLY A 442 14.29 20.74 29.79
CA GLY A 442 13.69 20.71 28.47
C GLY A 442 14.59 21.13 27.32
N ALA A 443 15.84 21.48 27.60
CA ALA A 443 16.76 21.84 26.54
C ALA A 443 17.09 20.62 25.70
N ALA A 444 16.99 20.75 24.38
CA ALA A 444 17.24 19.62 23.49
C ALA A 444 18.68 19.13 23.62
N GLU A 445 19.63 20.07 23.60
CA GLU A 445 21.04 19.69 23.60
C GLU A 445 21.44 18.88 24.83
N GLU A 446 20.68 19.00 25.91
CA GLU A 446 21.00 18.30 27.15
C GLU A 446 20.31 16.95 27.28
N GLN A 447 19.49 16.55 26.30
CA GLN A 447 18.72 15.33 26.45
C GLN A 447 19.62 14.10 26.47
N LEU A 448 20.53 13.99 25.48
CA LEU A 448 21.32 12.78 25.34
C LEU A 448 22.16 12.52 26.58
N PHE A 449 22.83 13.56 27.08
CA PHE A 449 23.64 13.40 28.27
C PHE A 449 22.80 13.18 29.52
N GLY A 450 21.53 13.58 29.48
CA GLY A 450 20.61 13.13 30.51
C GLY A 450 20.31 11.65 30.42
N LEU A 451 20.24 11.13 29.18
CA LEU A 451 19.95 9.71 28.99
C LEU A 451 21.13 8.86 29.42
N LEU A 452 22.34 9.22 29.01
CA LEU A 452 23.51 8.43 29.37
C LEU A 452 23.79 8.49 30.86
N HIS A 453 23.69 9.68 31.46
CA HIS A 453 23.96 9.81 32.89
C HIS A 453 22.89 9.14 33.75
N ALA A 454 21.78 8.70 33.16
CA ALA A 454 20.76 7.94 33.88
C ALA A 454 21.02 6.44 33.84
N LEU A 455 22.13 6.00 33.27
CA LEU A 455 22.46 4.59 33.13
C LEU A 455 23.79 4.30 33.82
N PRO A 456 23.97 3.12 34.41
CA PRO A 456 25.26 2.83 35.06
C PRO A 456 26.40 2.83 34.06
N GLY A 457 27.54 3.37 34.48
CA GLY A 457 28.68 3.48 33.60
C GLY A 457 28.55 4.56 32.55
N GLY A 458 27.52 5.38 32.61
CA GLY A 458 27.28 6.40 31.60
C GLY A 458 28.11 7.65 31.74
N GLN A 459 28.82 7.82 32.86
CA GLN A 459 29.68 8.98 33.01
C GLN A 459 30.79 8.97 31.97
N ILE A 460 31.38 7.80 31.71
CA ILE A 460 32.42 7.70 30.69
C ILE A 460 31.81 7.72 29.30
N MET A 461 30.60 7.18 29.13
CA MET A 461 29.97 7.19 27.82
C MET A 461 29.50 8.58 27.42
N GLY A 462 29.28 9.48 28.36
CA GLY A 462 29.08 10.87 28.00
C GLY A 462 30.31 11.48 27.38
N ILE A 463 31.49 11.18 27.94
CA ILE A 463 32.74 11.67 27.35
C ILE A 463 32.95 11.05 25.98
N ILE A 464 32.63 9.77 25.84
CA ILE A 464 32.76 9.12 24.53
C ILE A 464 31.78 9.75 23.53
N ALA A 465 30.60 10.15 24.01
CA ALA A 465 29.64 10.83 23.14
C ALA A 465 30.17 12.18 22.68
N MET A 466 30.82 12.92 23.59
CA MET A 466 31.43 14.19 23.18
C MET A 466 32.52 13.98 22.15
N ILE A 467 33.36 12.96 22.36
CA ILE A 467 34.41 12.67 21.38
C ILE A 467 33.81 12.26 20.04
N LEU A 468 32.72 11.48 20.07
CA LEU A 468 32.06 11.08 18.84
C LEU A 468 31.48 12.28 18.11
N LEU A 469 30.87 13.20 18.85
CA LEU A 469 30.38 14.42 18.23
C LEU A 469 31.51 15.21 17.60
N GLY A 470 32.66 15.29 18.27
CA GLY A 470 33.79 15.99 17.69
C GLY A 470 34.27 15.36 16.40
N THR A 471 34.41 14.03 16.40
CA THR A 471 34.85 13.35 15.18
C THR A 471 33.83 13.50 14.06
N PHE A 472 32.54 13.44 14.39
CA PHE A 472 31.52 13.69 13.39
C PHE A 472 31.64 15.09 12.82
N PHE A 473 31.85 16.08 13.69
CA PHE A 473 32.05 17.45 13.23
C PHE A 473 33.18 17.52 12.21
N ILE A 474 34.34 16.96 12.57
CA ILE A 474 35.50 17.07 11.70
C ILE A 474 35.24 16.38 10.37
N THR A 475 34.78 15.12 10.42
CA THR A 475 34.63 14.35 9.18
C THR A 475 33.54 14.94 8.30
N SER A 476 32.41 15.36 8.88
CA SER A 476 31.33 15.95 8.09
C SER A 476 31.77 17.25 7.45
N ALA A 477 32.47 18.11 8.19
CA ALA A 477 32.97 19.34 7.59
C ALA A 477 33.92 19.02 6.44
N ASP A 478 34.80 18.04 6.62
CA ASP A 478 35.74 17.71 5.56
C ASP A 478 35.03 17.18 4.31
N SER A 479 34.05 16.29 4.50
CA SER A 479 33.36 15.73 3.34
C SER A 479 32.54 16.79 2.60
N ALA A 480 31.78 17.60 3.34
CA ALA A 480 31.00 18.64 2.71
C ALA A 480 31.90 19.62 1.98
N SER A 481 33.02 20.00 2.60
CA SER A 481 33.93 20.94 1.95
C SER A 481 34.60 20.33 0.72
N THR A 482 34.89 19.03 0.75
CA THR A 482 35.42 18.37 -0.43
C THR A 482 34.44 18.42 -1.59
N VAL A 483 33.16 18.13 -1.32
CA VAL A 483 32.18 18.20 -2.38
C VAL A 483 32.00 19.63 -2.87
N MET A 484 32.04 20.61 -1.95
CA MET A 484 31.95 22.01 -2.36
C MET A 484 33.12 22.41 -3.24
N GLY A 485 34.33 21.97 -2.89
CA GLY A 485 35.49 22.25 -3.73
C GLY A 485 35.39 21.61 -5.09
N THR A 486 34.80 20.41 -5.15
CA THR A 486 34.52 19.80 -6.45
C THR A 486 33.56 20.67 -7.27
N MET A 487 32.47 21.12 -6.64
CA MET A 487 31.46 21.87 -7.37
C MET A 487 31.94 23.25 -7.81
N SER A 488 33.03 23.75 -7.24
CA SER A 488 33.57 25.05 -7.59
C SER A 488 34.81 24.95 -8.48
N GLN A 489 35.09 23.77 -9.04
CA GLN A 489 36.26 23.55 -9.88
C GLN A 489 35.89 22.70 -11.08
N HIS A 490 34.74 22.98 -11.68
CA HIS A 490 34.27 22.29 -12.87
C HIS A 490 34.17 20.78 -12.65
N GLY A 491 33.72 20.40 -11.47
CA GLY A 491 33.50 18.99 -11.17
C GLY A 491 34.75 18.15 -11.16
N GLN A 492 35.87 18.70 -10.69
CA GLN A 492 37.08 17.91 -10.53
C GLN A 492 36.95 16.97 -9.35
N LEU A 493 37.40 15.73 -9.54
CA LEU A 493 37.25 14.72 -8.50
C LEU A 493 38.00 15.11 -7.24
N GLU A 494 39.22 15.64 -7.38
CA GLU A 494 40.00 16.15 -6.28
C GLU A 494 40.24 17.63 -6.49
N ALA A 495 39.89 18.44 -5.50
CA ALA A 495 39.95 19.89 -5.60
C ALA A 495 41.15 20.42 -4.85
N ASN A 496 41.42 21.71 -5.05
CA ASN A 496 42.54 22.37 -4.40
C ASN A 496 42.39 22.29 -2.88
N LYS A 497 43.52 22.10 -2.19
CA LYS A 497 43.48 22.03 -0.73
C LYS A 497 42.92 23.32 -0.14
N TRP A 498 43.38 24.46 -0.65
CA TRP A 498 43.02 25.74 -0.05
C TRP A 498 41.54 26.04 -0.24
N VAL A 499 40.98 25.69 -1.40
CA VAL A 499 39.56 25.94 -1.63
C VAL A 499 38.71 25.08 -0.70
N THR A 500 39.08 23.81 -0.53
CA THR A 500 38.35 22.95 0.41
C THR A 500 38.44 23.49 1.83
N ALA A 501 39.64 23.91 2.25
CA ALA A 501 39.78 24.47 3.58
C ALA A 501 38.93 25.73 3.75
N ALA A 502 38.92 26.59 2.74
CA ALA A 502 38.12 27.80 2.81
C ALA A 502 36.63 27.48 2.91
N TRP A 503 36.16 26.52 2.14
CA TRP A 503 34.73 26.20 2.18
C TRP A 503 34.35 25.59 3.53
N GLY A 504 35.18 24.71 4.07
CA GLY A 504 34.89 24.16 5.38
C GLY A 504 34.87 25.20 6.47
N VAL A 505 35.85 26.12 6.45
CA VAL A 505 35.87 27.20 7.44
C VAL A 505 34.66 28.10 7.26
N ALA A 506 34.22 28.31 6.02
CA ALA A 506 33.04 29.14 5.78
C ALA A 506 31.79 28.50 6.37
N THR A 507 31.62 27.18 6.18
CA THR A 507 30.48 26.51 6.79
C THR A 507 30.55 26.59 8.31
N ALA A 508 31.74 26.40 8.88
CA ALA A 508 31.87 26.50 10.33
C ALA A 508 31.53 27.90 10.81
N ALA A 509 31.97 28.93 10.08
CA ALA A 509 31.67 30.30 10.45
C ALA A 509 30.18 30.59 10.38
N ILE A 510 29.50 30.07 9.36
CA ILE A 510 28.05 30.25 9.28
C ILE A 510 27.36 29.58 10.46
N GLY A 511 27.77 28.36 10.79
CA GLY A 511 27.15 27.68 11.93
C GLY A 511 27.37 28.42 13.23
N LEU A 512 28.59 28.89 13.46
CA LEU A 512 28.88 29.67 14.66
C LEU A 512 28.09 30.96 14.69
N THR A 513 27.94 31.62 13.53
CA THR A 513 27.14 32.84 13.46
C THR A 513 25.70 32.56 13.83
N LEU A 514 25.13 31.46 13.32
CA LEU A 514 23.76 31.12 13.66
C LEU A 514 23.61 30.89 15.16
N LEU A 515 24.53 30.11 15.74
CA LEU A 515 24.44 29.82 17.17
C LEU A 515 24.56 31.08 18.00
N LEU A 516 25.49 31.97 17.65
CA LEU A 516 25.71 33.17 18.46
C LEU A 516 24.59 34.18 18.27
N SER A 517 24.09 34.35 17.05
CA SER A 517 23.00 35.29 16.81
C SER A 517 21.71 34.81 17.46
N GLY A 518 21.50 33.50 17.52
CA GLY A 518 20.30 33.01 18.17
C GLY A 518 20.24 33.40 19.63
N GLY A 519 21.35 33.28 20.34
CA GLY A 519 21.39 33.66 21.74
C GLY A 519 20.70 32.62 22.60
N ASP A 520 19.74 33.07 23.41
CA ASP A 520 19.03 32.14 24.27
C ASP A 520 18.24 31.12 23.46
N ASN A 521 17.85 31.47 22.24
CA ASN A 521 17.14 30.57 21.33
C ASN A 521 18.05 30.37 20.11
N ALA A 522 18.94 29.38 20.20
CA ALA A 522 19.88 29.09 19.12
C ALA A 522 19.32 28.08 18.14
N LEU A 523 18.64 27.05 18.64
CA LEU A 523 18.09 26.03 17.76
C LEU A 523 17.04 26.63 16.82
N SER A 524 16.21 27.55 17.34
CA SER A 524 15.19 28.17 16.51
C SER A 524 15.80 28.98 15.38
N ASN A 525 16.83 29.78 15.68
CA ASN A 525 17.48 30.57 14.64
C ASN A 525 18.14 29.67 13.61
N LEU A 526 18.79 28.60 14.08
CA LEU A 526 19.39 27.63 13.17
C LEU A 526 18.34 27.07 12.22
N GLN A 527 17.20 26.64 12.75
CA GLN A 527 16.15 26.05 11.92
C GLN A 527 15.57 27.06 10.94
N ASN A 528 15.36 28.30 11.39
CA ASN A 528 14.80 29.32 10.50
C ASN A 528 15.73 29.59 9.34
N VAL A 529 17.02 29.79 9.62
CA VAL A 529 17.95 30.06 8.53
C VAL A 529 18.07 28.85 7.62
N THR A 530 18.00 27.64 8.16
CA THR A 530 18.02 26.45 7.33
C THR A 530 16.84 26.44 6.36
N ILE A 531 15.64 26.74 6.86
CA ILE A 531 14.45 26.72 6.00
C ILE A 531 14.58 27.77 4.90
N VAL A 532 14.96 28.99 5.29
CA VAL A 532 15.05 30.06 4.30
C VAL A 532 16.09 29.74 3.24
N ALA A 533 17.25 29.19 3.65
CA ALA A 533 18.32 28.91 2.70
C ALA A 533 17.99 27.71 1.82
N ALA A 534 17.17 26.77 2.30
CA ALA A 534 16.85 25.59 1.52
C ALA A 534 15.65 25.78 0.61
N THR A 535 14.85 26.83 0.82
CA THR A 535 13.68 27.03 -0.04
C THR A 535 14.05 27.12 -1.52
N PRO A 536 15.07 27.86 -1.95
CA PRO A 536 15.34 27.94 -3.39
C PRO A 536 15.67 26.61 -4.04
N PHE A 537 16.28 25.67 -3.31
CA PHE A 537 16.73 24.41 -3.91
C PHE A 537 15.62 23.38 -4.05
N LEU A 538 14.46 23.58 -3.43
CA LEU A 538 13.33 22.69 -3.65
C LEU A 538 12.95 22.68 -5.12
N PHE A 539 12.97 23.86 -5.76
CA PHE A 539 12.64 23.95 -7.18
C PHE A 539 13.73 23.33 -8.04
N VAL A 540 15.00 23.44 -7.62
CA VAL A 540 16.07 22.77 -8.35
C VAL A 540 15.86 21.27 -8.33
N VAL A 541 15.49 20.70 -7.18
CA VAL A 541 15.24 19.27 -7.11
C VAL A 541 14.03 18.90 -7.97
N ILE A 542 12.98 19.73 -7.94
CA ILE A 542 11.79 19.43 -8.74
C ILE A 542 12.14 19.40 -10.23
N GLY A 543 12.91 20.39 -10.69
CA GLY A 543 13.36 20.37 -12.07
C GLY A 543 14.29 19.22 -12.37
N LEU A 544 15.08 18.81 -11.38
CA LEU A 544 15.97 17.66 -11.55
C LEU A 544 15.19 16.38 -11.78
N MET A 545 13.99 16.28 -11.22
CA MET A 545 13.13 15.12 -11.55
C MET A 545 12.87 15.03 -13.05
N PHE A 546 12.45 16.15 -13.65
CA PHE A 546 12.18 16.19 -15.09
C PHE A 546 13.45 15.90 -15.88
N ALA A 547 14.57 16.51 -15.47
CA ALA A 547 15.82 16.29 -16.17
C ALA A 547 16.21 14.82 -16.13
N LEU A 548 16.06 14.17 -14.98
CA LEU A 548 16.41 12.77 -14.85
C LEU A 548 15.54 11.90 -15.74
N VAL A 549 14.23 12.17 -15.77
CA VAL A 549 13.34 11.36 -16.60
C VAL A 549 13.71 11.53 -18.07
N LYS A 550 13.95 12.76 -18.51
CA LYS A 550 14.32 12.97 -19.92
C LYS A 550 15.65 12.31 -20.24
N ASP A 551 16.62 12.37 -19.32
CA ASP A 551 17.91 11.74 -19.56
C ASP A 551 17.77 10.23 -19.67
N LEU A 552 16.98 9.62 -18.80
CA LEU A 552 16.82 8.17 -18.84
C LEU A 552 16.06 7.75 -20.09
N SER A 553 15.07 8.54 -20.51
CA SER A 553 14.31 8.20 -21.71
C SER A 553 15.21 8.20 -22.94
N ASN A 554 16.08 9.21 -23.06
CA ASN A 554 16.97 9.33 -24.21
C ASN A 554 18.25 8.51 -24.02
N ASP A 555 18.09 7.23 -23.69
CA ASP A 555 19.22 6.34 -23.53
C ASP A 555 19.51 5.66 -24.87
N VAL A 556 20.76 5.22 -25.03
CA VAL A 556 21.16 4.62 -26.30
C VAL A 556 20.36 3.35 -26.57
N ILE A 557 20.06 2.58 -25.52
CA ILE A 557 19.38 1.32 -25.71
C ILE A 557 17.93 1.50 -26.13
N TYR A 558 17.35 2.69 -25.93
CA TYR A 558 15.95 2.95 -26.22
C TYR A 558 15.74 3.76 -27.49
N LEU A 559 16.79 4.05 -28.26
CA LEU A 559 16.65 4.95 -29.39
C LEU A 559 15.82 4.32 -30.51
N GLU A 560 16.13 3.07 -30.88
CA GLU A 560 15.46 2.45 -32.01
C GLU A 560 13.96 2.30 -31.76
N TYR A 561 13.59 1.85 -30.57
CA TYR A 561 12.18 1.70 -30.25
C TYR A 561 11.46 3.04 -30.32
N ARG A 562 12.06 4.10 -29.77
CA ARG A 562 11.43 5.41 -29.80
C ARG A 562 11.28 5.93 -31.22
N GLU A 563 12.29 5.70 -32.07
CA GLU A 563 12.17 6.15 -33.46
C GLU A 563 11.08 5.36 -34.20
N GLN A 564 10.99 4.06 -33.95
CA GLN A 564 9.91 3.28 -34.55
C GLN A 564 8.55 3.83 -34.13
N GLN A 565 8.39 4.10 -32.83
CA GLN A 565 7.12 4.62 -32.35
C GLN A 565 6.81 5.98 -32.95
N ARG A 566 7.82 6.85 -33.08
CA ARG A 566 7.58 8.17 -33.66
C ARG A 566 7.16 8.05 -35.12
N PHE A 567 7.83 7.19 -35.89
CA PHE A 567 7.48 7.02 -37.29
C PHE A 567 6.06 6.49 -37.44
N ASN A 568 5.72 5.45 -36.67
CA ASN A 568 4.38 4.89 -36.74
C ASN A 568 3.35 5.92 -36.31
N ALA A 569 3.66 6.74 -35.30
CA ALA A 569 2.71 7.73 -34.83
C ALA A 569 2.46 8.79 -35.88
N ARG A 570 3.51 9.23 -36.58
CA ARG A 570 3.31 10.17 -37.68
C ARG A 570 2.44 9.55 -38.77
N LEU A 571 2.69 8.28 -39.10
CA LEU A 571 1.87 7.63 -40.11
C LEU A 571 0.40 7.56 -39.69
N ALA A 572 0.15 7.18 -38.44
CA ALA A 572 -1.23 7.09 -37.96
C ALA A 572 -1.91 8.46 -37.93
N ARG A 573 -1.17 9.50 -37.53
CA ARG A 573 -1.74 10.84 -37.50
C ARG A 573 -2.10 11.31 -38.90
N GLU A 574 -1.23 11.10 -39.89
CA GLU A 574 -1.59 11.50 -41.24
C GLU A 574 -2.76 10.67 -41.76
N ARG A 575 -2.82 9.39 -41.38
CA ARG A 575 -3.92 8.54 -41.80
C ARG A 575 -5.26 9.08 -41.27
N ARG A 576 -5.32 9.42 -39.98
CA ARG A 576 -6.58 9.89 -39.42
C ARG A 576 -6.90 11.30 -39.92
N VAL A 577 -5.89 12.13 -40.19
CA VAL A 577 -6.16 13.42 -40.81
C VAL A 577 -6.80 13.24 -42.17
N HIS A 578 -6.27 12.31 -42.97
CA HIS A 578 -6.87 12.04 -44.28
C HIS A 578 -8.28 11.49 -44.12
N ASN A 579 -8.51 10.62 -43.13
CA ASN A 579 -9.85 10.08 -42.90
C ASN A 579 -10.84 11.20 -42.58
N GLU A 580 -10.43 12.15 -41.74
CA GLU A 580 -11.30 13.30 -41.45
C GLU A 580 -11.50 14.13 -42.71
N HIS A 581 -10.47 14.26 -43.54
CA HIS A 581 -10.62 15.00 -44.80
C HIS A 581 -11.67 14.35 -45.69
N ARG A 582 -11.72 13.02 -45.71
CA ARG A 582 -12.70 12.31 -46.53
C ARG A 582 -14.12 12.74 -46.15
N LYS A 583 -14.53 12.46 -44.92
CA LYS A 583 -15.86 12.83 -44.45
C LYS A 583 -15.85 13.04 -42.94
N ALA B 64 14.41 -46.06 1.53
CA ALA B 64 15.46 -45.52 2.39
C ALA B 64 15.36 -46.12 3.79
N SER B 65 16.34 -45.79 4.63
CA SER B 65 16.40 -46.29 6.00
C SER B 65 15.80 -45.28 6.96
N LEU B 66 15.61 -45.71 8.20
CA LEU B 66 15.06 -44.86 9.24
C LEU B 66 16.17 -44.02 9.88
N ASN B 67 15.93 -42.71 9.99
CA ASN B 67 16.89 -41.80 10.60
C ASN B 67 16.71 -41.85 12.12
N TRP B 68 17.24 -42.92 12.72
CA TRP B 68 17.07 -43.11 14.16
C TRP B 68 17.70 -41.98 14.95
N SER B 69 18.77 -41.37 14.42
CA SER B 69 19.40 -40.25 15.10
C SER B 69 18.46 -39.05 15.21
N VAL B 70 17.44 -38.99 14.38
CA VAL B 70 16.44 -37.93 14.45
C VAL B 70 15.15 -38.40 15.12
N ILE B 71 14.84 -39.69 15.06
CA ILE B 71 13.64 -40.20 15.75
C ILE B 71 13.85 -40.19 17.26
N VAL B 72 15.01 -40.68 17.72
CA VAL B 72 15.21 -40.92 19.15
C VAL B 72 15.18 -39.61 19.93
N PRO B 73 15.89 -38.55 19.52
CA PRO B 73 15.79 -37.30 20.29
C PRO B 73 14.38 -36.74 20.39
N ALA B 74 13.69 -36.61 19.25
CA ALA B 74 12.33 -36.07 19.26
C ALA B 74 11.39 -36.96 20.05
N LEU B 75 11.52 -38.28 19.89
CA LEU B 75 10.66 -39.19 20.63
C LEU B 75 10.90 -39.09 22.13
N VAL B 76 12.16 -38.93 22.54
CA VAL B 76 12.46 -38.79 23.96
C VAL B 76 11.86 -37.50 24.50
N ILE B 77 11.97 -36.40 23.73
CA ILE B 77 11.38 -35.14 24.16
C ILE B 77 9.88 -35.27 24.30
N VAL B 78 9.24 -35.95 23.34
CA VAL B 78 7.78 -36.11 23.37
C VAL B 78 7.38 -36.95 24.58
N LEU B 79 8.08 -38.05 24.82
CA LEU B 79 7.75 -38.89 25.97
C LEU B 79 7.95 -38.12 27.28
N ALA B 80 9.02 -37.32 27.35
CA ALA B 80 9.25 -36.51 28.55
C ALA B 80 8.10 -35.54 28.77
N THR B 81 7.67 -34.86 27.70
CA THR B 81 6.57 -33.90 27.84
C THR B 81 5.29 -34.59 28.28
N VAL B 82 4.99 -35.76 27.70
CA VAL B 82 3.78 -36.47 28.06
C VAL B 82 3.82 -36.92 29.51
N VAL B 83 4.94 -37.50 29.94
CA VAL B 83 5.05 -37.96 31.32
C VAL B 83 4.94 -36.79 32.28
N TRP B 84 5.61 -35.69 31.96
CA TRP B 84 5.55 -34.50 32.81
C TRP B 84 4.12 -33.99 32.92
N GLY B 85 3.41 -33.92 31.80
CA GLY B 85 2.05 -33.41 31.84
C GLY B 85 1.09 -34.33 32.58
N ILE B 86 1.27 -35.64 32.44
CA ILE B 86 0.31 -36.57 33.02
C ILE B 86 0.60 -36.78 34.51
N GLY B 87 1.80 -37.25 34.85
CA GLY B 87 2.08 -37.59 36.23
C GLY B 87 2.33 -36.41 37.14
N PHE B 88 2.65 -35.24 36.59
CA PHE B 88 3.07 -34.07 37.36
C PHE B 88 2.36 -32.82 36.86
N LYS B 89 1.03 -32.89 36.78
CA LYS B 89 0.24 -31.81 36.18
C LYS B 89 0.59 -30.45 36.77
N ASP B 90 0.72 -30.35 38.08
CA ASP B 90 0.95 -29.05 38.71
C ASP B 90 2.30 -28.47 38.29
N SER B 91 3.35 -29.28 38.36
CA SER B 91 4.67 -28.81 37.96
C SER B 91 4.70 -28.45 36.49
N PHE B 92 4.07 -29.27 35.64
CA PHE B 92 4.03 -28.97 34.22
C PHE B 92 3.32 -27.65 33.94
N THR B 93 2.19 -27.42 34.60
CA THR B 93 1.45 -26.18 34.39
C THR B 93 2.25 -24.98 34.86
N ASN B 94 2.91 -25.09 36.02
CA ASN B 94 3.73 -23.99 36.51
C ASN B 94 4.86 -23.69 35.55
N PHE B 95 5.54 -24.74 35.07
CA PHE B 95 6.64 -24.53 34.13
C PHE B 95 6.14 -23.91 32.83
N ALA B 96 4.99 -24.37 32.34
CA ALA B 96 4.46 -23.82 31.10
C ALA B 96 4.14 -22.35 31.26
N SER B 97 3.53 -21.96 32.40
CA SER B 97 3.24 -20.55 32.62
C SER B 97 4.51 -19.72 32.72
N SER B 98 5.51 -20.21 33.46
CA SER B 98 6.74 -19.46 33.61
C SER B 98 7.48 -19.32 32.28
N ALA B 99 7.51 -20.41 31.50
CA ALA B 99 8.17 -20.37 30.21
C ALA B 99 7.43 -19.46 29.24
N LEU B 100 6.09 -19.46 29.28
CA LEU B 100 5.34 -18.50 28.48
C LEU B 100 5.72 -17.08 28.86
N SER B 101 5.77 -16.79 30.16
CA SER B 101 6.13 -15.44 30.59
C SER B 101 7.49 -15.05 30.04
N ALA B 102 8.51 -15.89 30.25
CA ALA B 102 9.85 -15.57 29.78
C ALA B 102 9.90 -15.44 28.27
N VAL B 103 9.34 -16.42 27.56
CA VAL B 103 9.43 -16.44 26.10
C VAL B 103 8.70 -15.23 25.51
N VAL B 104 7.49 -14.95 25.99
CA VAL B 104 6.75 -13.81 25.47
C VAL B 104 7.50 -12.53 25.73
N ASP B 105 7.91 -12.32 27.00
CA ASP B 105 8.56 -11.06 27.34
C ASP B 105 9.83 -10.84 26.54
N ASN B 106 10.60 -11.90 26.29
CA ASN B 106 11.91 -11.76 25.67
C ASN B 106 11.92 -11.95 24.16
N LEU B 107 10.86 -12.50 23.56
CA LEU B 107 10.87 -12.77 22.13
C LEU B 107 9.54 -12.43 21.44
N GLY B 108 8.65 -11.68 22.07
CA GLY B 108 7.50 -11.17 21.35
C GLY B 108 7.91 -10.26 20.21
N TRP B 109 8.98 -9.51 20.40
CA TRP B 109 9.52 -8.72 19.31
C TRP B 109 9.92 -9.61 18.14
N ALA B 110 10.58 -10.74 18.42
CA ALA B 110 11.00 -11.63 17.36
C ALA B 110 9.80 -12.18 16.61
N PHE B 111 8.83 -12.70 17.34
CA PHE B 111 7.64 -13.25 16.70
C PHE B 111 6.93 -12.19 15.85
N ILE B 112 6.68 -11.02 16.44
CA ILE B 112 5.88 -10.00 15.78
C ILE B 112 6.62 -9.41 14.58
N LEU B 113 7.93 -9.19 14.70
CA LEU B 113 8.70 -8.64 13.60
C LEU B 113 8.81 -9.63 12.45
N PHE B 114 9.17 -10.87 12.75
CA PHE B 114 9.41 -11.82 11.68
C PHE B 114 8.13 -12.35 11.06
N GLY B 115 7.00 -12.27 11.77
CA GLY B 115 5.73 -12.58 11.13
C GLY B 115 5.49 -11.73 9.89
N THR B 116 5.78 -10.43 9.99
CA THR B 116 5.59 -9.54 8.85
C THR B 116 6.78 -9.55 7.90
N VAL B 117 7.97 -9.83 8.42
CA VAL B 117 9.12 -10.01 7.53
C VAL B 117 8.87 -11.15 6.57
N PHE B 118 8.21 -12.22 7.04
CA PHE B 118 7.89 -13.32 6.14
C PHE B 118 6.97 -12.88 5.01
N VAL B 119 5.96 -12.07 5.32
CA VAL B 119 5.01 -11.62 4.30
C VAL B 119 5.74 -10.76 3.26
N PHE B 120 6.52 -9.80 3.74
CA PHE B 120 7.28 -8.96 2.83
C PHE B 120 8.22 -9.80 1.97
N PHE B 121 8.91 -10.76 2.60
CA PHE B 121 9.89 -11.58 1.89
C PHE B 121 9.24 -12.40 0.79
N ILE B 122 8.12 -13.05 1.09
CA ILE B 122 7.49 -13.91 0.09
C ILE B 122 6.91 -13.07 -1.03
N VAL B 123 6.35 -11.90 -0.71
CA VAL B 123 5.81 -11.03 -1.76
C VAL B 123 6.94 -10.58 -2.70
N VAL B 124 8.06 -10.14 -2.14
CA VAL B 124 9.15 -9.66 -3.00
C VAL B 124 9.75 -10.81 -3.79
N ILE B 125 9.82 -12.01 -3.20
CA ILE B 125 10.34 -13.15 -3.94
C ILE B 125 9.43 -13.47 -5.13
N ALA B 126 8.12 -13.42 -4.92
CA ALA B 126 7.20 -13.64 -6.04
C ALA B 126 7.35 -12.56 -7.10
N ALA B 127 7.51 -11.31 -6.69
CA ALA B 127 7.56 -10.19 -7.62
C ALA B 127 8.93 -10.01 -8.25
N SER B 128 9.94 -10.76 -7.84
CA SER B 128 11.29 -10.61 -8.35
C SER B 128 11.50 -11.52 -9.56
N LYS B 129 12.75 -11.64 -10.00
CA LYS B 129 13.07 -12.49 -11.15
C LYS B 129 12.93 -13.97 -10.84
N PHE B 130 12.91 -14.35 -9.56
CA PHE B 130 12.76 -15.75 -9.19
C PHE B 130 11.35 -16.26 -9.44
N GLY B 131 10.38 -15.37 -9.62
CA GLY B 131 9.01 -15.80 -9.85
C GLY B 131 8.86 -16.63 -11.10
N THR B 132 9.72 -16.40 -12.10
CA THR B 132 9.63 -17.14 -13.35
C THR B 132 10.17 -18.55 -13.24
N ILE B 133 11.00 -18.84 -12.23
CA ILE B 133 11.54 -20.18 -12.08
C ILE B 133 10.39 -21.17 -11.88
N ARG B 134 10.57 -22.38 -12.40
CA ARG B 134 9.56 -23.44 -12.31
C ARG B 134 10.06 -24.53 -11.39
N LEU B 135 9.18 -24.99 -10.50
CA LEU B 135 9.53 -26.00 -9.50
C LEU B 135 9.65 -27.34 -10.19
N GLY B 136 10.78 -27.55 -10.84
CA GLY B 136 11.05 -28.77 -11.56
C GLY B 136 11.99 -28.50 -12.71
N ARG B 137 12.02 -29.45 -13.65
CA ARG B 137 12.84 -29.28 -14.84
C ARG B 137 12.42 -28.02 -15.58
N ILE B 138 13.36 -27.44 -16.32
CA ILE B 138 13.03 -26.25 -17.08
C ILE B 138 11.94 -26.60 -18.08
N ASP B 139 11.16 -25.59 -18.45
CA ASP B 139 10.05 -25.78 -19.38
C ASP B 139 9.13 -26.93 -18.99
N GLU B 140 8.98 -27.16 -17.70
CA GLU B 140 8.13 -28.23 -17.23
C GLU B 140 6.71 -27.72 -16.98
N ALA B 141 5.73 -28.58 -17.24
CA ALA B 141 4.35 -28.26 -16.98
C ALA B 141 3.84 -28.99 -15.75
N PRO B 142 2.86 -28.43 -15.05
CA PRO B 142 2.42 -29.03 -13.79
C PRO B 142 1.59 -30.29 -14.00
N GLU B 143 1.55 -31.10 -12.94
CA GLU B 143 0.86 -32.38 -12.99
C GLU B 143 -0.59 -32.30 -12.51
N PHE B 144 -0.99 -31.22 -11.85
CA PHE B 144 -2.34 -31.05 -11.35
C PHE B 144 -3.03 -29.90 -12.10
N ARG B 145 -4.33 -30.06 -12.32
CA ARG B 145 -5.12 -28.99 -12.90
C ARG B 145 -5.26 -27.86 -11.88
N THR B 146 -5.46 -26.64 -12.39
CA THR B 146 -5.54 -25.48 -11.50
C THR B 146 -6.69 -25.60 -10.53
N VAL B 147 -7.86 -26.04 -11.00
CA VAL B 147 -8.98 -26.23 -10.09
C VAL B 147 -8.67 -27.30 -9.05
N SER B 148 -8.10 -28.42 -9.50
CA SER B 148 -7.73 -29.47 -8.56
C SER B 148 -6.64 -28.99 -7.60
N TRP B 149 -5.69 -28.21 -8.09
CA TRP B 149 -4.64 -27.68 -7.23
C TRP B 149 -5.24 -26.79 -6.15
N ILE B 150 -6.18 -25.93 -6.53
CA ILE B 150 -6.83 -25.05 -5.56
C ILE B 150 -7.62 -25.87 -4.55
N SER B 151 -8.35 -26.89 -5.02
CA SER B 151 -9.14 -27.71 -4.11
C SER B 151 -8.26 -28.45 -3.12
N MET B 152 -7.10 -28.93 -3.56
CA MET B 152 -6.21 -29.71 -2.70
C MET B 152 -5.61 -28.89 -1.57
N MET B 153 -5.70 -27.57 -1.62
CA MET B 153 -5.18 -26.72 -0.54
C MET B 153 -6.12 -26.65 0.65
N PHE B 154 -7.37 -27.08 0.50
CA PHE B 154 -8.29 -27.11 1.63
C PHE B 154 -7.80 -28.07 2.71
N ALA B 155 -7.17 -29.18 2.31
CA ALA B 155 -6.68 -30.17 3.26
C ALA B 155 -5.50 -29.67 4.08
N ALA B 156 -4.90 -28.53 3.71
CA ALA B 156 -3.81 -27.96 4.49
C ALA B 156 -4.29 -26.92 5.49
N GLY B 157 -5.40 -26.24 5.21
CA GLY B 157 -5.87 -25.20 6.10
C GLY B 157 -6.33 -25.73 7.43
N GLU B 158 -6.69 -24.80 8.31
CA GLU B 158 -7.18 -25.16 9.64
C GLU B 158 -8.67 -25.44 9.57
N GLY B 159 -9.01 -26.72 9.41
CA GLY B 159 -10.38 -27.12 9.66
C GLY B 159 -10.75 -26.95 11.11
N ILE B 160 -9.93 -27.48 12.01
CA ILE B 160 -10.25 -27.39 13.43
C ILE B 160 -10.08 -25.97 13.94
N GLY B 161 -9.03 -25.28 13.51
CA GLY B 161 -8.83 -23.91 13.94
C GLY B 161 -9.96 -23.00 13.51
N LEU B 162 -10.39 -23.12 12.26
CA LEU B 162 -11.52 -22.33 11.79
C LEU B 162 -12.81 -22.73 12.51
N MET B 163 -13.08 -24.03 12.60
CA MET B 163 -14.28 -24.48 13.30
C MET B 163 -14.32 -24.01 14.74
N PHE B 164 -13.16 -23.82 15.35
CA PHE B 164 -13.10 -23.40 16.75
C PHE B 164 -13.22 -21.89 16.89
N TYR B 165 -12.52 -21.13 16.07
CA TYR B 165 -12.39 -19.69 16.28
C TYR B 165 -13.29 -18.85 15.39
N GLY B 166 -14.03 -19.45 14.45
CA GLY B 166 -14.83 -18.66 13.54
C GLY B 166 -15.85 -17.79 14.26
N THR B 167 -16.52 -18.34 15.25
CA THR B 167 -17.46 -17.57 16.06
C THR B 167 -16.77 -16.85 17.20
N THR B 168 -15.79 -17.50 17.82
CA THR B 168 -15.22 -16.98 19.07
C THR B 168 -14.41 -15.72 18.84
N GLU B 169 -13.52 -15.73 17.83
CA GLU B 169 -12.53 -14.65 17.72
C GLU B 169 -13.19 -13.33 17.32
N PRO B 170 -13.94 -13.24 16.23
CA PRO B 170 -14.57 -11.96 15.91
C PRO B 170 -15.54 -11.49 16.98
N LEU B 171 -16.28 -12.41 17.61
CA LEU B 171 -17.24 -12.01 18.63
C LEU B 171 -16.54 -11.49 19.88
N THR B 172 -15.49 -12.18 20.34
CA THR B 172 -14.79 -11.71 21.54
C THR B 172 -14.04 -10.41 21.27
N PHE B 173 -13.53 -10.21 20.05
CA PHE B 173 -12.93 -8.92 19.74
C PHE B 173 -13.98 -7.82 19.59
N TYR B 174 -15.19 -8.16 19.16
CA TYR B 174 -16.27 -7.18 19.11
C TYR B 174 -16.69 -6.77 20.52
N ARG B 175 -16.80 -7.74 21.42
CA ARG B 175 -17.26 -7.44 22.78
C ARG B 175 -16.19 -6.74 23.59
N ASN B 176 -15.04 -7.40 23.77
CA ASN B 176 -13.99 -6.85 24.63
C ASN B 176 -13.12 -5.82 23.94
N GLY B 177 -13.09 -5.80 22.61
CA GLY B 177 -12.18 -4.94 21.89
C GLY B 177 -10.79 -5.53 21.82
N VAL B 178 -9.88 -4.73 21.25
CA VAL B 178 -8.48 -5.11 21.13
C VAL B 178 -7.63 -3.92 21.59
N PRO B 179 -6.37 -4.16 21.94
CA PRO B 179 -5.52 -3.06 22.40
C PRO B 179 -5.46 -1.93 21.37
N GLY B 180 -5.60 -0.70 21.85
CA GLY B 180 -5.60 0.46 20.99
C GLY B 180 -6.93 0.76 20.34
N HIS B 181 -7.99 0.05 20.70
CA HIS B 181 -9.29 0.24 20.08
C HIS B 181 -10.38 0.07 21.13
N ASP B 182 -11.55 0.62 20.84
CA ASP B 182 -12.69 0.56 21.73
C ASP B 182 -13.54 -0.68 21.46
N GLU B 183 -14.48 -0.93 22.36
CA GLU B 183 -15.37 -2.07 22.21
C GLU B 183 -16.39 -1.83 21.11
N HIS B 184 -17.06 -2.90 20.71
CA HIS B 184 -18.19 -2.84 19.79
C HIS B 184 -17.82 -2.11 18.50
N ASN B 185 -16.81 -2.67 17.82
CA ASN B 185 -16.35 -2.17 16.53
C ASN B 185 -16.28 -3.36 15.59
N VAL B 186 -17.21 -3.43 14.64
CA VAL B 186 -17.29 -4.58 13.75
C VAL B 186 -16.08 -4.61 12.81
N GLY B 187 -15.72 -3.45 12.27
CA GLY B 187 -14.59 -3.42 11.35
C GLY B 187 -13.31 -3.88 11.99
N VAL B 188 -13.04 -3.39 13.20
CA VAL B 188 -11.82 -3.80 13.92
C VAL B 188 -11.87 -5.29 14.23
N ALA B 189 -13.01 -5.79 14.69
CA ALA B 189 -13.13 -7.20 15.03
C ALA B 189 -12.82 -8.09 13.82
N MET B 190 -13.47 -7.81 12.69
CA MET B 190 -13.26 -8.62 11.51
C MET B 190 -11.84 -8.45 10.96
N SER B 191 -11.30 -7.23 11.00
CA SER B 191 -9.96 -7.00 10.48
C SER B 191 -8.91 -7.75 11.28
N THR B 192 -9.00 -7.72 12.62
CA THR B 192 -8.02 -8.43 13.42
C THR B 192 -8.31 -9.91 13.53
N THR B 193 -9.50 -10.37 13.13
CA THR B 193 -9.68 -11.80 12.90
C THR B 193 -9.01 -12.23 11.61
N MET B 194 -9.08 -11.38 10.57
CA MET B 194 -8.43 -11.69 9.31
C MET B 194 -6.91 -11.55 9.40
N PHE B 195 -6.41 -10.76 10.34
CA PHE B 195 -4.97 -10.60 10.49
C PHE B 195 -4.31 -11.93 10.80
N HIS B 196 -4.89 -12.69 11.72
CA HIS B 196 -4.27 -13.90 12.23
C HIS B 196 -4.43 -15.11 11.31
N TRP B 197 -5.20 -14.99 10.23
CA TRP B 197 -5.67 -16.16 9.51
C TRP B 197 -5.50 -16.13 8.00
N THR B 198 -5.07 -15.01 7.41
CA THR B 198 -5.14 -14.86 5.95
C THR B 198 -3.77 -14.82 5.28
N LEU B 199 -2.92 -13.86 5.60
CA LEU B 199 -1.69 -13.65 4.84
C LEU B 199 -0.45 -14.13 5.57
N HIS B 200 -0.31 -13.78 6.85
CA HIS B 200 0.85 -14.21 7.61
C HIS B 200 1.00 -15.73 7.69
N PRO B 201 -0.02 -16.49 8.11
CA PRO B 201 0.16 -17.95 8.12
C PRO B 201 0.55 -18.51 6.78
N TRP B 202 -0.05 -18.02 5.71
CA TRP B 202 0.20 -18.54 4.39
C TRP B 202 1.46 -17.94 3.77
N ALA B 203 1.93 -16.80 4.24
CA ALA B 203 3.28 -16.37 3.90
C ALA B 203 4.32 -17.32 4.50
N ILE B 204 4.15 -17.70 5.77
CA ILE B 204 5.05 -18.68 6.37
C ILE B 204 5.00 -19.99 5.60
N TYR B 205 3.79 -20.47 5.31
CA TYR B 205 3.63 -21.73 4.62
C TYR B 205 4.22 -21.66 3.21
N ALA B 206 4.03 -20.54 2.52
CA ALA B 206 4.62 -20.37 1.21
C ALA B 206 6.13 -20.42 1.27
N ILE B 207 6.73 -19.74 2.27
CA ILE B 207 8.18 -19.76 2.39
C ILE B 207 8.68 -21.19 2.57
N VAL B 208 8.10 -21.93 3.50
CA VAL B 208 8.59 -23.28 3.78
C VAL B 208 8.35 -24.21 2.60
N GLY B 209 7.13 -24.18 2.04
CA GLY B 209 6.81 -25.05 0.93
C GLY B 209 7.63 -24.73 -0.31
N LEU B 210 7.93 -23.45 -0.54
CA LEU B 210 8.80 -23.09 -1.64
C LEU B 210 10.22 -23.58 -1.41
N ALA B 211 10.70 -23.51 -0.17
CA ALA B 211 12.02 -24.02 0.13
C ALA B 211 12.11 -25.51 -0.20
N ILE B 212 11.17 -26.31 0.31
CA ILE B 212 11.20 -27.74 0.04
C ILE B 212 10.99 -28.01 -1.45
N ALA B 213 10.11 -27.25 -2.10
CA ALA B 213 9.84 -27.49 -3.52
C ALA B 213 11.07 -27.23 -4.36
N TYR B 214 11.75 -26.10 -4.15
CA TYR B 214 12.96 -25.83 -4.90
C TYR B 214 14.03 -26.86 -4.58
N SER B 215 14.17 -27.26 -3.32
CA SER B 215 15.21 -28.19 -2.96
C SER B 215 15.01 -29.55 -3.63
N THR B 216 13.77 -30.04 -3.63
CA THR B 216 13.51 -31.41 -4.08
C THR B 216 13.22 -31.52 -5.57
N PHE B 217 12.53 -30.55 -6.16
CA PHE B 217 12.18 -30.64 -7.58
C PHE B 217 13.25 -30.01 -8.46
N ARG B 218 13.64 -28.78 -8.17
CA ARG B 218 14.60 -28.08 -9.03
C ARG B 218 16.00 -28.65 -8.87
N VAL B 219 16.43 -28.88 -7.63
CA VAL B 219 17.80 -29.33 -7.37
C VAL B 219 17.90 -30.83 -7.14
N GLY B 220 16.78 -31.52 -6.91
CA GLY B 220 16.81 -32.96 -6.77
C GLY B 220 17.36 -33.46 -5.45
N ARG B 221 17.29 -32.65 -4.40
CA ARG B 221 17.77 -33.05 -3.09
C ARG B 221 16.69 -33.86 -2.36
N LYS B 222 17.04 -34.37 -1.20
CA LYS B 222 16.07 -35.10 -0.39
C LYS B 222 14.97 -34.17 0.11
N GLN B 223 13.79 -34.74 0.33
CA GLN B 223 12.63 -33.97 0.80
C GLN B 223 12.70 -33.86 2.32
N LEU B 224 13.55 -32.94 2.78
CA LEU B 224 13.77 -32.71 4.19
C LEU B 224 13.98 -31.22 4.44
N LEU B 225 13.73 -30.80 5.69
CA LEU B 225 14.02 -29.42 6.05
C LEU B 225 15.51 -29.16 6.00
N SER B 226 16.33 -30.10 6.48
CA SER B 226 17.76 -29.89 6.51
C SER B 226 18.35 -29.71 5.12
N SER B 227 17.78 -30.41 4.13
CA SER B 227 18.28 -30.30 2.76
C SER B 227 18.15 -28.87 2.24
N ALA B 228 17.05 -28.20 2.58
CA ALA B 228 16.85 -26.83 2.15
C ALA B 228 17.92 -25.90 2.68
N PHE B 229 18.64 -26.30 3.74
CA PHE B 229 19.72 -25.52 4.30
C PHE B 229 21.07 -25.84 3.69
N VAL B 230 21.15 -26.78 2.76
CA VAL B 230 22.40 -27.16 2.12
C VAL B 230 23.11 -25.93 1.58
N PRO B 231 22.43 -24.94 0.99
CA PRO B 231 23.16 -23.75 0.52
C PRO B 231 23.97 -23.06 1.61
N LEU B 232 23.45 -22.96 2.84
CA LEU B 232 24.18 -22.28 3.90
C LEU B 232 25.20 -23.19 4.55
N ILE B 233 24.77 -24.36 5.01
CA ILE B 233 25.61 -25.24 5.80
C ILE B 233 26.28 -26.33 4.98
N GLY B 234 26.12 -26.30 3.65
CA GLY B 234 26.76 -27.29 2.81
C GLY B 234 26.21 -28.68 3.07
N GLU B 235 26.86 -29.66 2.44
CA GLU B 235 26.48 -31.06 2.67
C GLU B 235 26.95 -31.53 4.04
N LYS B 236 28.17 -31.16 4.44
CA LYS B 236 28.70 -31.58 5.73
C LYS B 236 27.73 -31.19 6.85
N GLY B 237 27.24 -29.96 6.83
CA GLY B 237 26.25 -29.56 7.82
C GLY B 237 24.95 -30.30 7.66
N ALA B 238 24.51 -30.54 6.42
CA ALA B 238 23.24 -31.19 6.18
C ALA B 238 23.24 -32.61 6.75
N GLU B 239 24.36 -33.32 6.59
CA GLU B 239 24.52 -34.65 7.17
C GLU B 239 25.14 -34.61 8.56
N GLY B 240 25.59 -33.45 9.02
CA GLY B 240 26.25 -33.33 10.30
C GLY B 240 25.26 -33.18 11.43
N TRP B 241 25.75 -32.64 12.54
CA TRP B 241 24.88 -32.44 13.70
C TRP B 241 23.87 -31.34 13.46
N LEU B 242 24.21 -30.34 12.62
CA LEU B 242 23.30 -29.22 12.42
C LEU B 242 22.08 -29.62 11.60
N GLY B 243 22.27 -30.43 10.55
CA GLY B 243 21.13 -30.93 9.82
C GLY B 243 20.24 -31.80 10.67
N LYS B 244 20.84 -32.66 11.49
CA LYS B 244 20.06 -33.48 12.41
C LYS B 244 19.27 -32.60 13.38
N LEU B 245 19.90 -31.52 13.87
CA LEU B 245 19.19 -30.62 14.77
C LEU B 245 18.01 -29.96 14.08
N ILE B 246 18.20 -29.52 12.83
CA ILE B 246 17.10 -28.90 12.10
C ILE B 246 15.96 -29.88 11.90
N ASP B 247 16.28 -31.13 11.54
CA ASP B 247 15.23 -32.13 11.34
C ASP B 247 14.52 -32.45 12.65
N ILE B 248 15.26 -32.55 13.76
CA ILE B 248 14.63 -32.81 15.05
C ILE B 248 13.70 -31.68 15.43
N LEU B 249 14.15 -30.43 15.24
CA LEU B 249 13.30 -29.29 15.55
C LEU B 249 12.05 -29.29 14.67
N ALA B 250 12.20 -29.64 13.40
CA ALA B 250 11.04 -29.72 12.52
C ALA B 250 10.03 -30.74 13.03
N ILE B 251 10.51 -31.94 13.39
CA ILE B 251 9.59 -32.97 13.87
C ILE B 251 8.90 -32.53 15.15
N ILE B 252 9.64 -31.95 16.10
CA ILE B 252 9.05 -31.54 17.36
C ILE B 252 8.03 -30.43 17.14
N ALA B 253 8.38 -29.44 16.32
CA ALA B 253 7.46 -28.34 16.04
C ALA B 253 6.19 -28.85 15.39
N THR B 254 6.32 -29.77 14.41
CA THR B 254 5.12 -30.33 13.81
C THR B 254 4.29 -31.09 14.83
N VAL B 255 4.94 -31.85 15.71
CA VAL B 255 4.21 -32.61 16.72
C VAL B 255 3.37 -31.67 17.58
N PHE B 256 3.98 -30.61 18.09
CA PHE B 256 3.25 -29.74 19.01
C PHE B 256 2.20 -28.89 18.28
N GLY B 257 2.52 -28.44 17.07
CA GLY B 257 1.54 -27.67 16.30
C GLY B 257 0.32 -28.49 15.94
N THR B 258 0.51 -29.76 15.60
CA THR B 258 -0.63 -30.62 15.30
C THR B 258 -1.38 -31.00 16.57
N ALA B 259 -0.67 -31.22 17.67
CA ALA B 259 -1.34 -31.55 18.92
C ALA B 259 -2.20 -30.41 19.41
N CYS B 260 -1.81 -29.16 19.11
CA CYS B 260 -2.67 -28.03 19.44
C CYS B 260 -4.02 -28.15 18.74
N SER B 261 -4.00 -28.44 17.43
CA SER B 261 -5.25 -28.61 16.69
C SER B 261 -6.06 -29.77 17.21
N LEU B 262 -5.40 -30.89 17.52
CA LEU B 262 -6.12 -32.04 18.03
C LEU B 262 -6.78 -31.72 19.37
N GLY B 263 -6.08 -31.00 20.24
CA GLY B 263 -6.67 -30.60 21.50
C GLY B 263 -7.87 -29.68 21.33
N LEU B 264 -7.74 -28.68 20.45
CA LEU B 264 -8.87 -27.79 20.18
C LEU B 264 -10.07 -28.58 19.66
N GLY B 265 -9.83 -29.49 18.72
CA GLY B 265 -10.92 -30.27 18.16
C GLY B 265 -11.59 -31.16 19.18
N ALA B 266 -10.80 -31.83 20.01
CA ALA B 266 -11.39 -32.68 21.04
C ALA B 266 -12.20 -31.87 22.04
N LEU B 267 -11.66 -30.72 22.44
CA LEU B 267 -12.37 -29.85 23.37
C LEU B 267 -13.71 -29.42 22.80
N GLN B 268 -13.71 -28.97 21.54
CA GLN B 268 -14.95 -28.51 20.92
C GLN B 268 -15.92 -29.66 20.68
N ILE B 269 -15.43 -30.85 20.36
CA ILE B 269 -16.34 -31.99 20.19
C ILE B 269 -16.99 -32.34 21.50
N GLY B 270 -16.24 -32.30 22.60
CA GLY B 270 -16.85 -32.50 23.91
C GLY B 270 -17.92 -31.46 24.22
N ALA B 271 -17.62 -30.19 23.91
CA ALA B 271 -18.61 -29.14 24.13
C ALA B 271 -19.86 -29.38 23.29
N GLY B 272 -19.68 -29.81 22.04
CA GLY B 272 -20.82 -30.09 21.20
C GLY B 272 -21.66 -31.24 21.71
N LEU B 273 -21.02 -32.31 22.17
CA LEU B 273 -21.75 -33.42 22.75
C LEU B 273 -22.53 -32.97 23.97
N SER B 274 -21.96 -32.06 24.77
CA SER B 274 -22.72 -31.51 25.90
C SER B 274 -23.90 -30.69 25.41
N ALA B 275 -23.74 -29.96 24.30
CA ALA B 275 -24.82 -29.12 23.79
C ALA B 275 -26.04 -29.95 23.40
N ALA B 276 -25.81 -31.12 22.81
CA ALA B 276 -26.89 -32.03 22.46
C ALA B 276 -27.32 -32.91 23.62
N ASN B 277 -26.67 -32.81 24.78
CA ASN B 277 -27.06 -33.52 26.00
C ASN B 277 -26.86 -35.03 25.86
N ILE B 278 -25.69 -35.43 25.35
CA ILE B 278 -25.36 -36.83 25.18
C ILE B 278 -23.97 -37.16 25.72
N ILE B 279 -23.47 -36.36 26.66
CA ILE B 279 -22.07 -36.40 27.04
C ILE B 279 -21.92 -36.70 28.53
N GLU B 280 -20.70 -37.07 28.92
CA GLU B 280 -20.31 -37.21 30.32
C GLU B 280 -19.03 -36.41 30.57
N ASP B 281 -18.44 -36.55 31.77
CA ASP B 281 -17.29 -35.74 32.15
C ASP B 281 -15.98 -36.22 31.53
N PRO B 282 -15.60 -37.50 31.67
CA PRO B 282 -14.29 -37.92 31.15
C PRO B 282 -14.28 -38.22 29.66
N SER B 283 -15.31 -37.77 28.94
CA SER B 283 -15.42 -38.07 27.53
C SER B 283 -14.28 -37.47 26.73
N ASP B 284 -13.64 -36.40 27.22
CA ASP B 284 -12.52 -35.81 26.51
C ASP B 284 -11.36 -36.79 26.42
N TRP B 285 -11.11 -37.55 27.49
CA TRP B 285 -10.06 -38.55 27.52
C TRP B 285 -10.56 -39.93 27.09
N THR B 286 -11.75 -40.32 27.57
CA THR B 286 -12.19 -41.70 27.39
C THR B 286 -12.83 -41.96 26.03
N ILE B 287 -13.43 -40.95 25.41
CA ILE B 287 -14.09 -41.15 24.12
C ILE B 287 -13.43 -40.27 23.06
N VAL B 288 -13.49 -38.95 23.23
CA VAL B 288 -13.24 -38.04 22.12
C VAL B 288 -11.83 -38.24 21.58
N GLY B 289 -10.84 -38.37 22.45
CA GLY B 289 -9.48 -38.54 22.01
C GLY B 289 -9.17 -39.93 21.50
N ILE B 290 -9.35 -40.94 22.36
CA ILE B 290 -8.89 -42.29 22.02
C ILE B 290 -9.72 -42.87 20.90
N VAL B 291 -11.04 -42.60 20.87
CA VAL B 291 -11.86 -43.16 19.80
C VAL B 291 -11.48 -42.54 18.46
N SER B 292 -11.46 -41.20 18.40
CA SER B 292 -11.12 -40.53 17.14
C SER B 292 -9.72 -40.88 16.67
N VAL B 293 -8.82 -41.24 17.60
CA VAL B 293 -7.48 -41.66 17.20
C VAL B 293 -7.51 -43.10 16.72
N LEU B 294 -7.82 -44.02 17.63
CA LEU B 294 -7.66 -45.45 17.33
C LEU B 294 -8.63 -45.89 16.24
N THR B 295 -9.93 -45.70 16.45
CA THR B 295 -10.90 -46.42 15.63
C THR B 295 -10.82 -46.02 14.17
N LEU B 296 -10.25 -44.86 13.85
CA LEU B 296 -10.11 -44.46 12.45
C LEU B 296 -8.68 -44.28 11.99
N ALA B 297 -7.86 -43.48 12.68
CA ALA B 297 -6.55 -43.13 12.12
C ALA B 297 -5.66 -44.36 12.00
N PHE B 298 -5.62 -45.21 13.03
CA PHE B 298 -4.76 -46.40 12.97
C PHE B 298 -5.23 -47.33 11.88
N ILE B 299 -6.54 -47.60 11.82
CA ILE B 299 -7.05 -48.52 10.81
C ILE B 299 -6.91 -47.95 9.40
N PHE B 300 -6.79 -46.63 9.27
CA PHE B 300 -6.56 -46.05 7.95
C PHE B 300 -5.08 -46.05 7.57
N SER B 301 -4.19 -46.04 8.54
CA SER B 301 -2.75 -46.01 8.25
C SER B 301 -2.16 -47.41 8.17
N ALA B 302 -2.29 -48.20 9.25
CA ALA B 302 -1.58 -49.47 9.35
C ALA B 302 -2.14 -50.52 8.40
N ILE B 303 -3.43 -50.47 8.09
CA ILE B 303 -4.05 -51.55 7.31
C ILE B 303 -3.43 -51.65 5.93
N SER B 304 -3.26 -50.50 5.26
CA SER B 304 -2.73 -50.49 3.91
C SER B 304 -2.05 -49.16 3.65
N GLY B 305 -1.26 -49.13 2.58
CA GLY B 305 -0.63 -47.87 2.19
C GLY B 305 -1.64 -46.78 1.91
N VAL B 306 -2.73 -47.13 1.25
CA VAL B 306 -3.89 -46.25 1.09
C VAL B 306 -5.11 -47.03 1.56
N GLY B 307 -5.74 -46.52 2.62
CA GLY B 307 -6.93 -47.17 3.16
C GLY B 307 -8.22 -46.82 2.46
N LYS B 308 -8.19 -45.84 1.56
CA LYS B 308 -9.34 -45.28 0.84
C LYS B 308 -10.30 -44.54 1.76
N GLY B 309 -10.01 -44.45 3.06
CA GLY B 309 -10.85 -43.69 3.97
C GLY B 309 -10.37 -42.26 4.08
N ILE B 310 -9.08 -42.03 3.83
CA ILE B 310 -8.56 -40.68 3.90
C ILE B 310 -9.09 -39.84 2.76
N GLN B 311 -9.16 -40.40 1.55
CA GLN B 311 -9.75 -39.67 0.43
C GLN B 311 -11.22 -39.38 0.68
N TYR B 312 -11.95 -40.38 1.19
CA TYR B 312 -13.37 -40.18 1.47
C TYR B 312 -13.56 -39.10 2.52
N LEU B 313 -12.75 -39.11 3.58
CA LEU B 313 -12.89 -38.09 4.62
C LEU B 313 -12.44 -36.72 4.15
N SER B 314 -11.44 -36.66 3.27
CA SER B 314 -11.00 -35.37 2.75
C SER B 314 -12.04 -34.76 1.85
N ASN B 315 -12.81 -35.58 1.13
CA ASN B 315 -13.94 -35.04 0.36
C ASN B 315 -15.12 -34.69 1.26
N ALA B 316 -15.38 -35.52 2.28
CA ALA B 316 -16.46 -35.22 3.21
C ALA B 316 -16.20 -33.93 3.96
N ASN B 317 -14.94 -33.59 4.21
CA ASN B 317 -14.62 -32.33 4.85
C ASN B 317 -15.10 -31.16 3.99
N MET B 318 -14.77 -31.20 2.70
CA MET B 318 -15.22 -30.15 1.79
C MET B 318 -16.74 -30.07 1.77
N VAL B 319 -17.40 -31.23 1.63
CA VAL B 319 -18.86 -31.23 1.51
C VAL B 319 -19.50 -30.68 2.78
N LEU B 320 -19.05 -31.15 3.95
CA LEU B 320 -19.66 -30.75 5.20
C LEU B 320 -19.38 -29.29 5.52
N ALA B 321 -18.15 -28.82 5.27
CA ALA B 321 -17.84 -27.41 5.51
C ALA B 321 -18.67 -26.51 4.61
N ALA B 322 -18.81 -26.88 3.33
CA ALA B 322 -19.64 -26.09 2.42
C ALA B 322 -21.09 -26.09 2.89
N LEU B 323 -21.60 -27.25 3.31
CA LEU B 323 -22.98 -27.34 3.75
C LEU B 323 -23.22 -26.48 4.99
N LEU B 324 -22.30 -26.52 5.95
CA LEU B 324 -22.46 -25.72 7.17
C LEU B 324 -22.38 -24.23 6.87
N ALA B 325 -21.42 -23.82 6.04
CA ALA B 325 -21.33 -22.42 5.67
C ALA B 325 -22.57 -21.96 4.94
N ILE B 326 -23.09 -22.78 4.03
CA ILE B 326 -24.28 -22.40 3.27
C ILE B 326 -25.50 -22.33 4.18
N PHE B 327 -25.62 -23.25 5.13
CA PHE B 327 -26.72 -23.19 6.08
C PHE B 327 -26.69 -21.90 6.87
N VAL B 328 -25.54 -21.58 7.46
CA VAL B 328 -25.46 -20.37 8.27
C VAL B 328 -25.63 -19.12 7.40
N PHE B 329 -25.23 -19.19 6.14
CA PHE B 329 -25.33 -18.04 5.26
C PHE B 329 -26.77 -17.77 4.85
N VAL B 330 -27.50 -18.82 4.46
CA VAL B 330 -28.87 -18.64 4.00
C VAL B 330 -29.81 -18.42 5.16
N VAL B 331 -29.74 -19.27 6.18
CA VAL B 331 -30.65 -19.15 7.32
C VAL B 331 -30.30 -17.94 8.17
N GLY B 332 -29.04 -17.54 8.19
CA GLY B 332 -28.60 -16.42 8.99
C GLY B 332 -28.89 -15.09 8.31
N PRO B 333 -28.34 -14.00 8.86
CA PRO B 333 -28.56 -12.69 8.25
C PRO B 333 -27.75 -12.51 6.97
N THR B 334 -28.29 -12.99 5.84
CA THR B 334 -27.53 -13.06 4.61
C THR B 334 -27.03 -11.68 4.18
N VAL B 335 -27.88 -10.66 4.27
CA VAL B 335 -27.48 -9.33 3.82
C VAL B 335 -26.34 -8.80 4.68
N SER B 336 -26.39 -9.04 5.98
CA SER B 336 -25.33 -8.55 6.87
C SER B 336 -24.00 -9.22 6.55
N ILE B 337 -24.03 -10.53 6.29
CA ILE B 337 -22.80 -11.24 5.92
C ILE B 337 -22.25 -10.70 4.62
N LEU B 338 -23.12 -10.49 3.64
CA LEU B 338 -22.67 -9.97 2.36
C LEU B 338 -22.13 -8.56 2.49
N ASN B 339 -22.63 -7.80 3.46
CA ASN B 339 -22.06 -6.49 3.75
C ASN B 339 -20.68 -6.62 4.40
N LEU B 340 -20.51 -7.63 5.26
CA LEU B 340 -19.25 -7.81 5.94
C LEU B 340 -18.14 -8.29 5.03
N LEU B 341 -18.48 -8.96 3.92
CA LEU B 341 -17.44 -9.40 3.00
C LEU B 341 -16.56 -8.21 2.58
N PRO B 342 -17.09 -7.22 1.86
CA PRO B 342 -16.26 -6.06 1.51
C PRO B 342 -15.77 -5.30 2.72
N GLY B 343 -16.59 -5.20 3.77
CA GLY B 343 -16.14 -4.49 4.95
C GLY B 343 -14.98 -5.17 5.64
N SER B 344 -15.04 -6.49 5.75
CA SER B 344 -13.93 -7.24 6.35
C SER B 344 -12.67 -7.08 5.53
N ILE B 345 -12.77 -7.22 4.20
CA ILE B 345 -11.58 -7.11 3.38
C ILE B 345 -10.99 -5.71 3.44
N GLY B 346 -11.84 -4.68 3.35
CA GLY B 346 -11.34 -3.32 3.37
C GLY B 346 -10.73 -2.93 4.70
N ASN B 347 -11.38 -3.30 5.80
CA ASN B 347 -10.83 -2.96 7.11
C ASN B 347 -9.62 -3.82 7.46
N TYR B 348 -9.46 -4.98 6.82
CA TYR B 348 -8.21 -5.73 6.98
C TYR B 348 -7.07 -5.05 6.23
N LEU B 349 -7.32 -4.63 4.99
CA LEU B 349 -6.28 -3.95 4.23
C LEU B 349 -5.94 -2.61 4.86
N SER B 350 -6.89 -1.96 5.51
CA SER B 350 -6.64 -0.65 6.10
C SER B 350 -5.78 -0.75 7.36
N ASN B 351 -6.03 -1.76 8.19
CA ASN B 351 -5.38 -1.90 9.49
C ASN B 351 -4.22 -2.89 9.48
N PHE B 352 -3.75 -3.30 8.30
CA PHE B 352 -2.76 -4.38 8.25
C PHE B 352 -1.48 -4.00 9.00
N PHE B 353 -0.91 -2.84 8.67
CA PHE B 353 0.36 -2.45 9.30
C PHE B 353 0.16 -1.97 10.72
N GLN B 354 -0.99 -1.37 11.03
CA GLN B 354 -1.26 -0.97 12.41
C GLN B 354 -1.26 -2.19 13.32
N MET B 355 -1.85 -3.29 12.87
CA MET B 355 -1.85 -4.52 13.64
C MET B 355 -0.49 -5.21 13.61
N ALA B 356 0.25 -5.07 12.50
CA ALA B 356 1.58 -5.67 12.42
C ALA B 356 2.56 -4.98 13.37
N GLY B 357 2.27 -3.75 13.76
CA GLY B 357 3.12 -3.01 14.67
C GLY B 357 2.62 -3.01 16.10
N ARG B 358 1.74 -3.93 16.45
CA ARG B 358 1.22 -4.04 17.80
C ARG B 358 2.16 -4.93 18.62
N THR B 359 2.87 -4.33 19.56
CA THR B 359 3.83 -5.01 20.42
C THR B 359 3.42 -4.83 21.87
N ALA B 360 4.24 -5.35 22.78
CA ALA B 360 3.97 -5.19 24.21
C ALA B 360 4.12 -3.74 24.65
N MET B 361 4.71 -2.87 23.84
CA MET B 361 4.81 -1.45 24.15
C MET B 361 3.62 -0.65 23.66
N SER B 362 2.62 -1.30 23.06
CA SER B 362 1.44 -0.63 22.55
C SER B 362 0.36 -0.55 23.61
N ALA B 363 -0.57 0.39 23.41
CA ALA B 363 -1.65 0.64 24.36
C ALA B 363 -1.09 0.99 25.73
N ASP B 364 -0.03 1.80 25.75
CA ASP B 364 0.63 2.19 27.00
C ASP B 364 1.12 0.98 27.79
N GLY B 365 1.66 -0.01 27.08
CA GLY B 365 2.26 -1.16 27.72
C GLY B 365 1.31 -2.22 28.19
N THR B 366 0.01 -2.11 27.86
CA THR B 366 -1.00 -3.04 28.34
C THR B 366 -1.37 -4.11 27.32
N ALA B 367 -0.61 -4.20 26.22
CA ALA B 367 -0.92 -5.16 25.16
C ALA B 367 -0.19 -6.49 25.31
N GLY B 368 0.65 -6.64 26.33
CA GLY B 368 1.43 -7.87 26.44
C GLY B 368 0.57 -9.09 26.69
N GLU B 369 -0.39 -8.97 27.62
CA GLU B 369 -1.26 -10.11 27.93
C GLU B 369 -2.09 -10.50 26.72
N TRP B 370 -2.67 -9.52 26.05
CA TRP B 370 -3.50 -9.78 24.88
C TRP B 370 -2.67 -10.46 23.78
N LEU B 371 -1.47 -9.93 23.53
CA LEU B 371 -0.62 -10.52 22.49
C LEU B 371 -0.23 -11.94 22.84
N GLY B 372 0.08 -12.21 24.10
CA GLY B 372 0.37 -13.56 24.50
C GLY B 372 -0.80 -14.49 24.30
N SER B 373 -2.01 -14.01 24.59
CA SER B 373 -3.20 -14.85 24.46
C SER B 373 -3.67 -15.01 23.02
N TRP B 374 -3.48 -13.98 22.18
CA TRP B 374 -4.06 -13.99 20.84
C TRP B 374 -3.01 -14.01 19.73
N THR B 375 -2.13 -13.00 19.65
CA THR B 375 -1.31 -12.88 18.45
C THR B 375 -0.06 -13.76 18.50
N ILE B 376 0.66 -13.73 19.62
CA ILE B 376 1.86 -14.56 19.71
C ILE B 376 1.49 -16.03 19.69
N PHE B 377 0.33 -16.38 20.23
CA PHE B 377 -0.13 -17.76 20.12
C PHE B 377 -0.28 -18.18 18.67
N TYR B 378 -0.89 -17.32 17.85
CA TYR B 378 -1.06 -17.66 16.44
C TYR B 378 0.27 -17.69 15.71
N TRP B 379 1.17 -16.76 16.01
CA TRP B 379 2.51 -16.81 15.43
C TRP B 379 3.15 -18.16 15.69
N ALA B 380 3.16 -18.58 16.95
CA ALA B 380 3.79 -19.85 17.31
C ALA B 380 3.08 -21.02 16.66
N TRP B 381 1.75 -20.99 16.64
CA TRP B 381 0.99 -22.08 16.03
C TRP B 381 1.32 -22.22 14.55
N TRP B 382 1.38 -21.10 13.83
CA TRP B 382 1.65 -21.19 12.41
C TRP B 382 3.08 -21.63 12.16
N ILE B 383 4.02 -21.12 12.95
CA ILE B 383 5.41 -21.53 12.79
C ILE B 383 5.56 -23.01 13.04
N SER B 384 4.84 -23.54 14.03
CA SER B 384 4.91 -24.98 14.31
C SER B 384 4.23 -25.79 13.21
N TRP B 385 3.18 -25.26 12.59
CA TRP B 385 2.58 -25.93 11.45
C TRP B 385 3.49 -25.93 10.23
N SER B 386 4.37 -24.93 10.11
CA SER B 386 5.19 -24.71 8.92
C SER B 386 5.74 -25.97 8.25
N PRO B 387 6.38 -26.91 8.95
CA PRO B 387 6.96 -28.06 8.23
C PRO B 387 5.92 -28.90 7.52
N PHE B 388 4.85 -29.28 8.22
CA PHE B 388 3.83 -30.13 7.63
C PHE B 388 3.18 -29.44 6.43
N VAL B 389 2.71 -28.21 6.62
CA VAL B 389 1.99 -27.53 5.54
C VAL B 389 2.92 -27.24 4.38
N GLY B 390 4.19 -26.93 4.66
CA GLY B 390 5.13 -26.70 3.57
C GLY B 390 5.37 -27.95 2.75
N MET B 391 5.58 -29.09 3.42
CA MET B 391 5.75 -30.34 2.68
C MET B 391 4.49 -30.67 1.87
N PHE B 392 3.31 -30.47 2.48
CA PHE B 392 2.06 -30.74 1.78
C PHE B 392 1.93 -29.87 0.53
N LEU B 393 2.17 -28.57 0.66
CA LEU B 393 2.04 -27.69 -0.49
C LEU B 393 3.07 -28.00 -1.56
N ALA B 394 4.30 -28.33 -1.15
CA ALA B 394 5.33 -28.66 -2.12
C ALA B 394 4.96 -29.91 -2.90
N ARG B 395 4.38 -30.91 -2.22
CA ARG B 395 4.08 -32.17 -2.89
C ARG B 395 3.08 -32.00 -4.02
N ILE B 396 2.11 -31.09 -3.86
CA ILE B 396 1.04 -30.91 -4.84
C ILE B 396 1.32 -29.76 -5.81
N SER B 397 2.54 -29.24 -5.83
CA SER B 397 2.85 -28.06 -6.63
C SER B 397 4.09 -28.25 -7.49
N ARG B 398 4.33 -29.44 -7.99
CA ARG B 398 5.44 -29.66 -8.88
C ARG B 398 5.12 -29.10 -10.21
N GLY B 399 6.07 -28.51 -10.86
CA GLY B 399 5.90 -27.94 -12.16
C GLY B 399 5.34 -26.53 -12.18
N ARG B 400 4.74 -26.09 -11.07
CA ARG B 400 4.25 -24.72 -10.97
C ARG B 400 5.42 -23.75 -10.94
N SER B 401 5.17 -22.51 -11.32
CA SER B 401 6.17 -21.48 -11.16
C SER B 401 6.14 -20.95 -9.74
N ILE B 402 7.24 -20.28 -9.35
CA ILE B 402 7.32 -19.73 -8.00
C ILE B 402 6.27 -18.64 -7.81
N ARG B 403 6.09 -17.78 -8.80
CA ARG B 403 5.10 -16.72 -8.69
C ARG B 403 3.69 -17.29 -8.60
N GLU B 404 3.37 -18.25 -9.46
CA GLU B 404 2.04 -18.85 -9.42
C GLU B 404 1.81 -19.57 -8.10
N PHE B 405 2.81 -20.33 -7.63
CA PHE B 405 2.69 -21.02 -6.36
C PHE B 405 2.43 -20.04 -5.23
N ILE B 406 3.22 -18.97 -5.16
CA ILE B 406 3.06 -18.00 -4.08
C ILE B 406 1.70 -17.34 -4.16
N LEU B 407 1.29 -16.93 -5.35
CA LEU B 407 0.01 -16.24 -5.50
C LEU B 407 -1.14 -17.13 -5.09
N GLY B 408 -1.18 -18.37 -5.59
CA GLY B 408 -2.26 -19.27 -5.20
C GLY B 408 -2.27 -19.53 -3.71
N VAL B 409 -1.12 -19.87 -3.15
CA VAL B 409 -1.05 -20.25 -1.74
C VAL B 409 -1.42 -19.08 -0.85
N LEU B 410 -1.01 -17.87 -1.22
CA LEU B 410 -1.34 -16.72 -0.39
C LEU B 410 -2.81 -16.35 -0.51
N LEU B 411 -3.36 -16.32 -1.73
CA LEU B 411 -4.64 -15.67 -1.95
C LEU B 411 -5.84 -16.60 -1.81
N VAL B 412 -5.79 -17.83 -2.31
CA VAL B 412 -6.96 -18.69 -2.25
C VAL B 412 -7.35 -19.02 -0.81
N PRO B 413 -6.45 -19.49 0.05
CA PRO B 413 -6.85 -19.72 1.45
C PRO B 413 -7.20 -18.45 2.19
N ALA B 414 -6.59 -17.32 1.82
CA ALA B 414 -6.99 -16.05 2.40
C ALA B 414 -8.45 -15.75 2.09
N GLY B 415 -8.87 -15.97 0.85
CA GLY B 415 -10.28 -15.75 0.51
C GLY B 415 -11.21 -16.72 1.20
N VAL B 416 -10.80 -17.99 1.30
CA VAL B 416 -11.63 -18.98 1.99
C VAL B 416 -11.83 -18.58 3.44
N SER B 417 -10.73 -18.19 4.12
CA SER B 417 -10.83 -17.76 5.51
C SER B 417 -11.68 -16.51 5.65
N THR B 418 -11.51 -15.55 4.74
CA THR B 418 -12.31 -14.33 4.80
C THR B 418 -13.79 -14.64 4.72
N VAL B 419 -14.18 -15.51 3.78
CA VAL B 419 -15.60 -15.86 3.63
C VAL B 419 -16.10 -16.59 4.88
N TRP B 420 -15.31 -17.54 5.38
CA TRP B 420 -15.73 -18.32 6.54
C TRP B 420 -15.97 -17.42 7.75
N PHE B 421 -15.00 -16.55 8.03
CA PHE B 421 -15.14 -15.65 9.16
C PHE B 421 -16.27 -14.67 8.95
N SER B 422 -16.48 -14.22 7.70
CA SER B 422 -17.63 -13.38 7.41
C SER B 422 -18.92 -14.05 7.85
N ILE B 423 -19.24 -15.22 7.26
CA ILE B 423 -20.46 -15.93 7.66
C ILE B 423 -20.55 -16.05 9.18
N PHE B 424 -19.58 -16.70 9.80
CA PHE B 424 -19.79 -17.11 11.20
C PHE B 424 -19.65 -15.95 12.17
N GLY B 425 -18.55 -15.21 12.10
CA GLY B 425 -18.39 -14.06 12.96
C GLY B 425 -19.45 -13.00 12.73
N GLY B 426 -19.89 -12.82 11.48
CA GLY B 426 -20.93 -11.86 11.20
C GLY B 426 -22.27 -12.26 11.78
N THR B 427 -22.63 -13.54 11.68
CA THR B 427 -23.86 -13.99 12.32
C THR B 427 -23.79 -13.77 13.83
N ALA B 428 -22.64 -14.11 14.44
CA ALA B 428 -22.51 -13.91 15.88
C ALA B 428 -22.58 -12.44 16.26
N ILE B 429 -21.91 -11.58 15.51
CA ILE B 429 -21.90 -10.14 15.83
C ILE B 429 -23.28 -9.55 15.60
N VAL B 430 -23.99 -9.99 14.57
CA VAL B 430 -25.35 -9.50 14.34
C VAL B 430 -26.26 -9.90 15.47
N PHE B 431 -26.12 -11.15 15.94
CA PHE B 431 -26.90 -11.57 17.10
C PHE B 431 -26.59 -10.71 18.31
N GLU B 432 -25.30 -10.43 18.56
CA GLU B 432 -24.94 -9.59 19.69
C GLU B 432 -25.53 -8.19 19.56
N GLN B 433 -25.51 -7.64 18.34
CA GLN B 433 -26.09 -6.31 18.11
C GLN B 433 -27.59 -6.30 18.34
N ASN B 434 -28.30 -7.33 17.88
CA ASN B 434 -29.75 -7.36 18.01
C ASN B 434 -30.17 -7.47 19.47
N GLY B 435 -29.42 -8.23 20.27
CA GLY B 435 -29.77 -8.46 21.66
C GLY B 435 -29.51 -9.89 22.08
N GLU B 436 -29.64 -10.81 21.14
CA GLU B 436 -29.28 -12.21 21.42
C GLU B 436 -27.79 -12.31 21.69
N SER B 437 -27.44 -13.14 22.66
CA SER B 437 -26.04 -13.33 23.05
C SER B 437 -25.73 -14.82 23.02
N ILE B 438 -25.04 -15.27 21.97
CA ILE B 438 -24.52 -16.62 21.94
C ILE B 438 -23.32 -16.79 22.87
N TRP B 439 -22.82 -15.70 23.45
CA TRP B 439 -21.70 -15.78 24.37
C TRP B 439 -22.02 -16.72 25.53
N GLY B 440 -23.15 -16.49 26.20
CA GLY B 440 -23.53 -17.35 27.30
C GLY B 440 -22.50 -17.30 28.41
N ASP B 441 -22.02 -18.48 28.82
CA ASP B 441 -21.03 -18.55 29.88
C ASP B 441 -19.74 -17.86 29.48
N GLY B 442 -19.29 -18.07 28.24
CA GLY B 442 -18.08 -17.47 27.72
C GLY B 442 -17.04 -18.45 27.23
N ALA B 443 -17.27 -19.76 27.34
CA ALA B 443 -16.30 -20.73 26.87
C ALA B 443 -16.16 -20.66 25.36
N ALA B 444 -14.92 -20.68 24.87
CA ALA B 444 -14.67 -20.61 23.44
C ALA B 444 -15.15 -21.86 22.70
N GLU B 445 -15.27 -22.99 23.39
CA GLU B 445 -15.66 -24.24 22.76
C GLU B 445 -17.16 -24.40 22.63
N GLU B 446 -17.95 -23.45 23.13
CA GLU B 446 -19.40 -23.55 23.10
C GLU B 446 -20.05 -22.49 22.23
N GLN B 447 -19.28 -21.63 21.56
CA GLN B 447 -19.87 -20.53 20.81
C GLN B 447 -20.51 -21.02 19.53
N LEU B 448 -19.85 -21.95 18.82
CA LEU B 448 -20.38 -22.41 17.54
C LEU B 448 -21.73 -23.10 17.72
N PHE B 449 -21.85 -23.94 18.74
CA PHE B 449 -23.10 -24.66 18.94
C PHE B 449 -24.20 -23.74 19.44
N GLY B 450 -23.86 -22.74 20.23
CA GLY B 450 -24.86 -21.73 20.57
C GLY B 450 -25.35 -20.97 19.37
N LEU B 451 -24.43 -20.58 18.48
CA LEU B 451 -24.81 -19.90 17.25
C LEU B 451 -25.71 -20.77 16.39
N LEU B 452 -25.34 -22.05 16.23
CA LEU B 452 -26.15 -22.95 15.42
C LEU B 452 -27.54 -23.16 16.04
N HIS B 453 -27.60 -23.34 17.35
CA HIS B 453 -28.88 -23.55 18.02
C HIS B 453 -29.76 -22.31 17.95
N ALA B 454 -29.16 -21.13 17.89
CA ALA B 454 -29.94 -19.90 17.78
C ALA B 454 -30.70 -19.81 16.46
N LEU B 455 -30.32 -20.61 15.44
CA LEU B 455 -30.95 -20.59 14.13
C LEU B 455 -31.95 -21.74 14.00
N PRO B 456 -32.96 -21.61 13.13
CA PRO B 456 -33.91 -22.71 12.96
C PRO B 456 -33.25 -23.96 12.39
N GLY B 457 -33.71 -25.12 12.84
CA GLY B 457 -33.11 -26.37 12.41
C GLY B 457 -31.65 -26.48 12.76
N GLY B 458 -31.29 -26.08 13.98
CA GLY B 458 -29.91 -26.02 14.39
C GLY B 458 -29.37 -27.28 15.02
N GLN B 459 -30.24 -28.19 15.45
CA GLN B 459 -29.78 -29.42 16.11
C GLN B 459 -29.06 -30.33 15.12
N ILE B 460 -29.66 -30.54 13.96
CA ILE B 460 -29.03 -31.39 12.94
C ILE B 460 -27.72 -30.78 12.49
N MET B 461 -27.68 -29.45 12.36
CA MET B 461 -26.44 -28.80 11.95
C MET B 461 -25.38 -28.84 13.04
N GLY B 462 -25.77 -28.82 14.31
CA GLY B 462 -24.81 -29.02 15.37
C GLY B 462 -24.20 -30.42 15.33
N ILE B 463 -25.05 -31.42 15.08
CA ILE B 463 -24.52 -32.78 14.91
C ILE B 463 -23.58 -32.84 13.72
N ILE B 464 -23.92 -32.15 12.63
CA ILE B 464 -23.07 -32.15 11.45
C ILE B 464 -21.75 -31.43 11.75
N ALA B 465 -21.79 -30.38 12.57
CA ALA B 465 -20.56 -29.71 12.96
C ALA B 465 -19.66 -30.62 13.77
N MET B 466 -20.24 -31.40 14.68
CA MET B 466 -19.45 -32.39 15.42
C MET B 466 -18.83 -33.42 14.48
N ILE B 467 -19.61 -33.88 13.50
CA ILE B 467 -19.07 -34.83 12.52
C ILE B 467 -17.92 -34.20 11.75
N LEU B 468 -18.08 -32.94 11.34
CA LEU B 468 -17.02 -32.26 10.61
C LEU B 468 -15.77 -32.13 11.46
N LEU B 469 -15.94 -31.82 12.75
CA LEU B 469 -14.80 -31.71 13.64
C LEU B 469 -14.06 -33.04 13.75
N GLY B 470 -14.81 -34.14 13.87
CA GLY B 470 -14.17 -35.44 13.94
C GLY B 470 -13.40 -35.79 12.68
N THR B 471 -14.00 -35.50 11.52
CA THR B 471 -13.31 -35.79 10.27
C THR B 471 -12.06 -34.92 10.10
N PHE B 472 -12.13 -33.64 10.52
CA PHE B 472 -10.95 -32.79 10.48
C PHE B 472 -9.87 -33.33 11.41
N PHE B 473 -10.25 -33.77 12.61
CA PHE B 473 -9.30 -34.39 13.52
C PHE B 473 -8.57 -35.54 12.82
N ILE B 474 -9.33 -36.46 12.23
CA ILE B 474 -8.72 -37.63 11.61
C ILE B 474 -7.82 -37.23 10.45
N THR B 475 -8.30 -36.34 9.59
CA THR B 475 -7.54 -35.97 8.40
C THR B 475 -6.26 -35.25 8.77
N SER B 476 -6.34 -34.29 9.69
CA SER B 476 -5.15 -33.55 10.09
C SER B 476 -4.13 -34.46 10.74
N ALA B 477 -4.58 -35.34 11.65
CA ALA B 477 -3.64 -36.26 12.29
C ALA B 477 -2.97 -37.17 11.26
N ASP B 478 -3.74 -37.70 10.30
CA ASP B 478 -3.17 -38.59 9.31
C ASP B 478 -2.16 -37.89 8.43
N SER B 479 -2.49 -36.69 7.95
CA SER B 479 -1.56 -36.00 7.05
C SER B 479 -0.30 -35.57 7.79
N ALA B 480 -0.44 -35.07 9.03
CA ALA B 480 0.73 -34.69 9.80
C ALA B 480 1.61 -35.90 10.09
N SER B 481 1.00 -37.03 10.43
CA SER B 481 1.78 -38.24 10.68
C SER B 481 2.51 -38.68 9.43
N THR B 482 1.86 -38.56 8.27
CA THR B 482 2.51 -38.89 7.01
C THR B 482 3.75 -38.05 6.79
N VAL B 483 3.64 -36.73 7.01
CA VAL B 483 4.79 -35.86 6.78
C VAL B 483 5.89 -36.14 7.78
N MET B 484 5.53 -36.37 9.04
CA MET B 484 6.54 -36.69 10.06
C MET B 484 7.25 -37.99 9.72
N GLY B 485 6.51 -39.00 9.28
CA GLY B 485 7.13 -40.25 8.89
C GLY B 485 8.07 -40.07 7.71
N THR B 486 7.67 -39.27 6.73
CA THR B 486 8.58 -38.96 5.62
C THR B 486 9.85 -38.29 6.12
N MET B 487 9.71 -37.35 7.06
CA MET B 487 10.87 -36.61 7.53
C MET B 487 11.77 -37.47 8.40
N SER B 488 11.22 -38.50 9.03
CA SER B 488 11.99 -39.40 9.88
C SER B 488 12.54 -40.60 9.12
N GLN B 489 12.36 -40.66 7.80
CA GLN B 489 12.84 -41.74 6.97
C GLN B 489 13.67 -41.22 5.82
N HIS B 490 14.56 -40.26 6.11
CA HIS B 490 15.49 -39.71 5.12
C HIS B 490 14.76 -39.13 3.93
N GLY B 491 13.58 -38.57 4.14
CA GLY B 491 12.86 -37.93 3.05
C GLY B 491 12.18 -38.86 2.08
N GLN B 492 11.90 -40.10 2.47
CA GLN B 492 11.17 -41.01 1.60
C GLN B 492 9.72 -40.56 1.49
N LEU B 493 9.21 -40.49 0.26
CA LEU B 493 7.87 -39.96 0.04
C LEU B 493 6.82 -40.81 0.74
N GLU B 494 6.86 -42.12 0.53
CA GLU B 494 5.98 -43.07 1.20
C GLU B 494 6.74 -43.67 2.37
N ALA B 495 6.49 -43.16 3.56
CA ALA B 495 7.22 -43.60 4.74
C ALA B 495 6.62 -44.89 5.30
N ASN B 496 7.30 -45.45 6.29
CA ASN B 496 6.82 -46.67 6.93
C ASN B 496 5.45 -46.44 7.55
N LYS B 497 4.58 -47.44 7.44
CA LYS B 497 3.24 -47.31 8.02
C LYS B 497 3.31 -47.25 9.54
N TRP B 498 4.16 -48.08 10.15
CA TRP B 498 4.22 -48.12 11.60
C TRP B 498 4.85 -46.86 12.18
N VAL B 499 5.82 -46.27 11.48
CA VAL B 499 6.35 -44.98 11.92
C VAL B 499 5.27 -43.92 11.88
N THR B 500 4.44 -43.95 10.83
CA THR B 500 3.32 -43.01 10.73
C THR B 500 2.35 -43.20 11.90
N ALA B 501 2.01 -44.45 12.21
CA ALA B 501 1.12 -44.71 13.33
C ALA B 501 1.73 -44.24 14.65
N ALA B 502 3.02 -44.48 14.83
CA ALA B 502 3.68 -44.06 16.06
C ALA B 502 3.66 -42.54 16.21
N TRP B 503 3.93 -41.81 15.13
CA TRP B 503 3.93 -40.36 15.22
C TRP B 503 2.52 -39.82 15.45
N GLY B 504 1.52 -40.43 14.83
CA GLY B 504 0.15 -40.03 15.11
C GLY B 504 -0.23 -40.27 16.57
N VAL B 505 0.17 -41.42 17.11
CA VAL B 505 -0.07 -41.69 18.53
C VAL B 505 0.58 -40.62 19.38
N ALA B 506 1.82 -40.27 19.05
CA ALA B 506 2.54 -39.28 19.84
C ALA B 506 1.83 -37.94 19.84
N THR B 507 1.40 -37.50 18.66
CA THR B 507 0.71 -36.21 18.56
C THR B 507 -0.59 -36.21 19.35
N ALA B 508 -1.40 -37.27 19.18
CA ALA B 508 -2.67 -37.33 19.89
C ALA B 508 -2.44 -37.37 21.39
N ALA B 509 -1.44 -38.13 21.84
CA ALA B 509 -1.14 -38.22 23.26
C ALA B 509 -0.70 -36.87 23.81
N ILE B 510 0.10 -36.12 23.06
CA ILE B 510 0.52 -34.81 23.53
C ILE B 510 -0.68 -33.88 23.65
N GLY B 511 -1.56 -33.86 22.65
CA GLY B 511 -2.72 -33.00 22.73
C GLY B 511 -3.61 -33.34 23.93
N LEU B 512 -3.87 -34.63 24.11
CA LEU B 512 -4.67 -35.07 25.25
C LEU B 512 -4.01 -34.72 26.57
N THR B 513 -2.69 -34.89 26.67
CA THR B 513 -1.97 -34.56 27.89
C THR B 513 -2.01 -33.06 28.18
N LEU B 514 -1.89 -32.23 27.15
CA LEU B 514 -2.03 -30.79 27.37
C LEU B 514 -3.39 -30.46 27.91
N LEU B 515 -4.44 -31.04 27.33
CA LEU B 515 -5.79 -30.78 27.82
C LEU B 515 -5.95 -31.21 29.27
N LEU B 516 -5.48 -32.42 29.61
CA LEU B 516 -5.66 -32.93 30.96
C LEU B 516 -4.85 -32.13 31.98
N SER B 517 -3.62 -31.77 31.63
CA SER B 517 -2.80 -30.96 32.52
C SER B 517 -3.43 -29.59 32.76
N GLY B 518 -3.93 -28.96 31.70
CA GLY B 518 -4.58 -27.68 31.88
C GLY B 518 -5.81 -27.78 32.75
N GLY B 519 -6.61 -28.84 32.57
CA GLY B 519 -7.80 -29.01 33.37
C GLY B 519 -8.84 -27.94 33.10
N ASP B 520 -9.08 -27.08 34.08
CA ASP B 520 -10.03 -25.98 33.88
C ASP B 520 -9.51 -25.02 32.82
N ASN B 521 -8.24 -24.66 32.89
CA ASN B 521 -7.62 -23.77 31.91
C ASN B 521 -6.92 -24.57 30.80
N ALA B 522 -7.69 -25.48 30.19
CA ALA B 522 -7.14 -26.34 29.15
C ALA B 522 -6.65 -25.52 27.96
N LEU B 523 -7.44 -24.54 27.53
CA LEU B 523 -7.05 -23.73 26.39
C LEU B 523 -5.78 -22.94 26.68
N SER B 524 -5.67 -22.38 27.89
CA SER B 524 -4.47 -21.61 28.21
C SER B 524 -3.24 -22.52 28.25
N ASN B 525 -3.37 -23.71 28.83
CA ASN B 525 -2.23 -24.62 28.86
C ASN B 525 -1.82 -25.02 27.45
N LEU B 526 -2.80 -25.31 26.59
CA LEU B 526 -2.51 -25.63 25.21
C LEU B 526 -1.75 -24.50 24.52
N GLN B 527 -2.25 -23.27 24.66
CA GLN B 527 -1.60 -22.14 24.02
C GLN B 527 -0.20 -21.91 24.55
N ASN B 528 -0.01 -22.08 25.87
CA ASN B 528 1.32 -21.85 26.45
C ASN B 528 2.33 -22.85 25.93
N VAL B 529 1.96 -24.14 25.93
CA VAL B 529 2.93 -25.13 25.48
C VAL B 529 3.18 -24.99 23.99
N THR B 530 2.17 -24.57 23.21
CA THR B 530 2.42 -24.31 21.80
C THR B 530 3.37 -23.14 21.60
N ILE B 531 3.24 -22.10 22.44
CA ILE B 531 4.10 -20.93 22.29
C ILE B 531 5.54 -21.28 22.64
N VAL B 532 5.76 -22.04 23.71
CA VAL B 532 7.13 -22.37 24.09
C VAL B 532 7.73 -23.38 23.12
N ALA B 533 6.93 -24.34 22.64
CA ALA B 533 7.45 -25.39 21.79
C ALA B 533 7.87 -24.90 20.41
N ALA B 534 7.31 -23.78 19.95
CA ALA B 534 7.60 -23.26 18.63
C ALA B 534 8.68 -22.19 18.62
N THR B 535 9.28 -21.88 19.78
CA THR B 535 10.34 -20.87 19.80
C THR B 535 11.58 -21.33 19.05
N PRO B 536 12.09 -22.56 19.23
CA PRO B 536 13.29 -22.95 18.48
C PRO B 536 13.13 -22.90 16.96
N PHE B 537 11.94 -23.22 16.43
CA PHE B 537 11.75 -23.29 14.99
C PHE B 537 11.55 -21.92 14.34
N LEU B 538 11.29 -20.86 15.13
CA LEU B 538 11.23 -19.53 14.55
C LEU B 538 12.57 -19.17 13.92
N PHE B 539 13.67 -19.50 14.59
CA PHE B 539 14.99 -19.24 14.05
C PHE B 539 15.31 -20.16 12.88
N VAL B 540 14.78 -21.38 12.90
CA VAL B 540 14.94 -22.26 11.74
C VAL B 540 14.29 -21.64 10.51
N VAL B 541 13.10 -21.07 10.67
CA VAL B 541 12.43 -20.45 9.52
C VAL B 541 13.17 -19.18 9.10
N ILE B 542 13.68 -18.41 10.07
CA ILE B 542 14.44 -17.20 9.74
C ILE B 542 15.66 -17.57 8.90
N GLY B 543 16.39 -18.61 9.30
CA GLY B 543 17.53 -19.05 8.52
C GLY B 543 17.13 -19.71 7.21
N LEU B 544 15.92 -20.27 7.17
CA LEU B 544 15.41 -20.86 5.94
C LEU B 544 15.17 -19.80 4.88
N MET B 545 14.78 -18.60 5.29
CA MET B 545 14.69 -17.49 4.33
C MET B 545 16.03 -17.27 3.64
N PHE B 546 17.11 -17.17 4.44
CA PHE B 546 18.44 -16.95 3.87
C PHE B 546 18.85 -18.11 2.98
N ALA B 547 18.60 -19.34 3.42
CA ALA B 547 18.99 -20.50 2.63
C ALA B 547 18.24 -20.52 1.31
N LEU B 548 16.95 -20.18 1.33
CA LEU B 548 16.17 -20.15 0.10
C LEU B 548 16.68 -19.08 -0.85
N VAL B 549 17.02 -17.90 -0.34
CA VAL B 549 17.55 -16.86 -1.21
C VAL B 549 18.87 -17.31 -1.83
N LYS B 550 19.75 -17.89 -1.02
CA LYS B 550 21.04 -18.33 -1.55
C LYS B 550 20.87 -19.45 -2.56
N ASP B 551 19.85 -20.30 -2.40
CA ASP B 551 19.62 -21.37 -3.35
C ASP B 551 19.04 -20.82 -4.65
N LEU B 552 18.09 -19.89 -4.56
CA LEU B 552 17.50 -19.31 -5.75
C LEU B 552 18.54 -18.54 -6.55
N SER B 553 19.41 -17.79 -5.87
CA SER B 553 20.43 -17.03 -6.57
C SER B 553 21.38 -17.94 -7.35
N ASN B 554 21.76 -19.06 -6.76
CA ASN B 554 22.68 -20.01 -7.40
C ASN B 554 21.94 -21.01 -8.27
N ASP B 555 21.08 -20.50 -9.16
CA ASP B 555 20.36 -21.36 -10.09
C ASP B 555 21.13 -21.46 -11.40
N VAL B 556 20.95 -22.59 -12.09
CA VAL B 556 21.74 -22.85 -13.29
C VAL B 556 21.51 -21.78 -14.34
N ILE B 557 20.30 -21.23 -14.42
CA ILE B 557 20.03 -20.23 -15.43
C ILE B 557 20.81 -18.94 -15.15
N TYR B 558 21.15 -18.68 -13.89
CA TYR B 558 21.81 -17.44 -13.51
C TYR B 558 23.32 -17.57 -13.38
N LEU B 559 23.89 -18.77 -13.52
CA LEU B 559 25.32 -18.93 -13.27
C LEU B 559 26.15 -18.29 -14.37
N GLU B 560 25.70 -18.37 -15.62
CA GLU B 560 26.44 -17.74 -16.71
C GLU B 560 26.50 -16.23 -16.56
N TYR B 561 25.45 -15.62 -16.01
CA TYR B 561 25.47 -14.19 -15.75
C TYR B 561 26.29 -13.87 -14.50
N ARG B 562 26.20 -14.74 -13.48
CA ARG B 562 26.92 -14.49 -12.24
C ARG B 562 28.42 -14.56 -12.44
N GLU B 563 28.92 -15.49 -13.25
CA GLU B 563 30.36 -15.57 -13.48
C GLU B 563 30.86 -14.31 -14.17
N GLN B 564 30.12 -13.81 -15.17
CA GLN B 564 30.52 -12.58 -15.84
C GLN B 564 30.49 -11.40 -14.90
N GLN B 565 29.47 -11.32 -14.06
CA GLN B 565 29.40 -10.22 -13.10
C GLN B 565 30.56 -10.28 -12.11
N ARG B 566 30.90 -11.49 -11.63
CA ARG B 566 32.03 -11.63 -10.74
C ARG B 566 33.33 -11.23 -11.42
N PHE B 567 33.51 -11.64 -12.67
CA PHE B 567 34.74 -11.31 -13.39
C PHE B 567 34.88 -9.80 -13.57
N ASN B 568 33.81 -9.14 -14.01
CA ASN B 568 33.89 -7.69 -14.21
C ASN B 568 34.06 -6.96 -12.90
N ALA B 569 33.40 -7.42 -11.83
CA ALA B 569 33.56 -6.79 -10.53
C ALA B 569 34.98 -6.95 -10.03
N ARG B 570 35.59 -8.12 -10.26
CA ARG B 570 36.98 -8.31 -9.89
C ARG B 570 37.89 -7.37 -10.64
N LEU B 571 37.65 -7.20 -11.95
CA LEU B 571 38.45 -6.26 -12.72
C LEU B 571 38.32 -4.85 -12.16
N ALA B 572 37.09 -4.42 -11.87
CA ALA B 572 36.89 -3.07 -11.34
C ALA B 572 37.56 -2.91 -9.98
N ARG B 573 37.44 -3.91 -9.11
CA ARG B 573 38.04 -3.81 -7.77
C ARG B 573 39.56 -3.76 -7.86
N GLU B 574 40.17 -4.60 -8.70
CA GLU B 574 41.62 -4.56 -8.81
C GLU B 574 42.08 -3.26 -9.44
N ARG B 575 41.31 -2.71 -10.38
CA ARG B 575 41.66 -1.41 -10.95
C ARG B 575 41.64 -0.34 -9.86
N ARG B 576 40.60 -0.34 -9.02
CA ARG B 576 40.53 0.64 -7.94
C ARG B 576 41.68 0.47 -6.96
N VAL B 577 42.01 -0.78 -6.63
CA VAL B 577 43.11 -1.03 -5.69
C VAL B 577 44.43 -0.55 -6.28
N HIS B 578 44.65 -0.79 -7.57
CA HIS B 578 45.87 -0.31 -8.21
C HIS B 578 45.94 1.21 -8.20
N ASN B 579 44.81 1.88 -8.49
CA ASN B 579 44.81 3.34 -8.44
C ASN B 579 45.07 3.84 -7.03
N GLU B 580 44.56 3.13 -6.02
CA GLU B 580 44.85 3.48 -4.64
C GLU B 580 46.33 3.33 -4.34
N HIS B 581 46.95 2.27 -4.85
CA HIS B 581 48.40 2.09 -4.67
C HIS B 581 49.17 3.25 -5.30
N ARG B 582 48.73 3.70 -6.47
CA ARG B 582 49.37 4.82 -7.16
C ARG B 582 49.40 6.07 -6.29
N SER C 65 -28.35 -0.37 -41.23
CA SER C 65 -29.74 -0.69 -40.94
C SER C 65 -29.99 -0.65 -39.44
N LEU C 66 -31.16 -0.15 -39.05
CA LEU C 66 -31.50 -0.04 -37.63
C LEU C 66 -31.76 -1.42 -37.05
N ASN C 67 -31.26 -1.64 -35.84
CA ASN C 67 -31.52 -2.88 -35.10
C ASN C 67 -32.80 -2.68 -34.29
N TRP C 68 -33.92 -2.85 -34.97
CA TRP C 68 -35.21 -2.56 -34.36
C TRP C 68 -35.48 -3.45 -33.16
N SER C 69 -34.95 -4.68 -33.16
CA SER C 69 -35.09 -5.54 -31.99
C SER C 69 -34.46 -4.94 -30.75
N VAL C 70 -33.50 -4.03 -30.92
CA VAL C 70 -32.88 -3.34 -29.81
C VAL C 70 -33.50 -1.98 -29.57
N ILE C 71 -33.93 -1.30 -30.62
CA ILE C 71 -34.53 0.02 -30.45
C ILE C 71 -35.88 -0.08 -29.75
N VAL C 72 -36.73 -1.01 -30.20
CA VAL C 72 -38.12 -1.03 -29.74
C VAL C 72 -38.23 -1.29 -28.24
N PRO C 73 -37.54 -2.28 -27.67
CA PRO C 73 -37.66 -2.47 -26.21
C PRO C 73 -37.17 -1.27 -25.41
N ALA C 74 -36.05 -0.67 -25.79
CA ALA C 74 -35.54 0.48 -25.06
C ALA C 74 -36.50 1.66 -25.18
N LEU C 75 -37.02 1.91 -26.37
CA LEU C 75 -37.98 2.99 -26.54
C LEU C 75 -39.24 2.74 -25.73
N VAL C 76 -39.71 1.49 -25.70
CA VAL C 76 -40.92 1.17 -24.94
C VAL C 76 -40.69 1.42 -23.46
N ILE C 77 -39.54 0.97 -22.94
CA ILE C 77 -39.25 1.18 -21.52
C ILE C 77 -39.15 2.66 -21.20
N VAL C 78 -38.47 3.42 -22.07
CA VAL C 78 -38.30 4.85 -21.82
C VAL C 78 -39.65 5.58 -21.86
N LEU C 79 -40.48 5.28 -22.86
CA LEU C 79 -41.78 5.94 -22.96
C LEU C 79 -42.68 5.52 -21.81
N ALA C 80 -42.59 4.26 -21.35
CA ALA C 80 -43.34 3.85 -20.19
C ALA C 80 -42.92 4.65 -18.97
N THR C 81 -41.62 4.86 -18.79
CA THR C 81 -41.14 5.66 -17.68
C THR C 81 -41.67 7.08 -17.76
N VAL C 82 -41.66 7.68 -18.96
CA VAL C 82 -42.13 9.06 -19.12
C VAL C 82 -43.62 9.15 -18.79
N VAL C 83 -44.42 8.22 -19.32
CA VAL C 83 -45.85 8.23 -19.08
C VAL C 83 -46.14 8.03 -17.60
N TRP C 84 -45.44 7.09 -16.96
CA TRP C 84 -45.66 6.86 -15.54
C TRP C 84 -45.27 8.09 -14.72
N GLY C 85 -44.18 8.75 -15.09
CA GLY C 85 -43.71 9.86 -14.29
C GLY C 85 -44.62 11.07 -14.37
N ILE C 86 -45.04 11.45 -15.58
CA ILE C 86 -45.91 12.63 -15.70
C ILE C 86 -47.34 12.29 -15.34
N GLY C 87 -47.88 11.21 -15.90
CA GLY C 87 -49.29 10.91 -15.70
C GLY C 87 -49.62 10.62 -14.25
N PHE C 88 -48.80 9.81 -13.58
CA PHE C 88 -49.06 9.36 -12.21
C PHE C 88 -47.81 9.61 -11.37
N LYS C 89 -47.71 10.82 -10.82
CA LYS C 89 -46.48 11.20 -10.11
C LYS C 89 -46.38 10.49 -8.77
N ASP C 90 -47.49 10.40 -8.02
CA ASP C 90 -47.45 9.76 -6.71
C ASP C 90 -47.04 8.29 -6.82
N SER C 91 -47.63 7.58 -7.78
CA SER C 91 -47.29 6.17 -7.97
C SER C 91 -45.82 6.01 -8.36
N PHE C 92 -45.35 6.86 -9.28
CA PHE C 92 -43.96 6.77 -9.72
C PHE C 92 -43.01 7.02 -8.55
N THR C 93 -43.28 8.04 -7.74
CA THR C 93 -42.41 8.36 -6.62
C THR C 93 -42.43 7.26 -5.58
N ASN C 94 -43.60 6.71 -5.28
CA ASN C 94 -43.67 5.62 -4.31
C ASN C 94 -42.90 4.40 -4.80
N PHE C 95 -43.06 4.06 -6.09
CA PHE C 95 -42.29 2.94 -6.63
C PHE C 95 -40.81 3.22 -6.58
N ALA C 96 -40.39 4.44 -6.91
CA ALA C 96 -38.98 4.77 -6.89
C ALA C 96 -38.40 4.63 -5.49
N SER C 97 -39.13 5.11 -4.47
CA SER C 97 -38.66 4.99 -3.10
C SER C 97 -38.58 3.53 -2.67
N SER C 98 -39.62 2.75 -2.95
CA SER C 98 -39.61 1.34 -2.55
C SER C 98 -38.49 0.58 -3.26
N ALA C 99 -38.30 0.85 -4.54
CA ALA C 99 -37.24 0.19 -5.29
C ALA C 99 -35.86 0.61 -4.79
N LEU C 100 -35.69 1.87 -4.44
CA LEU C 100 -34.42 2.28 -3.85
C LEU C 100 -34.16 1.53 -2.56
N SER C 101 -35.16 1.45 -1.68
CA SER C 101 -34.98 0.72 -0.44
C SER C 101 -34.58 -0.72 -0.71
N ALA C 102 -35.31 -1.38 -1.60
CA ALA C 102 -35.04 -2.80 -1.87
C ALA C 102 -33.65 -3.00 -2.46
N VAL C 103 -33.33 -2.26 -3.53
CA VAL C 103 -32.06 -2.47 -4.21
C VAL C 103 -30.91 -2.10 -3.31
N VAL C 104 -31.03 -1.01 -2.55
CA VAL C 104 -29.96 -0.64 -1.62
C VAL C 104 -29.76 -1.74 -0.59
N ASP C 105 -30.82 -2.10 0.13
CA ASP C 105 -30.69 -3.08 1.20
C ASP C 105 -30.10 -4.39 0.70
N ASN C 106 -30.45 -4.80 -0.53
CA ASN C 106 -30.10 -6.13 -0.99
C ASN C 106 -28.87 -6.17 -1.89
N LEU C 107 -28.40 -5.03 -2.41
CA LEU C 107 -27.28 -5.02 -3.35
C LEU C 107 -26.29 -3.89 -3.11
N GLY C 108 -26.38 -3.17 -1.99
CA GLY C 108 -25.32 -2.24 -1.66
C GLY C 108 -24.00 -2.95 -1.44
N TRP C 109 -24.06 -4.17 -0.91
CA TRP C 109 -22.85 -4.98 -0.80
C TRP C 109 -22.23 -5.23 -2.16
N ALA C 110 -23.05 -5.54 -3.17
CA ALA C 110 -22.53 -5.80 -4.50
C ALA C 110 -21.90 -4.56 -5.08
N PHE C 111 -22.62 -3.43 -5.00
CA PHE C 111 -22.08 -2.17 -5.48
C PHE C 111 -20.73 -1.88 -4.82
N ILE C 112 -20.68 -1.94 -3.48
CA ILE C 112 -19.50 -1.55 -2.73
C ILE C 112 -18.33 -2.49 -3.01
N LEU C 113 -18.58 -3.80 -3.01
CA LEU C 113 -17.50 -4.76 -3.23
C LEU C 113 -16.94 -4.63 -4.64
N PHE C 114 -17.81 -4.60 -5.64
CA PHE C 114 -17.31 -4.61 -7.00
C PHE C 114 -16.78 -3.26 -7.45
N GLY C 115 -17.18 -2.16 -6.80
CA GLY C 115 -16.56 -0.89 -7.11
C GLY C 115 -15.06 -0.90 -6.89
N THR C 116 -14.61 -1.61 -5.86
CA THR C 116 -13.18 -1.72 -5.56
C THR C 116 -12.54 -2.90 -6.26
N VAL C 117 -13.31 -3.97 -6.51
CA VAL C 117 -12.78 -5.04 -7.34
C VAL C 117 -12.41 -4.51 -8.71
N PHE C 118 -13.16 -3.52 -9.22
CA PHE C 118 -12.81 -2.94 -10.52
C PHE C 118 -11.46 -2.26 -10.48
N VAL C 119 -11.18 -1.51 -9.41
CA VAL C 119 -9.88 -0.83 -9.29
C VAL C 119 -8.76 -1.86 -9.22
N PHE C 120 -8.93 -2.87 -8.38
CA PHE C 120 -7.93 -3.93 -8.29
C PHE C 120 -7.71 -4.60 -9.64
N PHE C 121 -8.81 -4.93 -10.33
CA PHE C 121 -8.74 -5.64 -11.59
C PHE C 121 -7.99 -4.83 -12.63
N ILE C 122 -8.32 -3.54 -12.77
CA ILE C 122 -7.69 -2.74 -13.81
C ILE C 122 -6.22 -2.50 -13.48
N VAL C 123 -5.89 -2.32 -12.21
CA VAL C 123 -4.48 -2.16 -11.84
C VAL C 123 -3.70 -3.43 -12.17
N VAL C 124 -4.27 -4.60 -11.84
CA VAL C 124 -3.59 -5.86 -12.12
C VAL C 124 -3.44 -6.08 -13.62
N ILE C 125 -4.45 -5.69 -14.41
CA ILE C 125 -4.36 -5.83 -15.85
C ILE C 125 -3.27 -4.93 -16.41
N ALA C 126 -3.16 -3.70 -15.91
CA ALA C 126 -2.10 -2.81 -16.37
C ALA C 126 -0.73 -3.37 -16.00
N ALA C 127 -0.60 -3.93 -14.79
CA ALA C 127 0.69 -4.44 -14.36
C ALA C 127 1.10 -5.70 -15.12
N SER C 128 0.13 -6.56 -15.43
CA SER C 128 0.44 -7.87 -15.99
C SER C 128 0.99 -7.74 -17.41
N LYS C 129 1.23 -8.91 -18.03
CA LYS C 129 1.78 -8.92 -19.38
C LYS C 129 0.83 -8.29 -20.39
N PHE C 130 -0.48 -8.34 -20.12
CA PHE C 130 -1.44 -7.74 -21.04
C PHE C 130 -1.17 -6.26 -21.22
N GLY C 131 -0.54 -5.61 -20.25
CA GLY C 131 -0.23 -4.21 -20.38
C GLY C 131 0.63 -3.89 -21.58
N THR C 132 1.35 -4.88 -22.11
CA THR C 132 2.18 -4.66 -23.29
C THR C 132 1.39 -4.74 -24.59
N ILE C 133 0.17 -5.29 -24.56
CA ILE C 133 -0.61 -5.42 -25.78
C ILE C 133 -0.94 -4.03 -26.32
N ARG C 134 -0.95 -3.91 -27.63
CA ARG C 134 -1.26 -2.66 -28.32
C ARG C 134 -2.68 -2.72 -28.84
N LEU C 135 -3.47 -1.68 -28.57
CA LEU C 135 -4.86 -1.64 -29.03
C LEU C 135 -4.91 -1.36 -30.52
N GLY C 136 -4.92 -2.41 -31.33
CA GLY C 136 -4.86 -2.33 -32.77
C GLY C 136 -3.83 -3.29 -33.29
N ARG C 137 -3.39 -3.07 -34.53
CA ARG C 137 -2.35 -3.91 -35.09
C ARG C 137 -1.05 -3.75 -34.29
N ILE C 138 -0.21 -4.78 -34.37
CA ILE C 138 1.10 -4.69 -33.73
C ILE C 138 1.86 -3.52 -34.34
N ASP C 139 2.73 -2.92 -33.54
CA ASP C 139 3.52 -1.74 -33.93
C ASP C 139 2.64 -0.69 -34.60
N GLU C 140 1.43 -0.50 -34.07
CA GLU C 140 0.52 0.56 -34.51
C GLU C 140 0.51 1.64 -33.44
N ALA C 141 1.10 2.79 -33.75
CA ALA C 141 1.17 3.87 -32.80
C ALA C 141 -0.14 4.65 -32.76
N PRO C 142 -0.42 5.33 -31.66
CA PRO C 142 -1.72 6.00 -31.52
C PRO C 142 -1.95 7.07 -32.57
N GLU C 143 -3.23 7.29 -32.89
CA GLU C 143 -3.62 8.27 -33.89
C GLU C 143 -3.53 9.70 -33.36
N PHE C 144 -3.79 9.90 -32.08
CA PHE C 144 -3.75 11.23 -31.47
C PHE C 144 -2.47 11.39 -30.67
N ARG C 145 -1.93 12.60 -30.69
CA ARG C 145 -0.80 12.91 -29.82
C ARG C 145 -1.22 12.79 -28.36
N THR C 146 -0.26 12.47 -27.50
CA THR C 146 -0.57 12.29 -26.08
C THR C 146 -1.25 13.51 -25.50
N VAL C 147 -0.90 14.71 -25.98
CA VAL C 147 -1.58 15.91 -25.51
C VAL C 147 -3.03 15.92 -25.98
N SER C 148 -3.27 15.63 -27.25
CA SER C 148 -4.65 15.58 -27.76
C SER C 148 -5.44 14.49 -27.08
N TRP C 149 -4.85 13.30 -26.92
CA TRP C 149 -5.53 12.20 -26.26
C TRP C 149 -5.86 12.56 -24.81
N ILE C 150 -4.94 13.23 -24.12
CA ILE C 150 -5.16 13.58 -22.73
C ILE C 150 -6.24 14.65 -22.60
N SER C 151 -6.24 15.63 -23.51
CA SER C 151 -7.26 16.66 -23.46
C SER C 151 -8.63 16.13 -23.83
N MET C 152 -8.69 15.11 -24.67
CA MET C 152 -9.98 14.56 -25.09
C MET C 152 -10.70 13.81 -23.99
N MET C 153 -10.03 13.52 -22.87
CA MET C 153 -10.67 12.82 -21.77
C MET C 153 -11.57 13.72 -20.93
N PHE C 154 -11.66 15.00 -21.26
CA PHE C 154 -12.53 15.91 -20.53
C PHE C 154 -13.93 15.95 -21.11
N ALA C 155 -14.07 15.71 -22.42
CA ALA C 155 -15.40 15.66 -23.02
C ALA C 155 -16.22 14.50 -22.45
N ALA C 156 -15.57 13.36 -22.22
CA ALA C 156 -16.19 12.23 -21.54
C ALA C 156 -15.77 12.25 -20.08
N GLY C 157 -16.74 12.07 -19.19
CA GLY C 157 -16.49 12.22 -17.78
C GLY C 157 -17.72 12.79 -17.09
N GLU C 158 -17.55 13.89 -16.37
CA GLU C 158 -18.69 14.52 -15.70
C GLU C 158 -18.39 16.00 -15.48
N GLY C 159 -19.08 16.85 -16.23
CA GLY C 159 -18.98 18.29 -16.04
C GLY C 159 -20.12 18.82 -15.20
N ILE C 160 -21.36 18.44 -15.55
CA ILE C 160 -22.51 18.87 -14.76
C ILE C 160 -22.42 18.33 -13.35
N GLY C 161 -22.07 17.05 -13.21
CA GLY C 161 -21.95 16.48 -11.89
C GLY C 161 -20.86 17.15 -11.07
N LEU C 162 -19.72 17.43 -11.69
CA LEU C 162 -18.66 18.13 -10.98
C LEU C 162 -19.12 19.50 -10.53
N MET C 163 -19.82 20.23 -11.39
CA MET C 163 -20.29 21.57 -11.01
C MET C 163 -21.34 21.49 -9.91
N PHE C 164 -22.22 20.48 -9.97
CA PHE C 164 -23.27 20.34 -8.98
C PHE C 164 -22.68 20.00 -7.60
N TYR C 165 -21.82 19.00 -7.55
CA TYR C 165 -21.25 18.51 -6.30
C TYR C 165 -19.86 19.06 -6.03
N GLY C 166 -19.39 20.03 -6.81
CA GLY C 166 -18.08 20.60 -6.57
C GLY C 166 -17.97 21.22 -5.20
N THR C 167 -19.03 21.88 -4.75
CA THR C 167 -19.11 22.50 -3.43
C THR C 167 -19.97 21.71 -2.46
N THR C 168 -21.07 21.14 -2.93
CA THR C 168 -22.04 20.51 -2.03
C THR C 168 -21.43 19.34 -1.29
N GLU C 169 -20.65 18.51 -1.97
CA GLU C 169 -20.22 17.25 -1.37
C GLU C 169 -19.17 17.46 -0.29
N PRO C 170 -18.03 18.09 -0.55
CA PRO C 170 -17.09 18.34 0.54
C PRO C 170 -17.68 19.20 1.65
N LEU C 171 -18.51 20.19 1.29
CA LEU C 171 -19.09 21.06 2.30
C LEU C 171 -20.00 20.28 3.25
N THR C 172 -20.85 19.42 2.70
CA THR C 172 -21.78 18.68 3.56
C THR C 172 -21.07 17.59 4.34
N PHE C 173 -19.99 17.01 3.80
CA PHE C 173 -19.20 16.07 4.58
C PHE C 173 -18.51 16.78 5.75
N TYR C 174 -17.98 17.98 5.51
CA TYR C 174 -17.37 18.74 6.59
C TYR C 174 -18.39 19.13 7.65
N ARG C 175 -19.58 19.56 7.23
CA ARG C 175 -20.58 20.01 8.17
C ARG C 175 -21.15 18.87 9.00
N ASN C 176 -21.55 17.77 8.34
CA ASN C 176 -22.24 16.69 9.01
C ASN C 176 -21.35 15.50 9.32
N GLY C 177 -20.17 15.41 8.72
CA GLY C 177 -19.33 14.26 8.89
C GLY C 177 -19.81 13.08 8.07
N VAL C 178 -19.10 11.97 8.22
CA VAL C 178 -19.41 10.74 7.52
C VAL C 178 -19.47 9.61 8.54
N PRO C 179 -20.10 8.48 8.19
CA PRO C 179 -20.13 7.37 9.14
C PRO C 179 -18.73 6.94 9.56
N GLY C 180 -18.57 6.70 10.87
CA GLY C 180 -17.31 6.29 11.43
C GLY C 180 -16.33 7.41 11.68
N HIS C 181 -16.73 8.67 11.48
CA HIS C 181 -15.83 9.80 11.68
C HIS C 181 -16.63 10.98 12.20
N ASP C 182 -15.95 11.84 12.95
CA ASP C 182 -16.59 12.99 13.55
C ASP C 182 -16.74 14.12 12.53
N GLU C 183 -17.61 15.06 12.86
CA GLU C 183 -17.89 16.18 11.97
C GLU C 183 -16.79 17.23 12.09
N HIS C 184 -16.81 18.19 11.15
CA HIS C 184 -15.83 19.27 11.10
C HIS C 184 -14.40 18.73 11.00
N ASN C 185 -14.23 17.75 10.10
CA ASN C 185 -12.93 17.14 9.81
C ASN C 185 -12.65 17.34 8.34
N VAL C 186 -11.66 18.18 8.02
CA VAL C 186 -11.36 18.50 6.63
C VAL C 186 -10.79 17.29 5.91
N GLY C 187 -9.96 16.50 6.61
CA GLY C 187 -9.29 15.40 5.96
C GLY C 187 -10.26 14.38 5.40
N VAL C 188 -11.23 13.95 6.20
CA VAL C 188 -12.22 13.00 5.71
C VAL C 188 -13.16 13.65 4.71
N ALA C 189 -13.52 14.92 4.94
CA ALA C 189 -14.42 15.61 4.03
C ALA C 189 -13.84 15.64 2.61
N MET C 190 -12.53 15.80 2.48
CA MET C 190 -11.90 15.79 1.17
C MET C 190 -11.57 14.38 0.69
N SER C 191 -11.18 13.47 1.60
CA SER C 191 -10.81 12.13 1.18
C SER C 191 -12.01 11.36 0.64
N THR C 192 -13.18 11.49 1.27
CA THR C 192 -14.35 10.78 0.78
C THR C 192 -15.03 11.49 -0.39
N THR C 193 -14.70 12.75 -0.63
CA THR C 193 -15.07 13.37 -1.91
C THR C 193 -14.20 12.84 -3.03
N MET C 194 -12.90 12.75 -2.80
CA MET C 194 -12.01 12.15 -3.80
C MET C 194 -12.31 10.68 -4.02
N PHE C 195 -12.86 10.01 -3.01
CA PHE C 195 -13.19 8.60 -3.15
C PHE C 195 -14.22 8.38 -4.26
N HIS C 196 -15.24 9.24 -4.32
CA HIS C 196 -16.38 9.04 -5.18
C HIS C 196 -16.16 9.51 -6.61
N TRP C 197 -15.01 10.10 -6.92
CA TRP C 197 -14.84 10.82 -8.17
C TRP C 197 -13.54 10.54 -8.91
N THR C 198 -12.60 9.78 -8.33
CA THR C 198 -11.25 9.71 -8.88
C THR C 198 -10.89 8.36 -9.49
N LEU C 199 -10.95 7.27 -8.72
CA LEU C 199 -10.38 6.00 -9.18
C LEU C 199 -11.41 4.91 -9.43
N HIS C 200 -12.50 4.89 -8.69
CA HIS C 200 -13.55 3.90 -8.94
C HIS C 200 -14.34 4.22 -10.21
N PRO C 201 -14.85 5.44 -10.39
CA PRO C 201 -15.52 5.76 -11.66
C PRO C 201 -14.66 5.48 -12.86
N TRP C 202 -13.41 5.91 -12.81
CA TRP C 202 -12.53 5.78 -13.96
C TRP C 202 -11.96 4.38 -14.10
N ALA C 203 -11.92 3.60 -13.03
CA ALA C 203 -11.67 2.17 -13.18
C ALA C 203 -12.79 1.49 -13.95
N ILE C 204 -14.05 1.82 -13.62
CA ILE C 204 -15.18 1.27 -14.37
C ILE C 204 -15.11 1.67 -15.83
N TYR C 205 -14.89 2.97 -16.08
CA TYR C 205 -14.83 3.47 -17.45
C TYR C 205 -13.68 2.83 -18.21
N ALA C 206 -12.52 2.66 -17.57
CA ALA C 206 -11.38 2.03 -18.22
C ALA C 206 -11.68 0.58 -18.56
N ILE C 207 -12.33 -0.16 -17.65
CA ILE C 207 -12.66 -1.55 -17.95
C ILE C 207 -13.56 -1.63 -19.18
N VAL C 208 -14.65 -0.86 -19.17
CA VAL C 208 -15.60 -0.95 -20.28
C VAL C 208 -14.97 -0.48 -21.59
N GLY C 209 -14.25 0.64 -21.55
CA GLY C 209 -13.63 1.14 -22.75
C GLY C 209 -12.55 0.23 -23.28
N LEU C 210 -11.80 -0.40 -22.39
CA LEU C 210 -10.78 -1.35 -22.81
C LEU C 210 -11.40 -2.57 -23.47
N ALA C 211 -12.48 -3.10 -22.89
CA ALA C 211 -13.15 -4.23 -23.52
C ALA C 211 -13.64 -3.86 -24.91
N ILE C 212 -14.28 -2.70 -25.05
CA ILE C 212 -14.80 -2.28 -26.34
C ILE C 212 -13.67 -2.08 -27.34
N ALA C 213 -12.60 -1.40 -26.91
CA ALA C 213 -11.49 -1.09 -27.81
C ALA C 213 -10.78 -2.36 -28.26
N TYR C 214 -10.53 -3.30 -27.34
CA TYR C 214 -9.90 -4.55 -27.75
C TYR C 214 -10.78 -5.32 -28.71
N SER C 215 -12.07 -5.43 -28.41
CA SER C 215 -12.95 -6.22 -29.28
C SER C 215 -13.04 -5.60 -30.66
N THR C 216 -13.10 -4.27 -30.75
CA THR C 216 -13.36 -3.61 -32.01
C THR C 216 -12.11 -3.33 -32.84
N PHE C 217 -10.94 -3.24 -32.21
CA PHE C 217 -9.70 -2.96 -32.92
C PHE C 217 -8.85 -4.20 -33.15
N ARG C 218 -8.52 -4.93 -32.08
CA ARG C 218 -7.69 -6.12 -32.25
C ARG C 218 -8.41 -7.21 -33.02
N VAL C 219 -9.63 -7.55 -32.59
CA VAL C 219 -10.34 -8.69 -33.17
C VAL C 219 -11.22 -8.29 -34.34
N GLY C 220 -11.42 -7.00 -34.59
CA GLY C 220 -12.19 -6.56 -35.73
C GLY C 220 -13.68 -6.70 -35.58
N ARG C 221 -14.18 -6.94 -34.37
CA ARG C 221 -15.62 -7.08 -34.17
C ARG C 221 -16.29 -5.73 -34.33
N LYS C 222 -17.63 -5.75 -34.29
CA LYS C 222 -18.40 -4.52 -34.31
C LYS C 222 -18.26 -3.80 -32.97
N GLN C 223 -18.47 -2.48 -33.00
CA GLN C 223 -18.34 -1.66 -31.80
C GLN C 223 -19.65 -1.70 -31.03
N LEU C 224 -19.77 -2.68 -30.13
CA LEU C 224 -20.96 -2.86 -29.33
C LEU C 224 -20.58 -3.51 -28.01
N LEU C 225 -21.44 -3.34 -27.01
CA LEU C 225 -21.26 -4.06 -25.77
C LEU C 225 -21.50 -5.56 -25.94
N SER C 226 -22.39 -5.93 -26.86
CA SER C 226 -22.68 -7.35 -27.07
C SER C 226 -21.48 -8.08 -27.66
N SER C 227 -20.77 -7.45 -28.60
CA SER C 227 -19.64 -8.09 -29.26
C SER C 227 -18.43 -8.24 -28.35
N ALA C 228 -18.42 -7.57 -27.19
CA ALA C 228 -17.33 -7.74 -26.23
C ALA C 228 -17.51 -8.98 -25.36
N PHE C 229 -18.67 -9.62 -25.40
CA PHE C 229 -18.94 -10.83 -24.65
C PHE C 229 -18.76 -12.09 -25.49
N VAL C 230 -18.28 -11.95 -26.72
CA VAL C 230 -18.12 -13.08 -27.63
C VAL C 230 -17.29 -14.18 -26.98
N PRO C 231 -16.26 -13.88 -26.19
CA PRO C 231 -15.57 -14.97 -25.48
C PRO C 231 -16.48 -15.81 -24.61
N LEU C 232 -17.60 -15.26 -24.13
CA LEU C 232 -18.46 -15.98 -23.20
C LEU C 232 -19.67 -16.61 -23.88
N ILE C 233 -20.12 -16.10 -25.02
CA ILE C 233 -21.37 -16.53 -25.64
C ILE C 233 -21.25 -16.79 -27.13
N GLY C 234 -20.06 -16.70 -27.70
CA GLY C 234 -19.90 -16.90 -29.13
C GLY C 234 -20.67 -15.89 -29.95
N GLU C 235 -20.48 -15.91 -31.26
CA GLU C 235 -21.29 -15.06 -32.12
C GLU C 235 -22.76 -15.42 -32.01
N LYS C 236 -23.07 -16.67 -31.65
CA LYS C 236 -24.46 -17.09 -31.53
C LYS C 236 -25.20 -16.30 -30.46
N GLY C 237 -24.55 -16.07 -29.30
CA GLY C 237 -25.17 -15.22 -28.29
C GLY C 237 -24.92 -13.75 -28.52
N ALA C 238 -23.84 -13.40 -29.23
CA ALA C 238 -23.62 -11.99 -29.55
C ALA C 238 -24.74 -11.46 -30.45
N GLU C 239 -25.20 -12.27 -31.40
CA GLU C 239 -26.32 -11.92 -32.24
C GLU C 239 -27.63 -12.54 -31.76
N GLY C 240 -27.59 -13.38 -30.72
CA GLY C 240 -28.77 -14.02 -30.21
C GLY C 240 -29.51 -13.13 -29.23
N TRP C 241 -30.35 -13.77 -28.41
CA TRP C 241 -31.16 -13.00 -27.47
C TRP C 241 -30.31 -12.36 -26.38
N LEU C 242 -29.24 -13.01 -25.94
CA LEU C 242 -28.44 -12.47 -24.86
C LEU C 242 -27.68 -11.22 -25.31
N GLY C 243 -27.17 -11.22 -26.54
CA GLY C 243 -26.54 -10.02 -27.06
C GLY C 243 -27.53 -8.86 -27.18
N LYS C 244 -28.75 -9.16 -27.62
CA LYS C 244 -29.78 -8.12 -27.69
C LYS C 244 -30.11 -7.59 -26.30
N LEU C 245 -30.19 -8.47 -25.30
CA LEU C 245 -30.45 -8.02 -23.94
C LEU C 245 -29.33 -7.13 -23.44
N ILE C 246 -28.08 -7.50 -23.71
CA ILE C 246 -26.96 -6.68 -23.26
C ILE C 246 -27.01 -5.31 -23.93
N ASP C 247 -27.32 -5.29 -25.24
CA ASP C 247 -27.42 -4.01 -25.94
C ASP C 247 -28.54 -3.14 -25.38
N ILE C 248 -29.69 -3.76 -25.10
CA ILE C 248 -30.83 -3.00 -24.55
C ILE C 248 -30.48 -2.45 -23.18
N LEU C 249 -29.84 -3.26 -22.34
CA LEU C 249 -29.46 -2.79 -21.01
C LEU C 249 -28.46 -1.65 -21.12
N ALA C 250 -27.50 -1.75 -22.04
CA ALA C 250 -26.56 -0.66 -22.23
C ALA C 250 -27.26 0.62 -22.66
N ILE C 251 -28.23 0.51 -23.57
CA ILE C 251 -28.94 1.70 -24.04
C ILE C 251 -29.74 2.32 -22.91
N ILE C 252 -30.46 1.50 -22.14
CA ILE C 252 -31.27 2.01 -21.06
C ILE C 252 -30.40 2.67 -19.99
N ALA C 253 -29.29 2.02 -19.65
CA ALA C 253 -28.39 2.58 -18.64
C ALA C 253 -27.81 3.91 -19.11
N THR C 254 -27.41 3.99 -20.38
CA THR C 254 -26.93 5.27 -20.90
C THR C 254 -28.01 6.33 -20.85
N VAL C 255 -29.23 5.97 -21.23
CA VAL C 255 -30.34 6.93 -21.21
C VAL C 255 -30.54 7.48 -19.80
N PHE C 256 -30.57 6.59 -18.80
CA PHE C 256 -30.90 7.04 -17.46
C PHE C 256 -29.74 7.74 -16.77
N GLY C 257 -28.50 7.33 -17.02
CA GLY C 257 -27.37 8.08 -16.49
C GLY C 257 -27.27 9.47 -17.09
N THR C 258 -27.44 9.58 -18.41
CA THR C 258 -27.43 10.88 -19.05
C THR C 258 -28.63 11.71 -18.60
N ALA C 259 -29.78 11.09 -18.35
CA ALA C 259 -30.92 11.83 -17.84
C ALA C 259 -30.67 12.35 -16.44
N CYS C 260 -29.97 11.57 -15.61
CA CYS C 260 -29.58 12.06 -14.29
C CYS C 260 -28.68 13.29 -14.42
N SER C 261 -27.69 13.22 -15.31
CA SER C 261 -26.82 14.38 -15.51
C SER C 261 -27.61 15.59 -15.99
N LEU C 262 -28.50 15.39 -16.97
CA LEU C 262 -29.25 16.52 -17.52
C LEU C 262 -30.21 17.10 -16.49
N GLY C 263 -30.82 16.25 -15.66
CA GLY C 263 -31.68 16.75 -14.61
C GLY C 263 -30.91 17.56 -13.57
N LEU C 264 -29.73 17.10 -13.20
CA LEU C 264 -28.89 17.89 -12.31
C LEU C 264 -28.52 19.22 -12.94
N GLY C 265 -28.21 19.21 -14.24
CA GLY C 265 -27.89 20.45 -14.92
C GLY C 265 -29.06 21.42 -14.95
N ALA C 266 -30.27 20.91 -15.19
CA ALA C 266 -31.45 21.76 -15.19
C ALA C 266 -31.75 22.32 -13.81
N LEU C 267 -31.60 21.50 -12.77
CA LEU C 267 -31.77 22.00 -11.41
C LEU C 267 -30.77 23.11 -11.10
N GLN C 268 -29.50 22.89 -11.47
CA GLN C 268 -28.48 23.90 -11.22
C GLN C 268 -28.76 25.17 -12.01
N ILE C 269 -29.24 25.04 -13.24
CA ILE C 269 -29.54 26.23 -14.04
C ILE C 269 -30.71 27.00 -13.44
N GLY C 270 -31.75 26.29 -12.99
CA GLY C 270 -32.84 26.97 -12.31
C GLY C 270 -32.38 27.68 -11.04
N ALA C 271 -31.52 27.02 -10.26
CA ALA C 271 -30.99 27.66 -9.07
C ALA C 271 -30.18 28.89 -9.42
N GLY C 272 -29.38 28.83 -10.48
CA GLY C 272 -28.62 29.98 -10.90
C GLY C 272 -29.49 31.13 -11.35
N LEU C 273 -30.53 30.83 -12.13
CA LEU C 273 -31.45 31.88 -12.57
C LEU C 273 -32.16 32.52 -11.38
N SER C 274 -32.55 31.71 -10.40
CA SER C 274 -33.14 32.27 -9.19
C SER C 274 -32.14 33.15 -8.46
N ALA C 275 -30.88 32.71 -8.39
CA ALA C 275 -29.85 33.50 -7.71
C ALA C 275 -29.58 34.82 -8.43
N ALA C 276 -29.57 34.80 -9.75
CA ALA C 276 -29.32 36.00 -10.53
C ALA C 276 -30.54 36.91 -10.63
N ASN C 277 -31.65 36.54 -9.99
CA ASN C 277 -32.87 37.35 -9.96
C ASN C 277 -33.49 37.53 -11.33
N ILE C 278 -33.11 36.69 -12.30
CA ILE C 278 -33.79 36.69 -13.60
C ILE C 278 -35.21 36.15 -13.44
N ILE C 279 -35.40 35.15 -12.58
CA ILE C 279 -36.72 34.64 -12.24
C ILE C 279 -36.96 34.88 -10.76
N GLU C 280 -38.19 35.30 -10.43
CA GLU C 280 -38.50 35.62 -9.04
C GLU C 280 -38.35 34.39 -8.15
N ASP C 281 -38.87 33.25 -8.60
CA ASP C 281 -38.78 32.00 -7.86
C ASP C 281 -38.86 30.85 -8.84
N PRO C 282 -38.31 29.68 -8.50
CA PRO C 282 -38.38 28.55 -9.42
C PRO C 282 -39.80 28.00 -9.52
N SER C 283 -40.07 27.33 -10.64
CA SER C 283 -41.35 26.67 -10.85
C SER C 283 -41.14 25.55 -11.86
N ASP C 284 -42.09 24.62 -11.90
CA ASP C 284 -42.00 23.50 -12.83
C ASP C 284 -41.97 23.99 -14.27
N TRP C 285 -42.74 25.04 -14.56
CA TRP C 285 -42.72 25.59 -15.91
C TRP C 285 -41.35 26.15 -16.27
N THR C 286 -40.63 26.71 -15.29
CA THR C 286 -39.28 27.19 -15.55
C THR C 286 -38.34 26.05 -15.94
N ILE C 287 -38.42 24.92 -15.22
CA ILE C 287 -37.59 23.77 -15.55
C ILE C 287 -37.97 23.23 -16.92
N VAL C 288 -39.28 23.19 -17.21
CA VAL C 288 -39.73 22.73 -18.53
C VAL C 288 -39.15 23.63 -19.62
N GLY C 289 -39.19 24.94 -19.40
CA GLY C 289 -38.64 25.86 -20.37
C GLY C 289 -37.15 25.69 -20.57
N ILE C 290 -36.42 25.50 -19.47
CA ILE C 290 -34.97 25.34 -19.58
C ILE C 290 -34.63 24.07 -20.36
N VAL C 291 -35.26 22.96 -20.00
CA VAL C 291 -34.98 21.69 -20.68
C VAL C 291 -35.40 21.78 -22.14
N SER C 292 -36.55 22.41 -22.42
CA SER C 292 -37.01 22.53 -23.79
C SER C 292 -36.06 23.39 -24.63
N VAL C 293 -35.59 24.51 -24.08
CA VAL C 293 -34.68 25.36 -24.82
C VAL C 293 -33.38 24.62 -25.11
N LEU C 294 -32.84 23.94 -24.10
CA LEU C 294 -31.55 23.28 -24.29
C LEU C 294 -31.67 22.11 -25.26
N THR C 295 -32.74 21.33 -25.16
CA THR C 295 -32.91 20.22 -26.09
C THR C 295 -33.28 20.71 -27.49
N LEU C 296 -33.90 21.89 -27.62
CA LEU C 296 -34.14 22.43 -28.95
C LEU C 296 -32.85 22.88 -29.61
N ALA C 297 -31.99 23.58 -28.87
CA ALA C 297 -30.65 23.88 -29.38
C ALA C 297 -29.90 22.60 -29.76
N PHE C 298 -30.02 21.56 -28.94
CA PHE C 298 -29.43 20.26 -29.29
C PHE C 298 -30.00 19.66 -30.58
N ILE C 299 -31.32 19.63 -30.71
CA ILE C 299 -31.91 19.02 -31.90
C ILE C 299 -31.50 19.80 -33.14
N PHE C 300 -31.43 21.12 -33.02
CA PHE C 300 -30.96 21.91 -34.16
C PHE C 300 -29.53 21.56 -34.51
N SER C 301 -28.65 21.45 -33.51
CA SER C 301 -27.27 21.10 -33.79
C SER C 301 -27.17 19.72 -34.46
N ALA C 302 -27.94 18.76 -33.96
CA ALA C 302 -27.84 17.39 -34.49
C ALA C 302 -28.41 17.31 -35.90
N ILE C 303 -29.62 17.85 -36.12
CA ILE C 303 -30.26 17.76 -37.41
C ILE C 303 -29.54 18.60 -38.46
N SER C 304 -28.83 19.64 -38.03
CA SER C 304 -28.11 20.49 -38.98
C SER C 304 -27.09 19.70 -39.80
N GLY C 305 -26.65 18.54 -39.31
CA GLY C 305 -25.68 17.75 -40.04
C GLY C 305 -24.26 18.27 -39.98
N VAL C 306 -24.01 19.30 -39.18
CA VAL C 306 -22.70 19.93 -39.09
C VAL C 306 -22.26 19.86 -37.63
N GLY C 307 -21.11 19.25 -37.38
CA GLY C 307 -20.55 19.14 -36.05
C GLY C 307 -19.65 20.27 -35.64
N LYS C 308 -19.51 21.31 -36.48
CA LYS C 308 -18.64 22.43 -36.12
C LYS C 308 -19.16 23.15 -34.88
N GLY C 309 -20.47 23.36 -34.80
CA GLY C 309 -21.04 23.99 -33.61
C GLY C 309 -20.80 23.18 -32.36
N ILE C 310 -20.89 21.85 -32.46
CA ILE C 310 -20.66 21.01 -31.30
C ILE C 310 -19.20 21.04 -30.88
N GLN C 311 -18.28 21.04 -31.85
CA GLN C 311 -16.88 21.15 -31.49
C GLN C 311 -16.60 22.49 -30.81
N TYR C 312 -17.24 23.54 -31.30
CA TYR C 312 -17.13 24.85 -30.65
C TYR C 312 -17.63 24.78 -29.21
N LEU C 313 -18.78 24.12 -28.98
CA LEU C 313 -19.31 24.01 -27.63
C LEU C 313 -18.40 23.17 -26.75
N SER C 314 -17.82 22.10 -27.29
CA SER C 314 -16.95 21.24 -26.50
C SER C 314 -15.68 21.95 -26.10
N ASN C 315 -15.15 22.81 -26.98
CA ASN C 315 -14.00 23.64 -26.60
C ASN C 315 -14.40 24.70 -25.59
N ALA C 316 -15.58 25.31 -25.77
CA ALA C 316 -16.05 26.30 -24.82
C ALA C 316 -16.22 25.69 -23.44
N ASN C 317 -16.59 24.41 -23.37
CA ASN C 317 -16.69 23.74 -22.07
C ASN C 317 -15.37 23.81 -21.32
N MET C 318 -14.28 23.39 -21.97
CA MET C 318 -12.97 23.42 -21.32
C MET C 318 -12.57 24.84 -20.97
N VAL C 319 -12.78 25.77 -21.90
CA VAL C 319 -12.35 27.15 -21.66
C VAL C 319 -13.08 27.73 -20.44
N LEU C 320 -14.39 27.54 -20.38
CA LEU C 320 -15.17 28.11 -19.29
C LEU C 320 -14.90 27.42 -17.97
N ALA C 321 -14.76 26.10 -17.97
CA ALA C 321 -14.45 25.39 -16.73
C ALA C 321 -13.10 25.82 -16.18
N ALA C 322 -12.09 25.92 -17.05
CA ALA C 322 -10.78 26.41 -16.61
C ALA C 322 -10.87 27.83 -16.09
N LEU C 323 -11.64 28.68 -16.78
CA LEU C 323 -11.78 30.07 -16.34
C LEU C 323 -12.40 30.14 -14.95
N LEU C 324 -13.46 29.36 -14.72
CA LEU C 324 -14.12 29.39 -13.42
C LEU C 324 -13.24 28.83 -12.32
N ALA C 325 -12.54 27.73 -12.58
CA ALA C 325 -11.63 27.17 -11.59
C ALA C 325 -10.51 28.13 -11.26
N ILE C 326 -9.93 28.77 -12.27
CA ILE C 326 -8.85 29.72 -12.03
C ILE C 326 -9.36 30.93 -11.26
N PHE C 327 -10.59 31.37 -11.55
CA PHE C 327 -11.16 32.48 -10.80
C PHE C 327 -11.30 32.13 -9.33
N VAL C 328 -11.87 30.96 -9.04
CA VAL C 328 -12.05 30.57 -7.65
C VAL C 328 -10.70 30.40 -6.96
N PHE C 329 -9.71 29.91 -7.70
CA PHE C 329 -8.37 29.72 -7.14
C PHE C 329 -7.72 31.07 -6.79
N VAL C 330 -7.71 31.99 -7.74
CA VAL C 330 -7.00 33.25 -7.53
C VAL C 330 -7.75 34.13 -6.53
N VAL C 331 -9.08 34.24 -6.67
CA VAL C 331 -9.84 35.14 -5.83
C VAL C 331 -10.23 34.50 -4.50
N GLY C 332 -10.20 33.17 -4.40
CA GLY C 332 -10.48 32.50 -3.15
C GLY C 332 -9.24 32.36 -2.31
N PRO C 333 -9.31 31.53 -1.27
CA PRO C 333 -8.13 31.30 -0.42
C PRO C 333 -7.09 30.42 -1.07
N THR C 334 -6.21 31.02 -1.86
CA THR C 334 -5.28 30.25 -2.69
C THR C 334 -4.42 29.32 -1.84
N VAL C 335 -3.84 29.84 -0.76
CA VAL C 335 -2.89 29.07 0.02
C VAL C 335 -3.60 27.91 0.72
N SER C 336 -4.83 28.13 1.18
CA SER C 336 -5.57 27.03 1.79
C SER C 336 -5.87 25.93 0.78
N ILE C 337 -6.22 26.30 -0.46
CA ILE C 337 -6.43 25.31 -1.50
C ILE C 337 -5.15 24.54 -1.78
N LEU C 338 -4.03 25.25 -1.89
CA LEU C 338 -2.77 24.59 -2.17
C LEU C 338 -2.37 23.66 -1.04
N ASN C 339 -2.66 24.06 0.21
CA ASN C 339 -2.45 23.15 1.33
C ASN C 339 -3.33 21.92 1.21
N LEU C 340 -4.59 22.12 0.80
CA LEU C 340 -5.53 21.01 0.71
C LEU C 340 -5.15 20.02 -0.39
N LEU C 341 -4.40 20.45 -1.39
CA LEU C 341 -4.02 19.52 -2.46
C LEU C 341 -3.28 18.31 -1.91
N PRO C 342 -2.08 18.46 -1.34
CA PRO C 342 -1.42 17.29 -0.73
C PRO C 342 -2.20 16.71 0.43
N GLY C 343 -2.89 17.54 1.21
CA GLY C 343 -3.71 17.01 2.28
C GLY C 343 -4.79 16.08 1.76
N SER C 344 -5.49 16.51 0.71
CA SER C 344 -6.51 15.67 0.11
C SER C 344 -5.92 14.38 -0.42
N ILE C 345 -4.81 14.46 -1.16
CA ILE C 345 -4.24 13.26 -1.76
C ILE C 345 -3.76 12.30 -0.68
N GLY C 346 -3.07 12.81 0.34
CA GLY C 346 -2.56 11.95 1.39
C GLY C 346 -3.66 11.31 2.22
N ASN C 347 -4.69 12.08 2.57
CA ASN C 347 -5.81 11.52 3.31
C ASN C 347 -6.66 10.58 2.46
N TYR C 348 -6.62 10.73 1.13
CA TYR C 348 -7.29 9.78 0.26
C TYR C 348 -6.53 8.46 0.22
N LEU C 349 -5.21 8.52 0.08
CA LEU C 349 -4.41 7.30 0.06
C LEU C 349 -4.40 6.62 1.43
N SER C 350 -4.52 7.40 2.50
CA SER C 350 -4.55 6.84 3.84
C SER C 350 -5.88 6.13 4.11
N ASN C 351 -6.99 6.76 3.76
CA ASN C 351 -8.31 6.27 4.08
C ASN C 351 -8.93 5.43 2.97
N PHE C 352 -8.18 5.10 1.93
CA PHE C 352 -8.77 4.46 0.76
C PHE C 352 -9.49 3.17 1.12
N PHE C 353 -8.80 2.28 1.84
CA PHE C 353 -9.38 0.98 2.13
C PHE C 353 -10.34 1.02 3.31
N GLN C 354 -10.32 2.07 4.11
CA GLN C 354 -11.33 2.24 5.14
C GLN C 354 -12.65 2.70 4.54
N MET C 355 -12.57 3.54 3.50
CA MET C 355 -13.77 3.95 2.78
C MET C 355 -14.26 2.86 1.84
N ALA C 356 -13.35 2.06 1.28
CA ALA C 356 -13.74 0.91 0.47
C ALA C 356 -14.44 -0.15 1.29
N GLY C 357 -14.19 -0.21 2.59
CA GLY C 357 -14.82 -1.16 3.48
C GLY C 357 -16.04 -0.65 4.21
N ARG C 358 -16.58 0.51 3.81
CA ARG C 358 -17.76 1.06 4.45
C ARG C 358 -19.00 0.40 3.86
N THR C 359 -19.81 -0.21 4.71
CA THR C 359 -20.99 -0.96 4.30
C THR C 359 -22.18 -0.53 5.15
N ALA C 360 -23.32 -1.18 4.91
CA ALA C 360 -24.56 -0.83 5.59
C ALA C 360 -24.53 -1.16 7.07
N MET C 361 -23.54 -1.90 7.55
CA MET C 361 -23.36 -2.16 8.97
C MET C 361 -22.02 -1.64 9.47
N SER C 362 -21.65 -0.45 9.01
CA SER C 362 -20.57 0.33 9.58
C SER C 362 -21.14 1.42 10.47
N ALA C 363 -20.32 1.90 11.41
CA ALA C 363 -20.75 2.89 12.39
C ALA C 363 -21.95 2.38 13.18
N ASP C 364 -21.91 1.10 13.54
CA ASP C 364 -22.97 0.47 14.33
C ASP C 364 -24.32 0.52 13.60
N GLY C 365 -24.30 0.07 12.34
CA GLY C 365 -25.53 -0.05 11.58
C GLY C 365 -26.28 1.24 11.37
N THR C 366 -25.56 2.29 10.97
CA THR C 366 -26.18 3.58 10.68
C THR C 366 -25.71 4.19 9.36
N ALA C 367 -24.87 3.49 8.60
CA ALA C 367 -24.35 4.00 7.35
C ALA C 367 -25.21 3.64 6.15
N GLY C 368 -26.33 2.93 6.35
CA GLY C 368 -27.15 2.52 5.23
C GLY C 368 -27.75 3.70 4.48
N GLU C 369 -28.31 4.66 5.22
CA GLU C 369 -28.92 5.81 4.56
C GLU C 369 -27.88 6.72 3.94
N TRP C 370 -26.76 6.93 4.63
CA TRP C 370 -25.69 7.73 4.06
C TRP C 370 -25.12 7.07 2.80
N LEU C 371 -24.97 5.74 2.82
CA LEU C 371 -24.48 5.05 1.64
C LEU C 371 -25.48 5.15 0.50
N GLY C 372 -26.77 4.98 0.78
CA GLY C 372 -27.77 5.11 -0.26
C GLY C 372 -27.81 6.50 -0.86
N SER C 373 -27.58 7.51 -0.03
CA SER C 373 -27.64 8.89 -0.51
C SER C 373 -26.39 9.27 -1.30
N TRP C 374 -25.22 8.77 -0.89
CA TRP C 374 -23.96 9.21 -1.47
C TRP C 374 -23.22 8.11 -2.21
N THR C 375 -22.84 7.02 -1.54
CA THR C 375 -21.87 6.11 -2.16
C THR C 375 -22.53 5.21 -3.19
N ILE C 376 -23.65 4.57 -2.82
CA ILE C 376 -24.32 3.69 -3.76
C ILE C 376 -24.88 4.47 -4.93
N PHE C 377 -25.33 5.71 -4.70
CA PHE C 377 -25.79 6.55 -5.81
C PHE C 377 -24.66 6.77 -6.81
N TYR C 378 -23.48 7.09 -6.32
CA TYR C 378 -22.35 7.33 -7.23
C TYR C 378 -21.95 6.04 -7.94
N TRP C 379 -21.98 4.90 -7.24
CA TRP C 379 -21.69 3.64 -7.92
C TRP C 379 -22.65 3.43 -9.07
N ALA C 380 -23.95 3.59 -8.81
CA ALA C 380 -24.95 3.39 -9.85
C ALA C 380 -24.77 4.38 -10.98
N TRP C 381 -24.46 5.64 -10.64
CA TRP C 381 -24.28 6.66 -11.67
C TRP C 381 -23.12 6.32 -12.59
N TRP C 382 -22.00 5.89 -12.02
CA TRP C 382 -20.85 5.52 -12.85
C TRP C 382 -21.14 4.28 -13.68
N ILE C 383 -21.81 3.29 -13.09
CA ILE C 383 -22.11 2.07 -13.85
C ILE C 383 -23.05 2.37 -15.00
N SER C 384 -23.98 3.31 -14.81
CA SER C 384 -24.88 3.69 -15.89
C SER C 384 -24.18 4.56 -16.93
N TRP C 385 -23.21 5.37 -16.51
CA TRP C 385 -22.42 6.13 -17.47
C TRP C 385 -21.41 5.27 -18.22
N SER C 386 -21.09 4.08 -17.70
CA SER C 386 -19.99 3.30 -18.24
C SER C 386 -20.10 3.00 -19.73
N PRO C 387 -21.27 2.67 -20.30
CA PRO C 387 -21.28 2.41 -21.75
C PRO C 387 -20.83 3.61 -22.56
N PHE C 388 -21.33 4.80 -22.22
CA PHE C 388 -20.97 5.98 -22.99
C PHE C 388 -19.48 6.29 -22.88
N VAL C 389 -18.97 6.37 -21.66
CA VAL C 389 -17.58 6.77 -21.50
C VAL C 389 -16.65 5.68 -22.03
N GLY C 390 -17.05 4.42 -21.91
CA GLY C 390 -16.27 3.36 -22.51
C GLY C 390 -16.19 3.47 -24.02
N MET C 391 -17.33 3.72 -24.66
CA MET C 391 -17.34 3.90 -26.11
C MET C 391 -16.49 5.10 -26.51
N PHE C 392 -16.62 6.21 -25.78
CA PHE C 392 -15.83 7.39 -26.06
C PHE C 392 -14.35 7.11 -25.94
N LEU C 393 -13.94 6.46 -24.85
CA LEU C 393 -12.52 6.19 -24.64
C LEU C 393 -11.98 5.23 -25.69
N ALA C 394 -12.77 4.23 -26.08
CA ALA C 394 -12.34 3.32 -27.13
C ALA C 394 -12.17 4.06 -28.46
N ARG C 395 -13.04 5.02 -28.75
CA ARG C 395 -12.95 5.73 -30.02
C ARG C 395 -11.66 6.52 -30.13
N ILE C 396 -11.23 7.17 -29.04
CA ILE C 396 -10.09 8.10 -29.10
C ILE C 396 -8.77 7.43 -28.75
N SER C 397 -8.77 6.15 -28.36
CA SER C 397 -7.57 5.53 -27.81
C SER C 397 -7.20 4.27 -28.57
N ARG C 398 -7.17 4.35 -29.90
CA ARG C 398 -6.69 3.25 -30.72
C ARG C 398 -5.21 3.43 -31.02
N GLY C 399 -4.48 2.32 -31.01
CA GLY C 399 -3.04 2.34 -31.16
C GLY C 399 -2.27 2.50 -29.87
N ARG C 400 -2.95 2.76 -28.76
CA ARG C 400 -2.31 2.83 -27.47
C ARG C 400 -2.07 1.42 -26.94
N SER C 401 -1.17 1.31 -25.97
CA SER C 401 -1.00 0.08 -25.25
C SER C 401 -2.04 -0.01 -24.13
N ILE C 402 -2.29 -1.23 -23.67
CA ILE C 402 -3.23 -1.41 -22.57
C ILE C 402 -2.73 -0.69 -21.32
N ARG C 403 -1.42 -0.79 -21.04
CA ARG C 403 -0.87 -0.14 -19.87
C ARG C 403 -0.97 1.38 -19.98
N GLU C 404 -0.57 1.94 -21.13
CA GLU C 404 -0.65 3.38 -21.32
C GLU C 404 -2.08 3.86 -21.24
N PHE C 405 -3.00 3.15 -21.90
CA PHE C 405 -4.40 3.53 -21.86
C PHE C 405 -4.92 3.53 -20.43
N ILE C 406 -4.67 2.45 -19.69
CA ILE C 406 -5.20 2.32 -18.34
C ILE C 406 -4.62 3.42 -17.44
N LEU C 407 -3.31 3.63 -17.51
CA LEU C 407 -2.67 4.61 -16.64
C LEU C 407 -3.19 6.01 -16.94
N GLY C 408 -3.24 6.38 -18.23
CA GLY C 408 -3.73 7.71 -18.57
C GLY C 408 -5.17 7.92 -18.13
N VAL C 409 -6.04 6.95 -18.45
CA VAL C 409 -7.45 7.10 -18.15
C VAL C 409 -7.68 7.15 -16.64
N LEU C 410 -6.89 6.41 -15.87
CA LEU C 410 -7.06 6.41 -14.42
C LEU C 410 -6.51 7.68 -13.79
N LEU C 411 -5.37 8.18 -14.27
CA LEU C 411 -4.65 9.21 -13.56
C LEU C 411 -5.01 10.63 -14.00
N VAL C 412 -5.24 10.88 -15.28
CA VAL C 412 -5.51 12.25 -15.72
C VAL C 412 -6.82 12.75 -15.12
N PRO C 413 -7.94 12.06 -15.33
CA PRO C 413 -9.19 12.55 -14.74
C PRO C 413 -9.17 12.58 -13.23
N ALA C 414 -8.46 11.64 -12.59
CA ALA C 414 -8.33 11.68 -11.14
C ALA C 414 -7.64 12.95 -10.67
N GLY C 415 -6.56 13.34 -11.35
CA GLY C 415 -5.88 14.58 -10.98
C GLY C 415 -6.75 15.81 -11.24
N VAL C 416 -7.46 15.82 -12.37
CA VAL C 416 -8.34 16.94 -12.68
C VAL C 416 -9.43 17.06 -11.61
N SER C 417 -10.04 15.94 -11.24
CA SER C 417 -11.08 15.96 -10.22
C SER C 417 -10.52 16.38 -8.88
N THR C 418 -9.31 15.93 -8.54
CA THR C 418 -8.69 16.33 -7.29
C THR C 418 -8.51 17.83 -7.23
N VAL C 419 -8.00 18.43 -8.31
CA VAL C 419 -7.81 19.88 -8.32
C VAL C 419 -9.15 20.60 -8.24
N TRP C 420 -10.15 20.12 -8.99
CA TRP C 420 -11.45 20.78 -9.00
C TRP C 420 -12.07 20.78 -7.61
N PHE C 421 -12.12 19.62 -6.97
CA PHE C 421 -12.74 19.53 -5.66
C PHE C 421 -11.91 20.25 -4.61
N SER C 422 -10.57 20.20 -4.72
CA SER C 422 -9.75 20.99 -3.83
C SER C 422 -10.16 22.45 -3.90
N ILE C 423 -10.21 23.02 -5.10
CA ILE C 423 -10.56 24.43 -5.25
C ILE C 423 -11.92 24.71 -4.61
N PHE C 424 -12.97 24.06 -5.11
CA PHE C 424 -14.33 24.46 -4.73
C PHE C 424 -14.67 24.02 -3.30
N GLY C 425 -14.40 22.77 -2.95
CA GLY C 425 -14.65 22.31 -1.60
C GLY C 425 -13.80 23.02 -0.56
N GLY C 426 -12.53 23.28 -0.87
CA GLY C 426 -11.70 24.02 0.06
C GLY C 426 -12.19 25.44 0.25
N THR C 427 -12.64 26.09 -0.83
CA THR C 427 -13.23 27.41 -0.67
C THR C 427 -14.43 27.36 0.26
N ALA C 428 -15.33 26.41 0.04
CA ALA C 428 -16.51 26.30 0.88
C ALA C 428 -16.15 26.03 2.33
N ILE C 429 -15.22 25.11 2.57
CA ILE C 429 -14.85 24.72 3.93
C ILE C 429 -14.12 25.86 4.63
N VAL C 430 -13.28 26.60 3.91
CA VAL C 430 -12.59 27.74 4.49
C VAL C 430 -13.59 28.83 4.86
N PHE C 431 -14.61 29.04 4.03
CA PHE C 431 -15.65 29.98 4.39
C PHE C 431 -16.38 29.53 5.65
N GLU C 432 -16.70 28.24 5.74
CA GLU C 432 -17.35 27.73 6.94
C GLU C 432 -16.50 27.93 8.18
N GLN C 433 -15.20 27.66 8.07
CA GLN C 433 -14.30 27.82 9.21
C GLN C 433 -14.20 29.28 9.63
N ASN C 434 -13.98 30.18 8.66
CA ASN C 434 -13.68 31.56 9.00
C ASN C 434 -14.84 32.25 9.70
N GLY C 435 -16.06 31.81 9.44
CA GLY C 435 -17.24 32.44 10.02
C GLY C 435 -18.34 32.61 9.00
N GLU C 436 -17.95 32.81 7.74
CA GLU C 436 -18.94 32.83 6.67
C GLU C 436 -19.56 31.45 6.52
N SER C 437 -20.58 31.36 5.68
CA SER C 437 -21.20 30.08 5.40
C SER C 437 -22.10 30.18 4.17
N ILE C 438 -21.86 29.30 3.20
CA ILE C 438 -22.64 29.29 1.97
C ILE C 438 -23.76 28.26 2.00
N TRP C 439 -23.97 27.59 3.13
CA TRP C 439 -24.99 26.56 3.20
C TRP C 439 -26.37 27.13 2.89
N GLY C 440 -26.68 28.29 3.47
CA GLY C 440 -27.97 28.91 3.21
C GLY C 440 -29.10 28.00 3.63
N ASP C 441 -30.05 27.80 2.72
CA ASP C 441 -31.23 26.99 3.00
C ASP C 441 -30.95 25.50 3.00
N GLY C 442 -29.76 25.07 2.56
CA GLY C 442 -29.41 23.67 2.52
C GLY C 442 -29.63 22.99 1.18
N ALA C 443 -30.17 23.71 0.19
CA ALA C 443 -30.39 23.11 -1.12
C ALA C 443 -29.06 22.87 -1.83
N ALA C 444 -28.89 21.66 -2.35
CA ALA C 444 -27.62 21.30 -2.99
C ALA C 444 -27.37 22.14 -4.23
N GLU C 445 -28.42 22.45 -4.99
CA GLU C 445 -28.24 23.15 -6.25
C GLU C 445 -27.80 24.59 -6.08
N GLU C 446 -28.00 25.17 -4.90
CA GLU C 446 -27.74 26.58 -4.67
C GLU C 446 -26.34 26.86 -4.11
N GLN C 447 -25.55 25.82 -3.81
CA GLN C 447 -24.29 26.03 -3.12
C GLN C 447 -23.28 26.76 -4.00
N LEU C 448 -23.10 26.28 -5.23
CA LEU C 448 -22.08 26.84 -6.11
C LEU C 448 -22.24 28.35 -6.25
N PHE C 449 -23.44 28.79 -6.61
CA PHE C 449 -23.67 30.22 -6.75
C PHE C 449 -23.54 30.93 -5.41
N GLY C 450 -23.97 30.27 -4.33
CA GLY C 450 -23.73 30.83 -3.01
C GLY C 450 -22.25 31.02 -2.74
N LEU C 451 -21.42 30.10 -3.26
CA LEU C 451 -19.98 30.28 -3.16
C LEU C 451 -19.52 31.41 -4.07
N LEU C 452 -20.11 31.54 -5.25
CA LEU C 452 -19.62 32.55 -6.20
C LEU C 452 -19.92 33.96 -5.71
N HIS C 453 -21.16 34.21 -5.28
CA HIS C 453 -21.53 35.55 -4.86
C HIS C 453 -20.74 35.99 -3.63
N ALA C 454 -20.27 35.05 -2.82
CA ALA C 454 -19.43 35.40 -1.68
C ALA C 454 -18.10 36.00 -2.11
N LEU C 455 -17.61 35.66 -3.29
CA LEU C 455 -16.32 36.16 -3.76
C LEU C 455 -16.51 37.42 -4.61
N PRO C 456 -15.58 38.37 -4.58
CA PRO C 456 -15.72 39.55 -5.42
C PRO C 456 -15.73 39.18 -6.89
N GLY C 457 -16.57 39.87 -7.66
CA GLY C 457 -16.74 39.56 -9.06
C GLY C 457 -17.54 38.31 -9.34
N GLY C 458 -18.25 37.79 -8.33
CA GLY C 458 -19.02 36.57 -8.50
C GLY C 458 -20.34 36.74 -9.22
N GLN C 459 -20.82 37.98 -9.38
CA GLN C 459 -22.07 38.20 -10.09
C GLN C 459 -21.94 37.77 -11.55
N ILE C 460 -20.84 38.13 -12.20
CA ILE C 460 -20.61 37.73 -13.57
C ILE C 460 -20.31 36.23 -13.64
N MET C 461 -19.57 35.73 -12.66
CA MET C 461 -19.22 34.31 -12.67
C MET C 461 -20.42 33.41 -12.45
N GLY C 462 -21.50 33.91 -11.85
CA GLY C 462 -22.72 33.13 -11.78
C GLY C 462 -23.31 32.87 -13.17
N ILE C 463 -23.39 33.93 -13.98
CA ILE C 463 -23.88 33.75 -15.35
C ILE C 463 -22.91 32.90 -16.15
N ILE C 464 -21.60 33.05 -15.92
CA ILE C 464 -20.64 32.21 -16.63
C ILE C 464 -20.85 30.74 -16.27
N ALA C 465 -21.11 30.46 -14.99
CA ALA C 465 -21.39 29.09 -14.58
C ALA C 465 -22.68 28.57 -15.20
N MET C 466 -23.71 29.43 -15.30
CA MET C 466 -24.95 29.00 -15.94
C MET C 466 -24.73 28.67 -17.42
N ILE C 467 -23.97 29.52 -18.12
CA ILE C 467 -23.66 29.25 -19.52
C ILE C 467 -22.89 27.94 -19.64
N LEU C 468 -21.95 27.72 -18.73
CA LEU C 468 -21.17 26.48 -18.75
C LEU C 468 -22.06 25.28 -18.53
N LEU C 469 -23.04 25.39 -17.62
CA LEU C 469 -23.97 24.28 -17.40
C LEU C 469 -24.79 24.02 -18.66
N GLY C 470 -25.22 25.06 -19.35
CA GLY C 470 -25.96 24.87 -20.59
C GLY C 470 -25.14 24.18 -21.67
N THR C 471 -23.89 24.64 -21.86
CA THR C 471 -23.03 24.01 -22.86
C THR C 471 -22.76 22.55 -22.49
N PHE C 472 -22.53 22.28 -21.21
CA PHE C 472 -22.35 20.90 -20.76
C PHE C 472 -23.59 20.07 -21.05
N PHE C 473 -24.77 20.64 -20.79
CA PHE C 473 -26.03 19.96 -21.10
C PHE C 473 -26.05 19.52 -22.56
N ILE C 474 -25.80 20.46 -23.46
CA ILE C 474 -25.90 20.16 -24.89
C ILE C 474 -24.85 19.13 -25.30
N THR C 475 -23.60 19.33 -24.85
CA THR C 475 -22.51 18.47 -25.31
C THR C 475 -22.62 17.06 -24.73
N SER C 476 -22.99 16.93 -23.46
CA SER C 476 -23.20 15.61 -22.88
C SER C 476 -24.36 14.91 -23.56
N ALA C 477 -25.44 15.65 -23.85
CA ALA C 477 -26.55 15.06 -24.60
C ALA C 477 -26.06 14.51 -25.93
N ASP C 478 -25.28 15.31 -26.66
CA ASP C 478 -24.84 14.89 -27.99
C ASP C 478 -23.92 13.69 -27.94
N SER C 479 -22.97 13.65 -27.01
CA SER C 479 -22.09 12.48 -26.94
C SER C 479 -22.88 11.23 -26.58
N ALA C 480 -23.77 11.33 -25.58
CA ALA C 480 -24.57 10.17 -25.21
C ALA C 480 -25.46 9.72 -26.35
N SER C 481 -26.07 10.67 -27.06
CA SER C 481 -26.95 10.34 -28.18
C SER C 481 -26.18 9.69 -29.32
N THR C 482 -24.96 10.16 -29.59
CA THR C 482 -24.15 9.53 -30.61
C THR C 482 -23.82 8.08 -30.24
N VAL C 483 -23.47 7.84 -28.97
CA VAL C 483 -23.20 6.47 -28.55
C VAL C 483 -24.43 5.61 -28.69
N MET C 484 -25.61 6.15 -28.33
CA MET C 484 -26.84 5.38 -28.44
C MET C 484 -27.19 5.08 -29.89
N GLY C 485 -26.98 6.05 -30.79
CA GLY C 485 -27.21 5.80 -32.20
C GLY C 485 -26.27 4.75 -32.76
N THR C 486 -25.02 4.76 -32.33
CA THR C 486 -24.09 3.70 -32.71
C THR C 486 -24.59 2.35 -32.19
N MET C 487 -25.07 2.30 -30.96
CA MET C 487 -25.56 1.05 -30.39
C MET C 487 -26.75 0.52 -31.18
N SER C 488 -27.65 1.41 -31.59
CA SER C 488 -28.86 1.01 -32.31
C SER C 488 -28.65 0.84 -33.81
N GLN C 489 -27.48 1.20 -34.34
CA GLN C 489 -27.16 1.09 -35.76
C GLN C 489 -26.14 -0.03 -36.00
N HIS C 490 -26.26 -1.13 -35.26
CA HIS C 490 -25.38 -2.29 -35.43
C HIS C 490 -23.90 -1.90 -35.30
N GLY C 491 -23.59 -0.94 -34.44
CA GLY C 491 -22.23 -0.52 -34.23
C GLY C 491 -21.69 0.45 -35.25
N GLN C 492 -22.54 1.02 -36.10
CA GLN C 492 -22.08 1.94 -37.12
C GLN C 492 -21.60 3.24 -36.49
N LEU C 493 -20.37 3.64 -36.81
CA LEU C 493 -19.83 4.89 -36.27
C LEU C 493 -20.61 6.08 -36.78
N GLU C 494 -20.98 6.07 -38.07
CA GLU C 494 -21.74 7.16 -38.68
C GLU C 494 -23.22 6.95 -38.43
N ALA C 495 -23.62 7.16 -37.18
CA ALA C 495 -25.00 6.89 -36.78
C ALA C 495 -25.96 7.83 -37.49
N ASN C 496 -27.19 7.34 -37.71
CA ASN C 496 -28.22 8.14 -38.34
C ASN C 496 -28.59 9.32 -37.45
N LYS C 497 -28.75 10.49 -38.08
CA LYS C 497 -29.01 11.70 -37.30
C LYS C 497 -30.41 11.68 -36.69
N TRP C 498 -31.35 10.99 -37.32
CA TRP C 498 -32.70 10.92 -36.76
C TRP C 498 -32.74 10.04 -35.52
N VAL C 499 -32.02 8.91 -35.55
CA VAL C 499 -31.92 8.08 -34.36
C VAL C 499 -31.19 8.82 -33.25
N THR C 500 -30.13 9.56 -33.61
CA THR C 500 -29.41 10.35 -32.62
C THR C 500 -30.33 11.37 -31.97
N ALA C 501 -31.11 12.09 -32.79
CA ALA C 501 -32.03 13.08 -32.26
C ALA C 501 -33.09 12.45 -31.37
N ALA C 502 -33.61 11.29 -31.78
CA ALA C 502 -34.62 10.62 -30.98
C ALA C 502 -34.07 10.21 -29.63
N TRP C 503 -32.84 9.68 -29.60
CA TRP C 503 -32.25 9.29 -28.32
C TRP C 503 -31.99 10.50 -27.44
N GLY C 504 -31.51 11.60 -28.01
CA GLY C 504 -31.31 12.80 -27.21
C GLY C 504 -32.60 13.35 -26.64
N VAL C 505 -33.66 13.36 -27.45
CA VAL C 505 -34.95 13.82 -26.98
C VAL C 505 -35.48 12.93 -25.87
N ALA C 506 -35.30 11.60 -26.03
CA ALA C 506 -35.75 10.68 -25.00
C ALA C 506 -35.00 10.91 -23.70
N THR C 507 -33.70 11.16 -23.77
CA THR C 507 -32.91 11.44 -22.58
C THR C 507 -33.41 12.70 -21.87
N ALA C 508 -33.62 13.77 -22.65
CA ALA C 508 -34.11 15.01 -22.05
C ALA C 508 -35.48 14.82 -21.43
N ALA C 509 -36.35 14.05 -22.09
CA ALA C 509 -37.68 13.79 -21.55
C ALA C 509 -37.61 13.02 -20.24
N ILE C 510 -36.71 12.02 -20.16
CA ILE C 510 -36.59 11.25 -18.92
C ILE C 510 -36.06 12.13 -17.79
N GLY C 511 -35.07 12.98 -18.08
CA GLY C 511 -34.57 13.86 -17.04
C GLY C 511 -35.64 14.82 -16.53
N LEU C 512 -36.38 15.44 -17.46
CA LEU C 512 -37.48 16.31 -17.07
C LEU C 512 -38.53 15.54 -16.28
N THR C 513 -38.77 14.29 -16.67
CA THR C 513 -39.77 13.47 -15.98
C THR C 513 -39.38 13.23 -14.54
N LEU C 514 -38.11 12.88 -14.30
CA LEU C 514 -37.65 12.67 -12.93
C LEU C 514 -37.76 13.95 -12.12
N LEU C 515 -37.36 15.09 -12.71
CA LEU C 515 -37.44 16.34 -11.99
C LEU C 515 -38.89 16.67 -11.61
N LEU C 516 -39.80 16.62 -12.59
CA LEU C 516 -41.19 16.99 -12.32
C LEU C 516 -41.83 16.02 -11.33
N SER C 517 -41.60 14.72 -11.49
CA SER C 517 -42.18 13.75 -10.57
C SER C 517 -41.68 13.97 -9.15
N GLY C 518 -40.37 14.21 -8.99
CA GLY C 518 -39.85 14.47 -7.66
C GLY C 518 -40.42 15.73 -7.05
N GLY C 519 -40.52 16.79 -7.84
CA GLY C 519 -41.05 18.04 -7.33
C GLY C 519 -40.17 18.63 -6.25
N ASP C 520 -40.65 18.61 -5.01
CA ASP C 520 -39.84 19.13 -3.90
C ASP C 520 -38.61 18.27 -3.67
N ASN C 521 -38.77 16.95 -3.67
CA ASN C 521 -37.68 16.01 -3.46
C ASN C 521 -37.10 15.54 -4.80
N ALA C 522 -36.73 16.52 -5.63
CA ALA C 522 -36.31 16.22 -7.00
C ALA C 522 -35.01 15.42 -7.03
N LEU C 523 -34.04 15.80 -6.20
CA LEU C 523 -32.78 15.07 -6.18
C LEU C 523 -32.97 13.64 -5.67
N SER C 524 -33.81 13.46 -4.66
CA SER C 524 -34.10 12.11 -4.18
C SER C 524 -34.72 11.28 -5.29
N ASN C 525 -35.66 11.86 -6.05
CA ASN C 525 -36.25 11.14 -7.16
C ASN C 525 -35.20 10.74 -8.20
N LEU C 526 -34.34 11.70 -8.57
CA LEU C 526 -33.30 11.44 -9.56
C LEU C 526 -32.41 10.29 -9.10
N GLN C 527 -31.94 10.36 -7.86
CA GLN C 527 -31.00 9.35 -7.37
C GLN C 527 -31.67 7.98 -7.26
N ASN C 528 -32.92 7.94 -6.79
CA ASN C 528 -33.62 6.67 -6.69
C ASN C 528 -33.75 6.01 -8.05
N VAL C 529 -34.23 6.76 -9.05
CA VAL C 529 -34.42 6.16 -10.36
C VAL C 529 -33.08 5.81 -10.99
N THR C 530 -32.04 6.61 -10.75
CA THR C 530 -30.73 6.27 -11.29
C THR C 530 -30.22 4.95 -10.72
N ILE C 531 -30.37 4.76 -9.41
CA ILE C 531 -29.91 3.51 -8.80
C ILE C 531 -30.71 2.34 -9.34
N VAL C 532 -32.03 2.50 -9.45
CA VAL C 532 -32.86 1.42 -9.95
C VAL C 532 -32.49 1.06 -11.38
N ALA C 533 -32.26 2.06 -12.23
CA ALA C 533 -31.97 1.80 -13.63
C ALA C 533 -30.56 1.27 -13.84
N ALA C 534 -29.63 1.60 -12.94
CA ALA C 534 -28.25 1.14 -13.07
C ALA C 534 -28.01 -0.21 -12.41
N THR C 535 -28.92 -0.69 -11.57
CA THR C 535 -28.73 -2.00 -10.96
C THR C 535 -28.57 -3.12 -11.99
N PRO C 536 -29.42 -3.22 -13.04
CA PRO C 536 -29.22 -4.32 -13.99
C PRO C 536 -27.87 -4.33 -14.68
N PHE C 537 -27.32 -3.17 -15.02
CA PHE C 537 -26.07 -3.10 -15.76
C PHE C 537 -24.85 -3.38 -14.90
N LEU C 538 -25.00 -3.44 -13.57
CA LEU C 538 -23.88 -3.79 -12.71
C LEU C 538 -23.37 -5.18 -13.04
N PHE C 539 -24.28 -6.12 -13.30
CA PHE C 539 -23.86 -7.48 -13.63
C PHE C 539 -23.22 -7.56 -15.01
N VAL C 540 -23.69 -6.72 -15.95
CA VAL C 540 -23.03 -6.66 -17.25
C VAL C 540 -21.59 -6.17 -17.07
N VAL C 541 -21.39 -5.13 -16.27
CA VAL C 541 -20.05 -4.61 -16.07
C VAL C 541 -19.19 -5.61 -15.30
N ILE C 542 -19.80 -6.42 -14.42
CA ILE C 542 -19.04 -7.45 -13.74
C ILE C 542 -18.60 -8.53 -14.71
N GLY C 543 -19.49 -8.96 -15.61
CA GLY C 543 -19.14 -9.96 -16.59
C GLY C 543 -18.16 -9.46 -17.64
N LEU C 544 -18.10 -8.15 -17.85
CA LEU C 544 -17.09 -7.59 -18.75
C LEU C 544 -15.69 -7.94 -18.29
N MET C 545 -15.47 -8.07 -16.99
CA MET C 545 -14.15 -8.45 -16.49
C MET C 545 -13.74 -9.82 -17.02
N PHE C 546 -14.61 -10.81 -16.86
CA PHE C 546 -14.32 -12.15 -17.34
C PHE C 546 -14.18 -12.17 -18.86
N ALA C 547 -15.08 -11.47 -19.56
CA ALA C 547 -15.01 -11.45 -21.02
C ALA C 547 -13.71 -10.81 -21.51
N LEU C 548 -13.29 -9.72 -20.86
CA LEU C 548 -12.04 -9.06 -21.23
C LEU C 548 -10.84 -9.94 -20.93
N VAL C 549 -10.86 -10.65 -19.79
CA VAL C 549 -9.74 -11.53 -19.48
C VAL C 549 -9.63 -12.63 -20.52
N LYS C 550 -10.77 -13.18 -20.95
CA LYS C 550 -10.73 -14.19 -22.00
C LYS C 550 -10.26 -13.61 -23.33
N ASP C 551 -10.67 -12.38 -23.66
CA ASP C 551 -10.12 -11.70 -24.83
C ASP C 551 -8.60 -11.62 -24.76
N LEU C 552 -8.07 -11.19 -23.62
CA LEU C 552 -6.64 -10.90 -23.55
C LEU C 552 -5.81 -12.17 -23.50
N SER C 553 -6.26 -13.18 -22.75
CA SER C 553 -5.51 -14.42 -22.67
C SER C 553 -5.42 -15.12 -24.03
N ASN C 554 -6.53 -15.13 -24.78
CA ASN C 554 -6.58 -15.79 -26.08
C ASN C 554 -6.16 -14.83 -27.18
N ASP C 555 -4.96 -14.28 -27.03
CA ASP C 555 -4.39 -13.34 -27.99
C ASP C 555 -3.38 -14.05 -28.89
N VAL C 556 -3.23 -13.54 -30.11
CA VAL C 556 -2.40 -14.23 -31.09
C VAL C 556 -0.95 -14.30 -30.64
N ILE C 557 -0.48 -13.30 -29.89
CA ILE C 557 0.90 -13.30 -29.43
C ILE C 557 1.17 -14.30 -28.32
N TYR C 558 0.12 -14.92 -27.77
CA TYR C 558 0.26 -15.89 -26.68
C TYR C 558 -0.25 -17.28 -27.03
N LEU C 559 -0.87 -17.47 -28.20
CA LEU C 559 -1.53 -18.74 -28.48
C LEU C 559 -0.52 -19.88 -28.66
N GLU C 560 0.65 -19.60 -29.24
CA GLU C 560 1.65 -20.64 -29.40
C GLU C 560 2.12 -21.16 -28.05
N TYR C 561 2.42 -20.25 -27.12
CA TYR C 561 2.85 -20.68 -25.80
C TYR C 561 1.71 -21.35 -25.04
N ARG C 562 0.48 -20.89 -25.24
CA ARG C 562 -0.65 -21.56 -24.60
C ARG C 562 -0.80 -22.98 -25.08
N GLU C 563 -0.62 -23.21 -26.39
CA GLU C 563 -0.67 -24.56 -26.93
C GLU C 563 0.46 -25.42 -26.35
N GLN C 564 1.66 -24.86 -26.27
CA GLN C 564 2.78 -25.61 -25.70
C GLN C 564 2.50 -25.98 -24.25
N GLN C 565 2.01 -25.03 -23.46
CA GLN C 565 1.69 -25.29 -22.07
C GLN C 565 0.60 -26.35 -21.95
N ARG C 566 -0.43 -26.28 -22.81
CA ARG C 566 -1.49 -27.27 -22.78
C ARG C 566 -0.93 -28.67 -23.05
N PHE C 567 -0.10 -28.80 -24.09
CA PHE C 567 0.45 -30.11 -24.43
C PHE C 567 1.31 -30.65 -23.30
N ASN C 568 2.21 -29.81 -22.76
CA ASN C 568 3.08 -30.27 -21.70
C ASN C 568 2.29 -30.66 -20.46
N ALA C 569 1.26 -29.89 -20.11
CA ALA C 569 0.45 -30.20 -18.93
C ALA C 569 -0.33 -31.49 -19.13
N ARG C 570 -0.83 -31.73 -20.35
CA ARG C 570 -1.48 -32.99 -20.63
C ARG C 570 -0.52 -34.15 -20.45
N LEU C 571 0.72 -34.00 -20.94
CA LEU C 571 1.72 -35.04 -20.73
C LEU C 571 1.99 -35.27 -19.24
N ALA C 572 2.09 -34.18 -18.48
CA ALA C 572 2.37 -34.30 -17.05
C ALA C 572 1.23 -35.01 -16.32
N ARG C 573 -0.01 -34.66 -16.64
CA ARG C 573 -1.16 -35.32 -16.01
C ARG C 573 -1.20 -36.80 -16.37
N GLU C 574 -0.95 -37.13 -17.64
CA GLU C 574 -0.93 -38.53 -18.05
C GLU C 574 0.15 -39.29 -17.30
N ARG C 575 1.34 -38.69 -17.17
CA ARG C 575 2.41 -39.35 -16.43
C ARG C 575 2.01 -39.58 -14.98
N ARG C 576 1.41 -38.57 -14.34
CA ARG C 576 1.08 -38.73 -12.92
C ARG C 576 0.01 -39.79 -12.72
N VAL C 577 -1.01 -39.82 -13.59
CA VAL C 577 -2.08 -40.80 -13.40
C VAL C 577 -1.58 -42.21 -13.67
N HIS C 578 -0.76 -42.38 -14.72
CA HIS C 578 -0.20 -43.70 -14.97
C HIS C 578 0.71 -44.13 -13.84
N ASN C 579 1.51 -43.21 -13.30
CA ASN C 579 2.38 -43.55 -12.17
C ASN C 579 1.57 -43.95 -10.95
N GLU C 580 0.47 -43.23 -10.68
CA GLU C 580 -0.37 -43.59 -9.55
C GLU C 580 -0.98 -44.97 -9.73
N HIS C 581 -1.45 -45.27 -10.95
CA HIS C 581 -2.01 -46.59 -11.20
C HIS C 581 -0.96 -47.68 -11.03
N ARG C 582 0.26 -47.43 -11.53
CA ARG C 582 1.33 -48.41 -11.38
C ARG C 582 1.67 -48.65 -9.91
N LYS C 583 1.79 -47.57 -9.14
CA LYS C 583 2.10 -47.71 -7.72
C LYS C 583 0.95 -48.37 -6.95
N ARG C 584 -0.27 -48.25 -7.46
CA ARG C 584 -1.42 -48.89 -6.82
C ARG C 584 -1.35 -50.40 -6.86
N GLU C 585 -0.44 -50.96 -7.66
CA GLU C 585 -0.23 -52.41 -7.73
C GLU C 585 -0.04 -53.02 -6.35
N ABU D . 25.94 6.54 11.65
CD ABU D . 25.15 7.76 11.46
CB ABU D . 24.76 7.93 10.00
CG ABU D . 23.66 6.96 9.59
C ABU D . 23.44 6.78 8.08
O ABU D . 24.08 7.51 7.31
OXT ABU D . 22.62 5.90 7.75
H ABU D . 25.51 5.88 11.33
HA1 ABU D . 24.35 7.68 12.00
HA2 ABU D . 25.61 8.56 11.76
HB1 ABU D . 24.45 8.85 9.87
HB2 ABU D . 25.54 7.81 9.44
HG1 ABU D . 23.84 6.09 9.97
HG2 ABU D . 22.81 7.24 9.99
HN2 ABU D . 26.69 6.60 11.17
C48 PGT E . 14.08 -6.77 8.67
C47 PGT E . 15.31 -7.56 9.08
C46 PGT E . 15.29 -9.01 8.58
C45 PGT E . 15.52 -9.16 7.09
C44 PGT E . 15.55 -10.62 6.64
C43 PGT E . 15.96 -10.81 5.19
C42 PGT E . 15.94 -12.27 4.75
C41 PGT E . 16.39 -12.48 3.31
C40 PGT E . 17.88 -12.23 3.10
C39 PGT E . 18.34 -12.50 1.67
C38 PGT E . 19.72 -11.93 1.37
C37 PGT E . 19.68 -10.58 0.65
C36 PGT E . 19.18 -9.43 1.53
C35 PGT E . 19.19 -8.08 0.81
C34 PGT E . 18.15 -7.98 -0.29
C33 PGT E . 18.04 -6.58 -0.88
C32 PGT E . 16.86 -6.44 -1.84
C31 PGT E . 17.06 -7.16 -3.15
O31 PGT E . 17.94 -7.95 -3.37
O2 PGT E . 16.13 -6.81 -4.04
C2 PGT E . 15.88 -7.64 -5.19
C1 PGT E . 16.67 -7.17 -6.41
O3P PGT E . 17.24 -5.89 -6.25
P PGT E . 18.87 -5.78 -6.04
O1P PGT E . 19.24 -4.41 -5.56
O2P PGT E . 19.40 -6.97 -5.30
O4P PGT E . 19.17 -5.92 -7.64
C4 PGT E . 18.69 -4.92 -8.51
C5 PGT E . 19.08 -5.29 -9.94
O5 PGT E . 18.33 -6.36 -10.45
C6 PGT E . 20.57 -5.56 -9.99
O6 PGT E . 20.86 -6.69 -9.22
C3 PGT E . 14.38 -7.69 -5.36
O3 PGT E . 13.83 -6.39 -5.26
C11 PGT E . 12.56 -6.28 -4.89
O11 PGT E . 11.63 -6.61 -5.60
C12 PGT E . 12.44 -5.68 -3.52
C13 PGT E . 13.55 -6.09 -2.58
C14 PGT E . 13.19 -5.88 -1.11
C15 PGT E . 13.07 -4.42 -0.73
C16 PGT E . 11.68 -3.99 -0.24
C17 PGT E . 11.53 -4.04 1.28
C18 PGT E . 10.46 -3.09 1.80
C19 PGT E . 10.62 -2.73 3.27
C20 PGT E . 10.00 -1.38 3.63
C21 PGT E . 10.04 -1.09 5.13
C22 PGT E . 9.67 0.35 5.48
C23 PGT E . 10.84 1.32 5.39
C24 PGT E . 11.26 1.91 6.74
C25 PGT E . 11.78 0.89 7.74
C26 PGT E . 13.08 0.23 7.30
H481 PGT E . 13.93 -6.82 7.71
H482 PGT E . 13.28 -7.10 9.10
H483 PGT E . 14.16 -5.83 8.91
H471 PGT E . 16.10 -7.11 8.73
H472 PGT E . 15.40 -7.55 10.04
H461 PGT E . 15.97 -9.51 9.07
H462 PGT E . 14.44 -9.41 8.82
H451 PGT E . 16.35 -8.73 6.84
H452 PGT E . 14.81 -8.69 6.61
H441 PGT E . 16.16 -11.11 7.21
H442 PGT E . 14.67 -11.01 6.79
H431 PGT E . 15.37 -10.29 4.62
H432 PGT E . 16.85 -10.44 5.05
H421 PGT E . 16.51 -12.79 5.34
H422 PGT E . 15.05 -12.63 4.86
H411 PGT E . 16.18 -13.38 3.03
H412 PGT E . 15.89 -11.89 2.72
H401 PGT E . 18.10 -11.32 3.34
H402 PGT E . 18.39 -12.80 3.70
H391 PGT E . 18.35 -13.46 1.51
H392 PGT E . 17.69 -12.13 1.05
H381 PGT E . 20.22 -11.84 2.19
H382 PGT E . 20.21 -12.56 0.82
H371 PGT E . 20.56 -10.37 0.31
H372 PGT E . 19.11 -10.65 -0.13
H361 PGT E . 18.29 -9.62 1.83
H362 PGT E . 19.74 -9.37 2.32
H351 PGT E . 19.03 -7.38 1.45
H352 PGT E . 20.07 -7.91 0.44
H341 PGT E . 18.38 -8.61 -1.00
H342 PGT E . 17.28 -8.26 0.04
H331 PGT E . 17.94 -5.94 -0.16
H332 PGT E . 18.86 -6.36 -1.35
H321 PGT E . 16.05 -6.77 -1.43
H322 PGT E . 16.70 -5.51 -2.04
H2 PGT E . 16.17 -8.55 -5.02
H11 PGT E . 16.06 -7.14 -7.17
H12 PGT E . 17.32 -7.86 -6.61
H41 PGT E . 19.05 -4.05 -8.30
H42 PGT E . 17.72 -4.85 -8.44
H5 PGT E . 18.88 -4.53 -10.51
HO5 PGT E . 18.57 -7.08 -10.07
H61 PGT E . 20.83 -5.68 -10.92
H62 PGT E . 21.06 -4.78 -9.67
HO6 PGT E . 21.69 -6.85 -9.26
H31 PGT E . 14.18 -8.09 -6.23
H32 PGT E . 14.00 -8.27 -4.68
H121 PGT E . 11.57 -5.95 -3.15
H122 PGT E . 12.40 -4.71 -3.61
H131 PGT E . 14.35 -5.58 -2.78
H132 PGT E . 13.78 -7.02 -2.72
H141 PGT E . 13.87 -6.30 -0.55
H142 PGT E . 12.36 -6.33 -0.93
H151 PGT E . 13.32 -3.86 -1.49
H152 PGT E . 13.73 -4.23 -0.04
H161 PGT E . 11.00 -4.56 -0.65
H162 PGT E . 11.51 -3.10 -0.55
H171 PGT E . 12.38 -3.82 1.70
H172 PGT E . 11.31 -4.94 1.55
H181 PGT E . 9.59 -3.48 1.67
H182 PGT E . 10.46 -2.27 1.27
H191 PGT E . 11.56 -2.72 3.50
H192 PGT E . 10.22 -3.41 3.82
H201 PGT E . 9.09 -1.34 3.32
H202 PGT E . 10.47 -0.67 3.16
H211 PGT E . 10.92 -1.29 5.47
H212 PGT E . 9.42 -1.69 5.58
H221 PGT E . 9.30 0.38 6.37
H222 PGT E . 8.97 0.65 4.89
H231 PGT E . 10.62 2.04 4.79
H232 PGT E . 11.60 0.88 4.99
H241 PGT E . 10.49 2.37 7.13
H242 PGT E . 11.93 2.60 6.59
H251 PGT E . 11.10 0.21 7.89
H252 PGT E . 11.92 1.33 8.60
H261 PGT E . 13.42 -0.36 8.00
H262 PGT E . 13.76 0.89 7.11
H263 PGT E . 12.95 -0.31 6.50
C1 CDL F . 5.70 15.58 -26.67
O1 CDL F . 6.46 15.66 -27.88
CA2 CDL F . 5.95 16.91 -26.01
OA2 CDL F . 6.94 17.65 -26.76
PA1 CDL F . 8.22 18.25 -26.07
OA3 CDL F . 9.29 17.15 -25.98
OA4 CDL F . 8.66 19.48 -26.74
OA5 CDL F . 7.70 18.56 -24.61
CA3 CDL F . 8.44 19.45 -23.74
CA4 CDL F . 9.28 18.67 -22.75
OA6 CDL F . 10.55 18.48 -23.44
CA5 CDL F . 11.40 19.52 -23.55
OA7 CDL F . 11.78 19.96 -24.60
C11 CDL F . 11.79 20.07 -22.21
C12 CDL F . 11.02 21.34 -21.85
C13 CDL F . 11.04 21.66 -20.38
C14 CDL F . 10.25 20.71 -19.51
C15 CDL F . 9.93 21.24 -18.11
C16 CDL F . 11.17 21.48 -17.26
C17 CDL F . 10.90 22.29 -16.02
C18 CDL F . 10.21 21.52 -14.92
C19 CDL F . 9.30 22.34 -14.02
C20 CDL F . 9.81 22.46 -12.59
C21 CDL F . 10.99 23.37 -12.35
C22 CDL F . 11.14 24.57 -11.43
C23 CDL F . 9.85 25.06 -10.76
C24 CDL F . 9.33 24.19 -9.62
C25 CDL F . 7.84 24.33 -9.35
C26 CDL F . 6.97 24.90 -8.24
C27 CDL F . 6.20 23.87 -7.46
CA6 CDL F . 8.81 17.24 -22.60
OA8 CDL F . 7.74 17.14 -21.59
CA7 CDL F . 6.64 17.87 -21.78
OA9 CDL F . 5.80 17.64 -22.60
C31 CDL F . 6.60 19.03 -20.81
C32 CDL F . 6.69 18.60 -19.34
C33 CDL F . 5.65 17.56 -18.93
C34 CDL F . 4.49 17.71 -17.98
C35 CDL F . 4.50 16.74 -16.81
C36 CDL F . 3.15 16.54 -16.15
C37 CDL F . 3.07 15.32 -15.26
C38 CDL F . 4.01 15.34 -14.07
C39 CDL F . 3.65 16.35 -12.99
C40 CDL F . 4.78 17.26 -12.52
C41 CDL F . 4.98 17.35 -11.02
C42 CDL F . 5.29 16.06 -10.27
C43 CDL F . 6.01 14.96 -11.05
C44 CDL F . 7.38 15.32 -11.56
C45 CDL F . 7.74 14.76 -12.92
C46 CDL F . 8.31 13.36 -12.89
C47 CDL F . 7.82 12.48 -14.01
CB2 CDL F . 6.47 14.57 -25.83
OB2 CDL F . 5.86 14.37 -24.54
PB2 CDL F . 4.38 13.82 -24.41
OB3 CDL F . 3.49 14.93 -23.85
OB4 CDL F . 3.93 13.24 -25.68
OB5 CDL F . 4.53 12.71 -23.30
CB3 CDL F . 5.00 13.03 -21.97
CB4 CDL F . 4.25 12.17 -21.00
OB6 CDL F . 4.27 10.88 -21.68
CB5 CDL F . 4.69 9.81 -20.99
OB7 CDL F . 3.95 9.04 -20.43
C51 CDL F . 6.19 9.71 -20.99
C52 CDL F . 6.71 9.02 -19.73
C53 CDL F . 8.17 9.33 -19.44
C54 CDL F . 8.85 8.35 -18.50
C55 CDL F . 7.96 7.83 -17.37
C56 CDL F . 8.72 7.47 -16.10
C57 CDL F . 8.79 8.61 -15.10
C58 CDL F . 7.55 8.76 -14.25
C59 CDL F . 7.81 8.67 -12.76
C60 CDL F . 6.57 8.66 -11.89
C61 CDL F . 6.20 10.00 -11.27
C62 CDL F . 5.60 9.87 -9.88
C63 CDL F . 4.75 11.04 -9.42
C64 CDL F . 3.66 10.65 -8.44
C65 CDL F . 3.51 11.60 -7.25
C66 CDL F . 2.21 11.42 -6.47
C67 CDL F . 2.13 12.22 -5.20
CB6 CDL F . 2.79 12.53 -21.06
OB8 CDL F . 2.29 12.67 -19.71
CB7 CDL F . 2.42 13.85 -19.11
OB9 CDL F . 3.33 14.12 -18.36
C71 CDL F . 1.31 14.78 -19.47
C72 CDL F . 0.03 14.56 -18.67
C73 CDL F . 0.12 15.05 -17.23
C74 CDL F . -1.07 14.69 -16.38
C75 CDL F . -0.76 13.69 -15.28
C76 CDL F . -1.91 13.38 -14.35
C77 CDL F . -2.56 14.57 -13.67
C78 CDL F . -1.59 15.35 -12.81
C79 CDL F . -2.17 16.57 -12.09
C80 CDL F . -1.76 16.71 -10.64
C81 CDL F . -2.75 16.19 -9.61
C82 CDL F . -3.49 17.24 -8.82
C83 CDL F . -2.96 17.54 -7.42
C84 CDL F . -2.30 18.89 -7.28
C85 CDL F . -1.02 19.07 -8.08
C86 CDL F . -0.03 20.08 -7.49
C87 CDL F . -0.18 21.48 -8.00
H1 CDL F . 4.77 15.36 -26.80
H1O1 CDL F . 6.16 16.31 -28.35
HA22 CDL F . 6.25 16.77 -25.10
HA21 CDL F . 5.12 17.42 -26.01
HA32 CDL F . 8.98 20.04 -24.28
HA31 CDL F . 7.79 19.98 -23.24
HA4 CDL F . 9.34 19.12 -21.89
H112 CDL F . 11.62 19.39 -21.52
H111 CDL F . 12.74 20.27 -22.21
H122 CDL F . 10.09 21.24 -22.14
H121 CDL F . 11.42 22.08 -22.34
H132 CDL F . 10.68 22.55 -20.26
H131 CDL F . 11.96 21.65 -20.08
H142 CDL F . 10.76 19.89 -19.40
H141 CDL F . 9.41 20.50 -19.95
H152 CDL F . 9.46 22.08 -18.22
H151 CDL F . 9.37 20.59 -17.66
H162 CDL F . 11.52 20.62 -16.99
H161 CDL F . 11.83 21.95 -17.78
H172 CDL F . 10.37 23.06 -16.26
H171 CDL F . 11.76 22.60 -15.67
H182 CDL F . 10.89 21.10 -14.37
H181 CDL F . 9.66 20.83 -15.34
H192 CDL F . 8.44 21.90 -13.99
H191 CDL F . 9.20 23.23 -14.40
H202 CDL F . 10.04 21.57 -12.30
H201 CDL F . 9.07 22.79 -12.06
H212 CDL F . 10.95 22.92 -11.50
H211 CDL F . 10.41 23.99 -12.78
H222 CDL F . 11.50 25.30 -11.95
H221 CDL F . 11.76 24.33 -10.72
H232 CDL F . 9.15 25.13 -11.44
H231 CDL F . 10.02 25.94 -10.41
H242 CDL F . 9.81 24.44 -8.82
H241 CDL F . 9.51 23.27 -9.83
H252 CDL F . 8.08 23.71 -8.64
H251 CDL F . 8.07 25.26 -9.43
H262 CDL F . 7.54 25.38 -7.62
H261 CDL F . 6.34 25.51 -8.64
H273 CDL F . 5.85 23.20 -8.06
H272 CDL F . 5.46 24.30 -7.00
H271 CDL F . 6.78 23.46 -6.80
HA62 CDL F . 9.56 16.75 -22.26
HA61 CDL F . 8.53 16.85 -23.44
H312 CDL F . 5.77 19.52 -20.95
H311 CDL F . 7.34 19.60 -20.99
H322 CDL F . 6.57 19.38 -18.78
H321 CDL F . 7.57 18.23 -19.19
H332 CDL F . 5.08 18.17 -19.42
H331 CDL F . 6.13 17.67 -18.09
H342 CDL F . 4.50 18.61 -17.61
H341 CDL F . 3.67 17.56 -18.47
H352 CDL F . 5.11 17.08 -16.14
H351 CDL F . 4.81 15.87 -17.14
H362 CDL F . 2.95 17.31 -15.61
H361 CDL F . 2.48 16.44 -16.84
H372 CDL F . 2.17 15.24 -14.93
H371 CDL F . 3.30 14.54 -15.80
H382 CDL F . 3.99 14.46 -13.67
H381 CDL F . 4.90 15.54 -14.40
H392 CDL F . 3.34 15.86 -12.22
H391 CDL F . 2.95 16.92 -13.34
H402 CDL F . 4.59 18.16 -12.84
H401 CDL F . 5.61 16.95 -12.90
H412 CDL F . 4.16 17.72 -10.64
H411 CDL F . 5.73 17.96 -10.86
H422 CDL F . 5.84 16.28 -9.51
H421 CDL F . 4.45 15.69 -9.97
H432 CDL F . 5.45 14.70 -11.79
H431 CDL F . 6.11 14.21 -10.44
H442 CDL F . 8.04 14.99 -10.92
H441 CDL F . 7.45 16.29 -11.61
H452 CDL F . 8.41 15.34 -13.32
H451 CDL F . 6.94 14.75 -13.47
H462 CDL F . 8.07 12.94 -12.05
H461 CDL F . 9.28 13.42 -12.97
H473 CDL F . 7.96 12.92 -14.87
H472 CDL F . 8.29 11.63 -13.99
H471 CDL F . 6.86 12.32 -13.90
HB22 CDL F . 6.47 13.72 -26.31
HB21 CDL F . 7.37 14.90 -25.71
HB32 CDL F . 5.94 12.85 -21.90
HB31 CDL F . 4.83 13.97 -21.78
HB4 CDL F . 4.62 12.16 -20.11
H512 CDL F . 6.57 10.60 -21.04
H511 CDL F . 6.47 9.22 -21.77
H522 CDL F . 6.61 8.06 -19.85
H521 CDL F . 6.18 9.30 -18.98
H532 CDL F . 8.21 10.21 -19.04
H531 CDL F . 8.65 9.32 -20.28
H542 CDL F . 9.61 8.79 -18.10
H541 CDL F . 9.16 7.58 -19.00
H552 CDL F . 7.50 7.05 -17.68
H551 CDL F . 7.31 8.52 -17.14
H562 CDL F . 9.62 7.22 -16.35
H561 CDL F . 8.29 6.71 -15.69
H572 CDL F . 8.94 9.43 -15.58
H571 CDL F . 9.55 8.46 -14.51
H582 CDL F . 6.92 8.07 -14.49
H581 CDL F . 7.15 9.63 -14.43
H592 CDL F . 8.38 9.43 -12.51
H591 CDL F . 8.30 7.85 -12.59
H602 CDL F . 6.71 8.03 -11.17
H601 CDL F . 5.82 8.38 -12.43
H612 CDL F . 5.55 10.44 -11.85
H611 CDL F . 6.99 10.56 -11.20
H622 CDL F . 6.33 9.78 -9.24
H621 CDL F . 5.04 9.07 -9.88
H632 CDL F . 4.32 11.44 -10.20
H631 CDL F . 5.32 11.70 -9.00
H642 CDL F . 3.85 9.77 -8.10
H641 CDL F . 2.82 10.63 -8.91
H652 CDL F . 4.25 11.44 -6.64
H651 CDL F . 3.55 12.50 -7.58
H662 CDL F . 2.12 10.48 -6.25
H661 CDL F . 1.47 11.70 -7.05
H673 CDL F . 2.89 11.98 -4.63
H672 CDL F . 2.18 13.17 -5.41
H671 CDL F . 1.30 12.03 -4.74
HB62 CDL F . 2.67 13.37 -21.53
HB61 CDL F . 2.30 11.84 -21.52
H712 CDL F . 1.10 14.67 -20.41
H711 CDL F . 1.61 15.69 -19.32
H722 CDL F . -0.14 13.60 -18.65
H721 CDL F . -0.69 15.02 -19.11
H732 CDL F . 0.20 16.02 -17.25
H731 CDL F . 0.92 14.66 -16.83
H742 CDL F . -1.76 14.31 -16.96
H741 CDL F . -1.40 15.51 -15.97
H752 CDL F . -0.02 14.04 -14.76
H751 CDL F . -0.48 12.86 -15.70
H762 CDL F . -1.59 12.79 -13.66
H761 CDL F . -2.60 12.93 -14.87
H772 CDL F . -3.29 14.25 -13.11
H771 CDL F . -2.93 15.16 -14.34
H782 CDL F . -0.89 15.68 -13.38
H781 CDL F . -1.25 14.75 -12.13
H792 CDL F . -3.13 16.51 -12.13
H791 CDL F . -1.86 17.36 -12.56
H802 CDL F . -1.61 17.65 -10.47
H801 CDL F . -0.92 16.22 -10.51
H812 CDL F . -2.26 15.62 -9.00
H811 CDL F . -3.41 15.68 -10.09
H822 CDL F . -4.40 16.94 -8.71
H821 CDL F . -3.46 18.07 -9.31
H832 CDL F . -2.31 16.85 -7.18
H831 CDL F . -3.70 17.49 -6.81
H842 CDL F . -2.09 19.02 -6.34
H841 CDL F . -2.92 19.56 -7.57
H852 CDL F . -1.25 19.36 -8.97
H851 CDL F . -0.56 18.21 -8.14
H862 CDL F . 0.86 19.77 -7.72
H861 CDL F . -0.14 20.08 -6.53
H873 CDL F . 0.29 22.10 -7.42
H872 CDL F . -1.13 21.72 -8.01
H871 CDL F . 0.17 21.55 -8.91
N ABU G . -7.90 -21.15 4.47
CD ABU G . -8.33 -22.46 4.00
CB ABU G . -9.07 -23.19 5.11
CG ABU G . -9.44 -24.62 4.73
C ABU G . -10.30 -25.37 5.74
O ABU G . -9.83 -26.40 6.27
OXT ABU G . -11.44 -24.89 5.96
H ABU G . -7.21 -21.25 4.98
HA1 ABU G . -8.92 -22.34 3.25
HA2 ABU G . -7.61 -23.02 3.68
HB1 ABU G . -8.52 -23.20 5.91
HB2 ABU G . -9.87 -22.70 5.33
HG1 ABU G . -9.90 -24.61 3.88
HG2 ABU G . -8.64 -25.13 4.56
HN2 ABU G . -7.61 -20.67 3.79
C48 PGT H . -15.62 -16.85 -2.47
C47 PGT H . -14.63 -17.92 -2.00
C46 PGT H . -13.43 -18.06 -2.92
C45 PGT H . -12.58 -16.80 -3.05
C44 PGT H . -11.12 -17.13 -3.33
C43 PGT H . -10.31 -16.01 -3.98
C42 PGT H . -9.50 -16.50 -5.17
C41 PGT H . -8.33 -15.61 -5.55
C40 PGT H . -7.09 -16.42 -5.92
C39 PGT H . -6.09 -15.70 -6.81
C38 PGT H . -5.57 -16.58 -7.94
C37 PGT H . -4.77 -17.78 -7.48
C36 PGT H . -4.46 -18.80 -8.56
C35 PGT H . -3.60 -18.23 -9.68
C34 PGT H . -3.22 -19.26 -10.74
C33 PGT H . -3.00 -18.64 -12.12
C32 PGT H . -1.71 -17.85 -12.22
C31 PGT H . -1.76 -16.47 -11.62
O31 PGT H . -2.78 -15.88 -11.36
O2 PGT H . -0.55 -15.98 -11.39
C2 PGT H . 0.21 -15.50 -12.51
C1 PGT H . 1.20 -16.54 -12.98
O3P PGT H . 2.40 -15.96 -13.45
P PGT H . 3.41 -16.86 -14.35
O1P PGT H . 4.80 -16.76 -13.81
O2P PGT H . 2.83 -18.21 -14.62
O4P PGT H . 3.26 -15.87 -15.65
C4 PGT H . 2.06 -15.85 -16.37
C5 PGT H . 2.06 -14.65 -17.30
O5 PGT H . 3.20 -14.63 -18.12
C6 PGT H . 1.90 -13.36 -16.50
O6 PGT H . 3.02 -13.18 -15.67
C3 PGT H . 0.80 -14.17 -12.13
O3 PGT H . 0.98 -13.37 -13.31
C11 PGT H . 1.64 -12.22 -13.24
O11 PGT H . 2.58 -11.96 -13.96
C12 PGT H . 1.10 -11.28 -12.20
C13 PGT H . -0.41 -11.08 -12.32
C14 PGT H . -1.01 -10.49 -11.05
C15 PGT H . -2.32 -11.16 -10.64
C16 PGT H . -2.86 -10.60 -9.33
C17 PGT H . -4.22 -11.18 -8.95
C18 PGT H . -4.47 -11.11 -7.45
C19 PGT H . -4.62 -9.69 -6.92
C20 PGT H . -4.88 -9.66 -5.43
C21 PGT H . -5.49 -8.36 -4.94
C22 PGT H . -5.58 -8.27 -3.41
C23 PGT H . -6.46 -9.35 -2.80
C24 PGT H . -6.75 -9.12 -1.32
C25 PGT H . -5.55 -9.35 -0.42
C26 PGT H . -5.95 -9.63 1.01
H481 PGT H . -15.22 -15.98 -2.45
H482 PGT H . -16.40 -16.83 -1.90
H483 PGT H . -15.91 -17.03 -3.38
H471 PGT H . -14.33 -17.71 -1.10
H472 PGT H . -15.09 -18.77 -1.93
H461 PGT H . -12.87 -18.80 -2.60
H462 PGT H . -13.73 -18.33 -3.80
H451 PGT H . -12.93 -16.25 -3.76
H452 PGT H . -12.65 -16.28 -2.24
H441 PGT H . -10.69 -17.38 -2.49
H442 PGT H . -11.07 -17.92 -3.88
H431 PGT H . -10.92 -15.30 -4.26
H432 PGT H . -9.73 -15.61 -3.31
H421 PGT H . -9.18 -17.39 -4.98
H422 PGT H . -10.09 -16.59 -5.93
H411 PGT H . -8.58 -15.03 -6.29
H412 PGT H . -8.12 -15.01 -4.81
H401 PGT H . -6.64 -16.70 -5.11
H402 PGT H . -7.37 -17.23 -6.36
H391 PGT H . -6.50 -14.90 -7.18
H392 PGT H . -5.34 -15.40 -6.28
H381 PGT H . -6.32 -16.88 -8.49
H382 PGT H . -5.02 -16.04 -8.54
H371 PGT H . -3.94 -17.47 -7.09
H372 PGT H . -5.24 -18.23 -6.75
H361 PGT H . -4.02 -19.56 -8.17
H362 PGT H . -5.30 -19.14 -8.93
H351 PGT H . -4.09 -17.50 -10.10
H352 PGT H . -2.80 -17.85 -9.31
H341 PGT H . -2.41 -19.73 -10.46
H342 PGT H . -3.92 -19.93 -10.79
H331 PGT H . -3.00 -19.35 -12.78
H332 PGT H . -3.75 -18.07 -12.34
H321 PGT H . -0.98 -18.33 -11.81
H322 PGT H . -1.45 -17.75 -13.16
H2 PGT H . -0.38 -15.33 -13.26
H11 PGT H . 0.81 -17.07 -13.69
H12 PGT H . 1.35 -17.15 -12.25
H41 PGT H . 1.30 -15.77 -15.76
H42 PGT H . 1.93 -16.67 -16.86
H5 PGT H . 1.31 -14.73 -17.90
HO5 PGT H . 3.88 -14.40 -17.66
H61 PGT H . 1.08 -13.42 -15.99
H62 PGT H . 1.79 -12.63 -17.11
HO6 PGT H . 3.02 -13.79 -15.09
H31 PGT H . 0.21 -13.74 -11.50
H32 PGT H . 1.65 -14.30 -11.69
H121 PGT H . 1.55 -10.43 -12.30
H122 PGT H . 1.35 -11.61 -11.33
H131 PGT H . -0.84 -11.93 -12.49
H132 PGT H . -0.61 -10.50 -13.07
H141 PGT H . -1.16 -9.53 -11.17
H142 PGT H . -0.37 -10.57 -10.33
H151 PGT H . -2.16 -12.11 -10.55
H152 PGT H . -2.96 -11.06 -11.35
H161 PGT H . -2.93 -9.63 -9.40
H162 PGT H . -2.22 -10.77 -8.62
H171 PGT H . -4.91 -10.71 -9.43
H172 PGT H . -4.26 -12.11 -9.25
H181 PGT H . -3.75 -11.55 -7.00
H182 PGT H . -5.28 -11.62 -7.25
H191 PGT H . -5.34 -9.24 -7.39
H192 PGT H . -3.82 -9.19 -7.13
H201 PGT H . -4.05 -9.81 -4.96
H202 PGT H . -5.47 -10.40 -5.18
H211 PGT H . -6.38 -8.25 -5.32
H212 PGT H . -4.98 -7.60 -5.26
H221 PGT H . -5.92 -7.41 -3.16
H222 PGT H . -4.69 -8.34 -3.04
H231 PGT H . -6.04 -10.22 -2.91
H232 PGT H . -7.30 -9.40 -3.28
H241 PGT H . -7.47 -9.70 -1.04
H242 PGT H . -7.07 -8.22 -1.20
H251 PGT H . -5.02 -10.09 -0.77
H252 PGT H . -4.97 -8.57 -0.45
H261 PGT H . -6.44 -8.89 1.39
H262 PGT H . -5.16 -9.78 1.58
H263 PGT H . -6.51 -10.42 1.09
C1 CDL I . 27.91 -10.88 -0.14
O1 CDL I . 27.40 -9.67 0.43
CA2 CDL I . 28.52 -10.44 -1.44
OA2 CDL I . 27.47 -10.07 -2.37
PA1 CDL I . 27.49 -10.55 -3.87
OA3 CDL I . 28.06 -9.42 -4.73
OA4 CDL I . 28.18 -11.86 -4.01
OA5 CDL I . 25.95 -10.69 -4.17
CA3 CDL I . 25.12 -9.52 -4.34
CA4 CDL I . 23.70 -9.92 -4.08
OA6 CDL I . 23.75 -10.39 -2.70
CA5 CDL I . 23.46 -9.50 -1.74
OA7 CDL I . 22.46 -8.82 -1.73
C11 CDL I . 24.53 -9.46 -0.69
C12 CDL I . 24.41 -8.24 0.22
C13 CDL I . 23.27 -8.36 1.21
C14 CDL I . 23.28 -7.30 2.29
C15 CDL I . 24.38 -7.46 3.32
C16 CDL I . 24.10 -6.74 4.61
C17 CDL I . 25.25 -6.74 5.60
C18 CDL I . 24.89 -6.28 7.00
C19 CDL I . 23.84 -5.18 7.04
C20 CDL I . 23.73 -4.44 8.35
C21 CDL I . 23.04 -3.09 8.27
C22 CDL I . 21.60 -3.12 7.79
C23 CDL I . 20.61 -3.67 8.79
C24 CDL I . 19.86 -2.63 9.60
C25 CDL I . 20.74 -1.74 10.48
C26 CDL I . 21.45 -2.44 11.61
C27 CDL I . 22.30 -1.51 12.44
CA6 CDL I . 23.40 -11.18 -4.83
OA8 CDL I . 21.97 -11.43 -4.81
CA7 CDL I . 21.49 -12.06 -3.73
OA9 CDL I . 21.97 -13.06 -3.28
C31 CDL I . 20.30 -11.35 -3.17
C32 CDL I . 19.00 -11.62 -3.93
C33 CDL I . 17.79 -11.81 -3.03
C34 CDL I . 16.54 -11.07 -3.45
C35 CDL I . 15.31 -11.37 -2.59
C36 CDL I . 15.45 -10.96 -1.14
C37 CDL I . 14.21 -10.33 -0.56
C38 CDL I . 14.31 -9.91 0.90
C39 CDL I . 13.17 -9.06 1.42
C40 CDL I . 13.32 -8.56 2.85
C41 CDL I . 12.02 -8.19 3.54
C42 CDL I . 12.15 -7.26 4.72
C43 CDL I . 10.88 -6.55 5.11
C44 CDL I . 10.95 -5.72 6.39
C45 CDL I . 9.61 -5.42 7.04
C46 CDL I . 9.62 -5.36 8.55
C47 CDL I . 8.25 -5.41 9.18
CB2 CDL I . 29.07 -11.25 0.75
OB2 CDL I . 29.15 -12.68 0.99
PB2 CDL I . 28.75 -13.32 2.38
OB3 CDL I . 29.97 -13.24 3.31
OB4 CDL I . 27.53 -12.69 2.94
OB5 CDL I . 28.49 -14.82 2.01
CB3 CDL I . 27.81 -15.71 2.92
CB4 CDL I . 26.85 -16.54 2.12
OB6 CDL I . 25.66 -15.69 2.09
CB5 CDL I . 25.22 -15.28 0.89
OB7 CDL I . 24.97 -16.03 -0.03
C51 CDL I . 25.09 -13.79 0.84
C52 CDL I . 23.82 -13.29 1.53
C53 CDL I . 24.06 -12.85 2.96
C54 CDL I . 22.94 -12.00 3.52
C55 CDL I . 23.36 -11.11 4.70
C56 CDL I . 22.25 -10.19 5.15
C57 CDL I . 22.26 -9.90 6.65
C58 CDL I . 21.13 -9.00 7.09
C59 CDL I . 21.42 -8.22 8.36
C60 CDL I . 20.35 -7.21 8.76
C61 CDL I . 19.07 -7.84 9.26
C62 CDL I . 19.20 -8.58 10.57
C63 CDL I . 18.02 -8.46 11.52
C64 CDL I . 18.38 -8.66 12.97
C65 CDL I . 17.19 -8.76 13.90
C66 CDL I . 16.86 -7.47 14.62
C67 CDL I . 16.66 -6.29 13.70
CB6 CDL I . 26.36 -17.70 2.94
OB8 CDL I . 26.61 -17.45 4.34
CB7 CDL I . 27.41 -18.31 4.98
OB9 CDL I . 28.61 -18.33 4.86
C71 CDL I . 26.62 -19.23 5.85
C72 CDL I . 27.43 -19.78 7.03
C73 CDL I . 26.65 -20.73 7.90
C74 CDL I . 25.87 -20.07 9.02
C75 CDL I . 24.88 -20.97 9.72
C76 CDL I . 23.58 -21.16 8.96
C77 CDL I . 22.63 -22.17 9.55
C78 CDL I . 21.57 -21.60 10.48
C79 CDL I . 20.19 -22.19 10.32
C80 CDL I . 19.25 -21.88 11.46
C81 CDL I . 19.32 -22.84 12.63
C82 CDL I . 18.61 -22.37 13.88
C83 CDL I . 18.51 -23.38 15.00
C84 CDL I . 17.92 -22.81 16.27
C85 CDL I . 18.33 -23.53 17.53
C86 CDL I . 17.65 -23.04 18.79
C87 CDL I . 17.71 -24.02 19.94
H1 CDL I . 27.25 -11.58 -0.23
H1O1 CDL I . 28.03 -9.12 0.54
HA22 CDL I . 29.04 -11.16 -1.82
HA21 CDL I . 29.09 -9.67 -1.29
HA32 CDL I . 25.38 -8.83 -3.70
HA31 CDL I . 25.20 -9.19 -5.25
HA4 CDL I . 23.06 -9.21 -4.25
H112 CDL I . 25.39 -9.43 -1.13
H111 CDL I . 24.48 -10.26 -0.16
H122 CDL I . 24.26 -7.46 -0.33
H121 CDL I . 25.25 -8.14 0.71
H132 CDL I . 23.33 -9.23 1.64
H131 CDL I . 22.43 -8.30 0.72
H142 CDL I . 22.42 -7.32 2.75
H141 CDL I . 23.39 -6.43 1.86
H152 CDL I . 25.20 -7.12 2.94
H151 CDL I . 24.47 -8.41 3.51
H162 CDL I . 23.34 -7.14 5.04
H161 CDL I . 23.90 -5.81 4.39
H172 CDL I . 25.96 -6.17 5.26
H171 CDL I . 25.60 -7.66 5.66
H182 CDL I . 25.70 -5.94 7.42
H181 CDL I . 24.55 -7.04 7.49
H192 CDL I . 22.97 -5.58 6.85
H191 CDL I . 24.06 -4.53 6.36
H202 CDL I . 24.63 -4.30 8.70
H201 CDL I . 23.21 -4.99 8.96
H212 CDL I . 23.55 -2.54 7.65
H211 CDL I . 23.06 -2.69 9.15
H222 CDL I . 21.55 -3.66 6.99
H221 CDL I . 21.34 -2.21 7.58
H232 CDL I . 19.95 -4.20 8.31
H231 CDL I . 21.09 -4.24 9.41
H242 CDL I . 19.24 -3.08 10.18
H241 CDL I . 19.38 -2.05 8.98
H252 CDL I . 20.17 -1.05 10.86
H251 CDL I . 21.41 -1.32 9.91
H262 CDL I . 22.02 -3.12 11.24
H261 CDL I . 20.79 -2.84 12.19
H273 CDL I . 21.75 -0.82 12.82
H272 CDL I . 22.72 -2.02 13.16
H271 CDL I . 22.98 -1.11 11.88
HA62 CDL I . 23.86 -11.93 -4.41
HA61 CDL I . 23.70 -11.09 -5.75
H312 CDL I . 20.47 -10.39 -3.21
H311 CDL I . 20.19 -11.63 -2.25
H322 CDL I . 19.12 -12.42 -4.46
H321 CDL I . 18.82 -10.88 -4.52
H332 CDL I . 17.57 -12.75 -3.01
H331 CDL I . 18.01 -11.51 -2.13
H342 CDL I . 16.33 -11.32 -4.37
H341 CDL I . 16.71 -10.11 -3.41
H352 CDL I . 14.56 -10.89 -2.97
H351 CDL I . 15.15 -12.32 -2.63
H362 CDL I . 15.67 -11.75 -0.62
H361 CDL I . 16.18 -10.32 -1.06
H372 CDL I . 14.00 -9.53 -1.07
H371 CDL I . 13.49 -10.97 -0.62
H382 CDL I . 14.35 -10.72 1.44
H381 CDL I . 15.13 -9.39 1.00
H392 CDL I . 13.09 -8.29 0.85
H391 CDL I . 12.36 -9.59 1.38
H402 CDL I . 13.73 -9.28 3.36
H401 CDL I . 13.89 -7.78 2.83
H412 CDL I . 11.61 -9.01 3.84
H411 CDL I . 11.46 -7.75 2.88
H422 CDL I . 12.44 -7.79 5.49
H421 CDL I . 12.81 -6.60 4.50
H432 CDL I . 10.19 -7.22 5.24
H431 CDL I . 10.63 -5.96 4.39
H442 CDL I . 11.38 -4.88 6.17
H441 CDL I . 11.49 -6.21 7.03
H452 CDL I . 8.99 -6.12 6.78
H451 CDL I . 9.30 -4.57 6.70
H462 CDL I . 10.05 -4.54 8.82
H461 CDL I . 10.13 -6.12 8.88
H473 CDL I . 8.33 -5.34 10.14
H472 CDL I . 7.72 -4.67 8.85
H471 CDL I . 7.82 -6.25 8.96
HB22 CDL I . 29.90 -10.97 0.34
HB21 CDL I . 28.96 -10.81 1.62
HB32 CDL I . 27.33 -15.19 3.59
HB31 CDL I . 28.46 -16.29 3.36
HB4 CDL I . 27.19 -16.79 1.24
H512 CDL I . 25.06 -13.51 -0.10
H511 CDL I . 25.86 -13.39 1.26
H522 CDL I . 23.17 -14.01 1.53
H521 CDL I . 23.47 -12.54 1.02
H532 CDL I . 24.88 -12.32 3.00
H531 CDL I . 24.16 -13.64 3.51
H542 CDL I . 22.23 -12.59 3.83
H541 CDL I . 22.59 -11.43 2.82
H552 CDL I . 24.12 -10.59 4.43
H551 CDL I . 23.62 -11.69 5.44
H562 CDL I . 21.39 -10.58 4.92
H561 CDL I . 22.34 -9.34 4.68
H572 CDL I . 23.10 -9.47 6.87
H571 CDL I . 22.19 -10.74 7.12
H582 CDL I . 20.34 -9.54 7.24
H581 CDL I . 20.93 -8.36 6.37
H592 CDL I . 21.52 -8.85 9.08
H591 CDL I . 22.25 -7.74 8.23
H602 CDL I . 20.72 -6.65 9.46
H601 CDL I . 20.15 -6.66 7.98
H612 CDL I . 18.41 -7.14 9.36
H611 CDL I . 18.75 -8.46 8.58
H622 CDL I . 19.98 -8.24 11.02
H621 CDL I . 19.33 -9.52 10.37
H632 CDL I . 17.36 -9.13 11.26
H631 CDL I . 17.63 -7.58 11.42
H642 CDL I . 18.89 -9.49 13.04
H641 CDL I . 18.93 -7.91 13.25
H652 CDL I . 17.38 -9.44 14.56
H651 CDL I . 16.41 -9.03 13.38
H662 CDL I . 17.60 -7.27 15.22
H661 CDL I . 16.05 -7.60 15.14
H673 CDL I . 17.50 -6.04 13.30
H672 CDL I . 16.02 -6.54 13.01
H671 CDL I . 16.31 -5.54 14.20
HB62 CDL I . 25.41 -17.82 2.80
HB61 CDL I . 26.83 -18.50 2.66
H712 CDL I . 26.32 -19.99 5.31
H711 CDL I . 25.85 -18.76 6.20
H722 CDL I . 27.71 -19.02 7.58
H721 CDL I . 28.21 -20.24 6.68
H732 CDL I . 26.01 -21.21 7.34
H731 CDL I . 27.27 -21.37 8.30
H742 CDL I . 25.40 -19.31 8.65
H741 CDL I . 26.51 -19.76 9.68
H752 CDL I . 24.67 -20.59 10.59
H751 CDL I . 25.29 -21.84 9.85
H762 CDL I . 23.81 -21.46 8.07
H761 CDL I . 23.14 -20.30 8.90
H772 CDL I . 22.18 -22.65 8.83
H771 CDL I . 23.15 -22.82 10.05
H782 CDL I . 21.50 -20.64 10.30
H781 CDL I . 21.86 -21.75 11.39
H792 CDL I . 20.29 -23.15 10.28
H791 CDL I . 19.80 -21.83 9.51
H802 CDL I . 18.34 -21.91 11.11
H801 CDL I . 19.44 -21.00 11.79
H812 CDL I . 18.90 -23.68 12.35
H811 CDL I . 20.26 -22.97 12.84
H822 CDL I . 19.11 -21.60 14.22
H821 CDL I . 17.71 -22.11 13.63
H832 CDL I . 17.94 -24.11 14.70
H831 CDL I . 19.38 -23.73 15.20
H842 CDL I . 16.95 -22.84 16.21
H841 CDL I . 18.19 -21.88 16.34
H852 CDL I . 19.29 -23.42 17.64
H851 CDL I . 18.13 -24.47 17.42
H862 CDL I . 16.71 -22.88 18.59
H861 CDL I . 18.08 -22.22 19.07
H873 CDL I . 17.29 -24.85 19.68
H872 CDL I . 17.24 -23.65 20.71
H871 CDL I . 18.63 -24.19 20.18
C48 PGT J . -3.30 12.16 -8.84
C47 PGT J . -2.27 12.74 -9.78
C46 PGT J . -1.74 11.76 -10.83
C45 PGT J . -1.24 10.44 -10.25
C44 PGT J . -0.07 10.59 -9.28
C43 PGT J . 0.35 9.27 -8.65
C42 PGT J . 0.91 8.26 -9.64
C41 PGT J . 1.45 7.00 -8.99
C40 PGT J . 1.56 5.81 -9.93
C39 PGT J . 2.17 6.16 -11.28
C38 PGT J . 2.64 4.94 -12.05
C37 PGT J . 3.39 5.28 -13.34
C36 PGT J . 4.27 4.13 -13.80
C35 PGT J . 4.86 4.33 -15.20
C34 PGT J . 5.67 3.10 -15.64
C33 PGT J . 6.04 3.11 -17.12
C32 PGT J . 6.36 1.72 -17.61
C31 PGT J . 6.94 1.66 -18.99
O31 PGT J . 8.02 1.18 -19.26
O2 PGT J . 6.13 2.20 -19.91
C2 PGT J . 4.95 1.48 -20.29
C1 PGT J . 4.89 1.22 -21.78
O3P PGT J . 3.75 1.78 -22.38
P PGT J . 3.91 2.63 -23.76
O1P PGT J . 4.95 1.99 -24.62
O2P PGT J . 2.57 2.93 -24.36
O4P PGT J . 4.53 3.93 -22.99
C4 PGT J . 5.11 4.96 -23.78
C5 PGT J . 6.20 5.66 -22.97
O5 PGT J . 6.78 6.74 -23.67
C6 PGT J . 7.24 4.65 -22.49
O6 PGT J . 8.12 5.29 -21.59
C3 PGT J . 3.76 2.25 -19.74
O3 PGT J . 3.78 3.58 -20.23
C11 PGT J . 3.13 4.51 -19.55
O11 PGT J . 2.00 4.38 -19.16
C12 PGT J . 3.99 5.72 -19.35
C13 PGT J . 3.40 6.72 -18.37
C14 PGT J . 4.47 7.34 -17.49
C15 PGT J . 4.07 8.64 -16.83
C16 PGT J . 3.49 8.44 -15.43
C17 PGT J . 3.00 9.74 -14.79
C18 PGT J . 2.80 9.62 -13.30
C19 PGT J . 1.99 10.77 -12.71
C20 PGT J . 2.56 12.15 -13.02
C21 PGT J . 1.85 13.26 -12.26
C22 PGT J . 2.37 13.45 -10.84
C23 PGT J . 1.63 14.56 -10.09
C24 PGT J . 2.03 14.66 -8.63
C25 PGT J . 1.44 15.88 -7.93
C26 PGT J . 0.22 15.53 -7.09
H481 PGT J . -4.01 11.71 -9.33
H482 PGT J . -3.71 12.85 -8.29
H483 PGT J . -2.90 11.50 -8.24
H471 PGT J . -2.66 13.51 -10.25
H472 PGT J . -1.53 13.10 -9.27
H461 PGT J . -2.45 11.58 -11.47
H462 PGT J . -1.03 12.19 -11.32
H451 PGT J . -1.97 9.99 -9.81
H452 PGT J . -0.97 9.87 -10.98
H441 PGT J . 0.68 10.98 -9.75
H442 PGT J . -0.31 11.21 -8.57
H431 PGT J . 1.02 9.43 -7.97
H432 PGT J . -0.41 8.87 -8.19
H421 PGT J . 0.21 8.01 -10.28
H422 PGT J . 1.61 8.67 -10.17
H411 PGT J . 2.33 7.19 -8.61
H412 PGT J . 0.88 6.76 -8.23
H401 PGT J . 2.08 5.12 -9.51
H402 PGT J . 0.67 5.44 -10.07
H391 PGT J . 1.52 6.65 -11.82
H392 PGT J . 2.92 6.76 -11.15
H381 PGT J . 3.21 4.40 -11.49
H382 PGT J . 1.87 4.39 -12.28
H371 PGT J . 2.75 5.50 -14.03
H372 PGT J . 3.93 6.06 -13.20
H361 PGT J . 5.00 4.00 -13.17
H362 PGT J . 3.76 3.31 -13.80
H351 PGT J . 4.15 4.49 -15.83
H352 PGT J . 5.43 5.11 -15.20
H341 PGT J . 6.47 3.05 -15.10
H342 PGT J . 5.16 2.30 -15.44
H331 PGT J . 5.32 3.50 -17.63
H332 PGT J . 6.80 3.69 -17.25
H321 PGT J . 6.97 1.28 -17.00
H322 PGT J . 5.56 1.16 -17.60
H2 PGT J . 4.93 0.62 -19.85
H11 PGT J . 4.88 0.26 -21.92
H12 PGT J . 5.72 1.55 -22.16
H41 PGT J . 4.45 5.61 -24.03
H42 PGT J . 5.47 4.60 -24.59
H5 PGT J . 5.78 6.06 -22.19
HO5 PGT J . 7.30 6.43 -24.27
H61 PGT J . 6.79 3.90 -22.07
H62 PGT J . 7.71 4.30 -23.26
HO6 PGT J . 8.70 4.72 -21.35
H31 PGT J . 2.95 1.79 -19.99
H32 PGT J . 3.79 2.26 -18.77
H121 PGT J . 4.12 6.14 -20.21
H122 PGT J . 4.87 5.43 -19.06
H131 PGT J . 2.74 6.29 -17.80
H132 PGT J . 2.93 7.43 -18.86
H141 PGT J . 5.28 7.47 -17.99
H142 PGT J . 4.69 6.70 -16.78
H151 PGT J . 3.41 9.10 -17.38
H152 PGT J . 4.83 9.22 -16.79
H161 PGT J . 4.16 8.04 -14.85
H162 PGT J . 2.75 7.80 -15.49
H171 PGT J . 2.17 10.00 -15.22
H172 PGT J . 3.64 10.44 -14.99
H181 PGT J . 3.66 9.57 -12.86
H182 PGT J . 2.34 8.78 -13.10
H191 PGT J . 1.92 10.66 -11.75
H192 PGT J . 1.08 10.73 -13.05
H201 PGT J . 2.51 12.32 -13.98
H202 PGT J . 3.51 12.16 -12.80
H211 PGT J . 0.90 13.06 -12.23
H212 PGT J . 1.93 14.09 -12.76
H221 PGT J . 3.31 13.66 -10.87
H222 PGT J . 2.29 12.63 -10.36
H231 PGT J . 0.67 14.41 -10.16
H232 PGT J . 1.80 15.41 -10.52
H241 PGT J . 2.99 14.68 -8.55
H242 PGT J . 1.73 13.86 -8.16
H251 PGT J . 1.21 16.55 -8.58
H252 PGT J . 2.12 16.28 -7.36
H261 PGT J . -0.15 16.33 -6.67
H262 PGT J . 0.44 14.90 -6.38
H263 PGT J . -0.48 15.13 -7.63
#